data_1BH8
# 
_entry.id   1BH8 
# 
_audit_conform.dict_name       mmcif_pdbx.dic 
_audit_conform.dict_version    5.385 
_audit_conform.dict_location   http://mmcif.pdb.org/dictionaries/ascii/mmcif_pdbx.dic 
# 
loop_
_database_2.database_id 
_database_2.database_code 
_database_2.pdbx_database_accession 
_database_2.pdbx_DOI 
PDB   1BH8         pdb_00001bh8 10.2210/pdb1bh8/pdb 
WWPDB D_1000171754 ?            ?                   
# 
loop_
_pdbx_audit_revision_history.ordinal 
_pdbx_audit_revision_history.data_content_type 
_pdbx_audit_revision_history.major_revision 
_pdbx_audit_revision_history.minor_revision 
_pdbx_audit_revision_history.revision_date 
1 'Structure model' 1 0 1999-06-22 
2 'Structure model' 1 1 2008-03-24 
3 'Structure model' 1 2 2011-07-13 
4 'Structure model' 1 3 2018-04-04 
5 'Structure model' 1 4 2018-04-11 
6 'Structure model' 1 5 2024-02-07 
# 
_pdbx_audit_revision_details.ordinal             1 
_pdbx_audit_revision_details.revision_ordinal    1 
_pdbx_audit_revision_details.data_content_type   'Structure model' 
_pdbx_audit_revision_details.provider            repository 
_pdbx_audit_revision_details.type                'Initial release' 
_pdbx_audit_revision_details.description         ? 
_pdbx_audit_revision_details.details             ? 
# 
loop_
_pdbx_audit_revision_group.ordinal 
_pdbx_audit_revision_group.revision_ordinal 
_pdbx_audit_revision_group.data_content_type 
_pdbx_audit_revision_group.group 
1 2 'Structure model' 'Version format compliance' 
2 3 'Structure model' 'Version format compliance' 
3 4 'Structure model' 'Data collection'           
4 5 'Structure model' 'Data collection'           
5 6 'Structure model' 'Data collection'           
6 6 'Structure model' 'Database references'       
# 
loop_
_pdbx_audit_revision_category.ordinal 
_pdbx_audit_revision_category.revision_ordinal 
_pdbx_audit_revision_category.data_content_type 
_pdbx_audit_revision_category.category 
1 4 'Structure model' diffrn_source  
2 5 'Structure model' diffrn_source  
3 6 'Structure model' chem_comp_atom 
4 6 'Structure model' chem_comp_bond 
5 6 'Structure model' database_2     
# 
loop_
_pdbx_audit_revision_item.ordinal 
_pdbx_audit_revision_item.revision_ordinal 
_pdbx_audit_revision_item.data_content_type 
_pdbx_audit_revision_item.item 
1 4 'Structure model' '_diffrn_source.type'                      
2 5 'Structure model' '_diffrn_source.pdbx_synchrotron_beamline' 
3 6 'Structure model' '_database_2.pdbx_DOI'                     
4 6 'Structure model' '_database_2.pdbx_database_accession'      
# 
_pdbx_database_status.status_code                     REL 
_pdbx_database_status.entry_id                        1BH8 
_pdbx_database_status.recvd_initial_deposition_date   1998-06-16 
_pdbx_database_status.deposit_site                    ? 
_pdbx_database_status.process_site                    BNL 
_pdbx_database_status.SG_entry                        . 
_pdbx_database_status.pdb_format_compatible           Y 
_pdbx_database_status.status_code_mr                  ? 
_pdbx_database_status.status_code_sf                  ? 
_pdbx_database_status.status_code_cs                  ? 
_pdbx_database_status.methods_development_category    ? 
_pdbx_database_status.status_code_nmr_data            ? 
# 
loop_
_audit_author.name 
_audit_author.pdbx_ordinal 
'Birck, C.'      1 
'Poch, O.'       2 
'Romier, C.'     3 
'Ruff, M.'       4 
'Mengus, G.'     5 
'Lavigne, A.-C.' 6 
'Davidson, I.'   7 
'Moras, D.'      8 
# 
_citation.id                        primary 
_citation.title                     
;Human TAF(II)28 and TAF(II)18 interact through a histone fold encoded by atypical evolutionary conserved motifs also found in the SPT3 family.
;
_citation.journal_abbrev            'Cell(Cambridge,Mass.)' 
_citation.journal_volume            94 
_citation.page_first                239 
_citation.page_last                 249 
_citation.year                      1998 
_citation.journal_id_ASTM           CELLB5 
_citation.country                   US 
_citation.journal_id_ISSN           0092-8674 
_citation.journal_id_CSD            0998 
_citation.book_publisher            ? 
_citation.pdbx_database_id_PubMed   9695952 
_citation.pdbx_database_id_DOI      '10.1016/S0092-8674(00)81423-3' 
# 
loop_
_citation_author.citation_id 
_citation_author.name 
_citation_author.ordinal 
_citation_author.identifier_ORCID 
primary 'Birck, C.'     1 ? 
primary 'Poch, O.'      2 ? 
primary 'Romier, C.'    3 ? 
primary 'Ruff, M.'      4 ? 
primary 'Mengus, G.'    5 ? 
primary 'Lavigne, A.C.' 6 ? 
primary 'Davidson, I.'  7 ? 
primary 'Moras, D.'     8 ? 
# 
loop_
_entity.id 
_entity.type 
_entity.src_method 
_entity.pdbx_description 
_entity.formula_weight 
_entity.pdbx_number_of_molecules 
_entity.pdbx_ec 
_entity.pdbx_mutation 
_entity.pdbx_fragment 
_entity.details 
1 polymer man TAFII18 5266.026  1  ? ? 'RESIDUES 31 - 75'   ? 
2 polymer man TAFII28 10121.784 1  ? ? 'RESIDUES 113 - 201' ? 
3 water   nat water   18.015    28 ? ? ?                    ? 
# 
loop_
_entity_name_com.entity_id 
_entity_name_com.name 
1 'TRANSCRIPTION INITIATION FACTOR TFIID 18 KD SUBUNIT' 
2 'TRANSCRIPTION INITIATION FACTOR TFIID 28 KD SUBUNIT' 
# 
loop_
_entity_poly.entity_id 
_entity_poly.type 
_entity_poly.nstd_linkage 
_entity_poly.nstd_monomer 
_entity_poly.pdbx_seq_one_letter_code 
_entity_poly.pdbx_seq_one_letter_code_can 
_entity_poly.pdbx_strand_id 
_entity_poly.pdbx_target_identifier 
1 'polypeptide(L)' no no LFSKELRCMMYGFGDDQNPYTESVDILEDLVIEFITEMTHKAMSI                                                
LFSKELRCMMYGFGDDQNPYTESVDILEDLVIEFITEMTHKAMSI                                                A ? 
2 'polypeptide(L)' no no 
;FSEEQLNRYEMYRRSAFPKAAIKRLIQSITGTSVSQNVVIAMSGISKVFVGEVVEEALDVCEKWGEMPPLQPKHMREAVR
RLKSKGQIP
;
;FSEEQLNRYEMYRRSAFPKAAIKRLIQSITGTSVSQNVVIAMSGISKVFVGEVVEEALDVCEKWGEMPPLQPKHMREAVR
RLKSKGQIP
;
B ? 
# 
_pdbx_entity_nonpoly.entity_id   3 
_pdbx_entity_nonpoly.name        water 
_pdbx_entity_nonpoly.comp_id     HOH 
# 
loop_
_entity_poly_seq.entity_id 
_entity_poly_seq.num 
_entity_poly_seq.mon_id 
_entity_poly_seq.hetero 
1 1  LEU n 
1 2  PHE n 
1 3  SER n 
1 4  LYS n 
1 5  GLU n 
1 6  LEU n 
1 7  ARG n 
1 8  CYS n 
1 9  MET n 
1 10 MET n 
1 11 TYR n 
1 12 GLY n 
1 13 PHE n 
1 14 GLY n 
1 15 ASP n 
1 16 ASP n 
1 17 GLN n 
1 18 ASN n 
1 19 PRO n 
1 20 TYR n 
1 21 THR n 
1 22 GLU n 
1 23 SER n 
1 24 VAL n 
1 25 ASP n 
1 26 ILE n 
1 27 LEU n 
1 28 GLU n 
1 29 ASP n 
1 30 LEU n 
1 31 VAL n 
1 32 ILE n 
1 33 GLU n 
1 34 PHE n 
1 35 ILE n 
1 36 THR n 
1 37 GLU n 
1 38 MET n 
1 39 THR n 
1 40 HIS n 
1 41 LYS n 
1 42 ALA n 
1 43 MET n 
1 44 SER n 
1 45 ILE n 
2 1  PHE n 
2 2  SER n 
2 3  GLU n 
2 4  GLU n 
2 5  GLN n 
2 6  LEU n 
2 7  ASN n 
2 8  ARG n 
2 9  TYR n 
2 10 GLU n 
2 11 MET n 
2 12 TYR n 
2 13 ARG n 
2 14 ARG n 
2 15 SER n 
2 16 ALA n 
2 17 PHE n 
2 18 PRO n 
2 19 LYS n 
2 20 ALA n 
2 21 ALA n 
2 22 ILE n 
2 23 LYS n 
2 24 ARG n 
2 25 LEU n 
2 26 ILE n 
2 27 GLN n 
2 28 SER n 
2 29 ILE n 
2 30 THR n 
2 31 GLY n 
2 32 THR n 
2 33 SER n 
2 34 VAL n 
2 35 SER n 
2 36 GLN n 
2 37 ASN n 
2 38 VAL n 
2 39 VAL n 
2 40 ILE n 
2 41 ALA n 
2 42 MET n 
2 43 SER n 
2 44 GLY n 
2 45 ILE n 
2 46 SER n 
2 47 LYS n 
2 48 VAL n 
2 49 PHE n 
2 50 VAL n 
2 51 GLY n 
2 52 GLU n 
2 53 VAL n 
2 54 VAL n 
2 55 GLU n 
2 56 GLU n 
2 57 ALA n 
2 58 LEU n 
2 59 ASP n 
2 60 VAL n 
2 61 CYS n 
2 62 GLU n 
2 63 LYS n 
2 64 TRP n 
2 65 GLY n 
2 66 GLU n 
2 67 MET n 
2 68 PRO n 
2 69 PRO n 
2 70 LEU n 
2 71 GLN n 
2 72 PRO n 
2 73 LYS n 
2 74 HIS n 
2 75 MET n 
2 76 ARG n 
2 77 GLU n 
2 78 ALA n 
2 79 VAL n 
2 80 ARG n 
2 81 ARG n 
2 82 LEU n 
2 83 LYS n 
2 84 SER n 
2 85 LYS n 
2 86 GLY n 
2 87 GLN n 
2 88 ILE n 
2 89 PRO n 
# 
loop_
_entity_src_gen.entity_id 
_entity_src_gen.pdbx_src_id 
_entity_src_gen.pdbx_alt_source_flag 
_entity_src_gen.pdbx_seq_type 
_entity_src_gen.pdbx_beg_seq_num 
_entity_src_gen.pdbx_end_seq_num 
_entity_src_gen.gene_src_common_name 
_entity_src_gen.gene_src_genus 
_entity_src_gen.pdbx_gene_src_gene 
_entity_src_gen.gene_src_species 
_entity_src_gen.gene_src_strain 
_entity_src_gen.gene_src_tissue 
_entity_src_gen.gene_src_tissue_fraction 
_entity_src_gen.gene_src_details 
_entity_src_gen.pdbx_gene_src_fragment 
_entity_src_gen.pdbx_gene_src_scientific_name 
_entity_src_gen.pdbx_gene_src_ncbi_taxonomy_id 
_entity_src_gen.pdbx_gene_src_variant 
_entity_src_gen.pdbx_gene_src_cell_line 
_entity_src_gen.pdbx_gene_src_atcc 
_entity_src_gen.pdbx_gene_src_organ 
_entity_src_gen.pdbx_gene_src_organelle 
_entity_src_gen.pdbx_gene_src_cell 
_entity_src_gen.pdbx_gene_src_cellular_location 
_entity_src_gen.host_org_common_name 
_entity_src_gen.pdbx_host_org_scientific_name 
_entity_src_gen.pdbx_host_org_ncbi_taxonomy_id 
_entity_src_gen.host_org_genus 
_entity_src_gen.pdbx_host_org_gene 
_entity_src_gen.pdbx_host_org_organ 
_entity_src_gen.host_org_species 
_entity_src_gen.pdbx_host_org_tissue 
_entity_src_gen.pdbx_host_org_tissue_fraction 
_entity_src_gen.pdbx_host_org_strain 
_entity_src_gen.pdbx_host_org_variant 
_entity_src_gen.pdbx_host_org_cell_line 
_entity_src_gen.pdbx_host_org_atcc 
_entity_src_gen.pdbx_host_org_culture_collection 
_entity_src_gen.pdbx_host_org_cell 
_entity_src_gen.pdbx_host_org_organelle 
_entity_src_gen.pdbx_host_org_cellular_location 
_entity_src_gen.pdbx_host_org_vector_type 
_entity_src_gen.pdbx_host_org_vector 
_entity_src_gen.host_org_details 
_entity_src_gen.expression_system_id 
_entity_src_gen.plasmid_name 
_entity_src_gen.plasmid_details 
_entity_src_gen.pdbx_description 
1 1 sample ? ? ? human Homo ? ? ? ? ? ? ? 'Homo sapiens' 9606 ? ? ? ? ? HELA NUCLEUS ? 'Escherichia coli BL21(DE3)' 469008 
Escherichia ? ? 'Escherichia coli' ? ? 'BL21 (DE3)' ? ? ? ? ? ? ? ? ? ? ? PET15B ? ? 
2 1 sample ? ? ? human Homo ? ? ? ? ? ? ? 'Homo sapiens' 9606 ? ? ? ? ? HELA NUCLEUS ? 'Escherichia coli BL21(DE3)' 469008 
Escherichia ? ? 'Escherichia coli' ? ? 'BL21 (DE3)' ? ? ? ? ? ? ? ? ? ? ? PET15B ? ? 
# 
loop_
_chem_comp.id 
_chem_comp.type 
_chem_comp.mon_nstd_flag 
_chem_comp.name 
_chem_comp.pdbx_synonyms 
_chem_comp.formula 
_chem_comp.formula_weight 
ALA 'L-peptide linking' y ALANINE         ? 'C3 H7 N O2'     89.093  
ARG 'L-peptide linking' y ARGININE        ? 'C6 H15 N4 O2 1' 175.209 
ASN 'L-peptide linking' y ASPARAGINE      ? 'C4 H8 N2 O3'    132.118 
ASP 'L-peptide linking' y 'ASPARTIC ACID' ? 'C4 H7 N O4'     133.103 
CYS 'L-peptide linking' y CYSTEINE        ? 'C3 H7 N O2 S'   121.158 
GLN 'L-peptide linking' y GLUTAMINE       ? 'C5 H10 N2 O3'   146.144 
GLU 'L-peptide linking' y 'GLUTAMIC ACID' ? 'C5 H9 N O4'     147.129 
GLY 'peptide linking'   y GLYCINE         ? 'C2 H5 N O2'     75.067  
HIS 'L-peptide linking' y HISTIDINE       ? 'C6 H10 N3 O2 1' 156.162 
HOH non-polymer         . WATER           ? 'H2 O'           18.015  
ILE 'L-peptide linking' y ISOLEUCINE      ? 'C6 H13 N O2'    131.173 
LEU 'L-peptide linking' y LEUCINE         ? 'C6 H13 N O2'    131.173 
LYS 'L-peptide linking' y LYSINE          ? 'C6 H15 N2 O2 1' 147.195 
MET 'L-peptide linking' y METHIONINE      ? 'C5 H11 N O2 S'  149.211 
PHE 'L-peptide linking' y PHENYLALANINE   ? 'C9 H11 N O2'    165.189 
PRO 'L-peptide linking' y PROLINE         ? 'C5 H9 N O2'     115.130 
SER 'L-peptide linking' y SERINE          ? 'C3 H7 N O3'     105.093 
THR 'L-peptide linking' y THREONINE       ? 'C4 H9 N O3'     119.119 
TRP 'L-peptide linking' y TRYPTOPHAN      ? 'C11 H12 N2 O2'  204.225 
TYR 'L-peptide linking' y TYROSINE        ? 'C9 H11 N O3'    181.189 
VAL 'L-peptide linking' y VALINE          ? 'C5 H11 N O2'    117.146 
# 
loop_
_pdbx_poly_seq_scheme.asym_id 
_pdbx_poly_seq_scheme.entity_id 
_pdbx_poly_seq_scheme.seq_id 
_pdbx_poly_seq_scheme.mon_id 
_pdbx_poly_seq_scheme.ndb_seq_num 
_pdbx_poly_seq_scheme.pdb_seq_num 
_pdbx_poly_seq_scheme.auth_seq_num 
_pdbx_poly_seq_scheme.pdb_mon_id 
_pdbx_poly_seq_scheme.auth_mon_id 
_pdbx_poly_seq_scheme.pdb_strand_id 
_pdbx_poly_seq_scheme.pdb_ins_code 
_pdbx_poly_seq_scheme.hetero 
A 1 1  LEU 1  31  31  LEU LEU A . n 
A 1 2  PHE 2  32  32  PHE PHE A . n 
A 1 3  SER 3  33  33  SER SER A . n 
A 1 4  LYS 4  34  34  LYS LYS A . n 
A 1 5  GLU 5  35  35  GLU GLU A . n 
A 1 6  LEU 6  36  36  LEU LEU A . n 
A 1 7  ARG 7  37  37  ARG ARG A . n 
A 1 8  CYS 8  38  38  CYS CYS A . n 
A 1 9  MET 9  39  39  MET MET A . n 
A 1 10 MET 10 40  40  MET MET A . n 
A 1 11 TYR 11 41  41  TYR TYR A . n 
A 1 12 GLY 12 42  42  GLY GLY A . n 
A 1 13 PHE 13 43  43  PHE PHE A . n 
A 1 14 GLY 14 44  44  GLY GLY A . n 
A 1 15 ASP 15 45  45  ASP ASP A . n 
A 1 16 ASP 16 46  46  ASP ASP A . n 
A 1 17 GLN 17 47  47  GLN GLN A . n 
A 1 18 ASN 18 48  48  ASN ASN A . n 
A 1 19 PRO 19 49  49  PRO PRO A . n 
A 1 20 TYR 20 50  50  TYR TYR A . n 
A 1 21 THR 21 51  51  THR THR A . n 
A 1 22 GLU 22 52  52  GLU GLU A . n 
A 1 23 SER 23 53  53  SER SER A . n 
A 1 24 VAL 24 54  54  VAL VAL A . n 
A 1 25 ASP 25 55  55  ASP ASP A . n 
A 1 26 ILE 26 56  56  ILE ILE A . n 
A 1 27 LEU 27 57  57  LEU LEU A . n 
A 1 28 GLU 28 58  58  GLU GLU A . n 
A 1 29 ASP 29 59  59  ASP ASP A . n 
A 1 30 LEU 30 60  60  LEU LEU A . n 
A 1 31 VAL 31 61  61  VAL VAL A . n 
A 1 32 ILE 32 62  62  ILE ILE A . n 
A 1 33 GLU 33 63  63  GLU GLU A . n 
A 1 34 PHE 34 64  64  PHE PHE A . n 
A 1 35 ILE 35 65  65  ILE ILE A . n 
A 1 36 THR 36 66  66  THR THR A . n 
A 1 37 GLU 37 67  67  GLU GLU A . n 
A 1 38 MET 38 68  68  MET MET A . n 
A 1 39 THR 39 69  69  THR THR A . n 
A 1 40 HIS 40 70  70  HIS HIS A . n 
A 1 41 LYS 41 71  71  LYS LYS A . n 
A 1 42 ALA 42 72  72  ALA ALA A . n 
A 1 43 MET 43 73  73  MET MET A . n 
A 1 44 SER 44 74  74  SER SER A . n 
A 1 45 ILE 45 75  75  ILE ILE A . n 
B 2 1  PHE 1  113 113 PHE PHE B . n 
B 2 2  SER 2  114 114 SER SER B . n 
B 2 3  GLU 3  115 115 GLU GLU B . n 
B 2 4  GLU 4  116 116 GLU GLU B . n 
B 2 5  GLN 5  117 117 GLN GLN B . n 
B 2 6  LEU 6  118 118 LEU LEU B . n 
B 2 7  ASN 7  119 119 ASN ASN B . n 
B 2 8  ARG 8  120 120 ARG ARG B . n 
B 2 9  TYR 9  121 121 TYR TYR B . n 
B 2 10 GLU 10 122 122 GLU GLU B . n 
B 2 11 MET 11 123 123 MET MET B . n 
B 2 12 TYR 12 124 124 TYR TYR B . n 
B 2 13 ARG 13 125 125 ARG ARG B . n 
B 2 14 ARG 14 126 126 ARG ARG B . n 
B 2 15 SER 15 127 127 SER SER B . n 
B 2 16 ALA 16 128 128 ALA ALA B . n 
B 2 17 PHE 17 129 129 PHE PHE B . n 
B 2 18 PRO 18 130 130 PRO PRO B . n 
B 2 19 LYS 19 131 131 LYS LYS B . n 
B 2 20 ALA 20 132 132 ALA ALA B . n 
B 2 21 ALA 21 133 133 ALA ALA B . n 
B 2 22 ILE 22 134 134 ILE ILE B . n 
B 2 23 LYS 23 135 135 LYS LYS B . n 
B 2 24 ARG 24 136 136 ARG ARG B . n 
B 2 25 LEU 25 137 137 LEU LEU B . n 
B 2 26 ILE 26 138 138 ILE ILE B . n 
B 2 27 GLN 27 139 139 GLN GLN B . n 
B 2 28 SER 28 140 140 SER SER B . n 
B 2 29 ILE 29 141 141 ILE ILE B . n 
B 2 30 THR 30 142 142 THR THR B . n 
B 2 31 GLY 31 143 143 GLY GLY B . n 
B 2 32 THR 32 144 144 THR THR B . n 
B 2 33 SER 33 145 145 SER SER B . n 
B 2 34 VAL 34 146 146 VAL VAL B . n 
B 2 35 SER 35 147 147 SER SER B . n 
B 2 36 GLN 36 148 148 GLN GLN B . n 
B 2 37 ASN 37 149 149 ASN ASN B . n 
B 2 38 VAL 38 150 150 VAL VAL B . n 
B 2 39 VAL 39 151 151 VAL VAL B . n 
B 2 40 ILE 40 152 152 ILE ILE B . n 
B 2 41 ALA 41 153 153 ALA ALA B . n 
B 2 42 MET 42 154 154 MET MET B . n 
B 2 43 SER 43 155 155 SER SER B . n 
B 2 44 GLY 44 156 156 GLY GLY B . n 
B 2 45 ILE 45 157 157 ILE ILE B . n 
B 2 46 SER 46 158 158 SER SER B . n 
B 2 47 LYS 47 159 159 LYS LYS B . n 
B 2 48 VAL 48 160 160 VAL VAL B . n 
B 2 49 PHE 49 161 161 PHE PHE B . n 
B 2 50 VAL 50 162 162 VAL VAL B . n 
B 2 51 GLY 51 163 163 GLY GLY B . n 
B 2 52 GLU 52 164 164 GLU GLU B . n 
B 2 53 VAL 53 165 165 VAL VAL B . n 
B 2 54 VAL 54 166 166 VAL VAL B . n 
B 2 55 GLU 55 167 167 GLU GLU B . n 
B 2 56 GLU 56 168 168 GLU GLU B . n 
B 2 57 ALA 57 169 169 ALA ALA B . n 
B 2 58 LEU 58 170 170 LEU LEU B . n 
B 2 59 ASP 59 171 171 ASP ASP B . n 
B 2 60 VAL 60 172 172 VAL VAL B . n 
B 2 61 CYS 61 173 173 CYS CYS B . n 
B 2 62 GLU 62 174 174 GLU GLU B . n 
B 2 63 LYS 63 175 175 LYS LYS B . n 
B 2 64 TRP 64 176 176 TRP TRP B . n 
B 2 65 GLY 65 177 177 GLY GLY B . n 
B 2 66 GLU 66 178 178 GLU GLU B . n 
B 2 67 MET 67 179 179 MET MET B . n 
B 2 68 PRO 68 180 180 PRO PRO B . n 
B 2 69 PRO 69 181 181 PRO PRO B . n 
B 2 70 LEU 70 182 182 LEU LEU B . n 
B 2 71 GLN 71 183 183 GLN GLN B . n 
B 2 72 PRO 72 184 184 PRO PRO B . n 
B 2 73 LYS 73 185 185 LYS LYS B . n 
B 2 74 HIS 74 186 186 HIS HIS B . n 
B 2 75 MET 75 187 187 MET MET B . n 
B 2 76 ARG 76 188 188 ARG ARG B . n 
B 2 77 GLU 77 189 189 GLU GLU B . n 
B 2 78 ALA 78 190 190 ALA ALA B . n 
B 2 79 VAL 79 191 191 VAL VAL B . n 
B 2 80 ARG 80 192 192 ARG ARG B . n 
B 2 81 ARG 81 193 193 ARG ARG B . n 
B 2 82 LEU 82 194 194 LEU LEU B . n 
B 2 83 LYS 83 195 195 LYS LYS B . n 
B 2 84 SER 84 196 196 SER SER B . n 
B 2 85 LYS 85 197 197 LYS LYS B . n 
B 2 86 GLY 86 198 198 GLY GLY B . n 
B 2 87 GLN 87 199 199 GLN GLN B . n 
B 2 88 ILE 88 200 200 ILE ILE B . n 
B 2 89 PRO 89 201 201 PRO PRO B . n 
# 
loop_
_pdbx_nonpoly_scheme.asym_id 
_pdbx_nonpoly_scheme.entity_id 
_pdbx_nonpoly_scheme.mon_id 
_pdbx_nonpoly_scheme.ndb_seq_num 
_pdbx_nonpoly_scheme.pdb_seq_num 
_pdbx_nonpoly_scheme.auth_seq_num 
_pdbx_nonpoly_scheme.pdb_mon_id 
_pdbx_nonpoly_scheme.auth_mon_id 
_pdbx_nonpoly_scheme.pdb_strand_id 
_pdbx_nonpoly_scheme.pdb_ins_code 
C 3 HOH 1  300 300 HOH HOH A . 
C 3 HOH 2  301 301 HOH HOH A . 
C 3 HOH 3  306 306 HOH HOH A . 
C 3 HOH 4  309 309 HOH HOH A . 
C 3 HOH 5  325 325 HOH HOH A . 
C 3 HOH 6  326 326 HOH HOH A . 
C 3 HOH 7  327 327 HOH HOH A . 
D 3 HOH 1  302 302 HOH HOH B . 
D 3 HOH 2  303 303 HOH HOH B . 
D 3 HOH 3  304 304 HOH HOH B . 
D 3 HOH 4  305 305 HOH HOH B . 
D 3 HOH 5  307 307 HOH HOH B . 
D 3 HOH 6  308 308 HOH HOH B . 
D 3 HOH 7  310 310 HOH HOH B . 
D 3 HOH 8  311 311 HOH HOH B . 
D 3 HOH 9  312 312 HOH HOH B . 
D 3 HOH 10 313 313 HOH HOH B . 
D 3 HOH 11 314 314 HOH HOH B . 
D 3 HOH 12 315 315 HOH HOH B . 
D 3 HOH 13 316 316 HOH HOH B . 
D 3 HOH 14 317 317 HOH HOH B . 
D 3 HOH 15 318 318 HOH HOH B . 
D 3 HOH 16 319 319 HOH HOH B . 
D 3 HOH 17 320 320 HOH HOH B . 
D 3 HOH 18 321 321 HOH HOH B . 
D 3 HOH 19 322 322 HOH HOH B . 
D 3 HOH 20 323 323 HOH HOH B . 
D 3 HOH 21 324 324 HOH HOH B . 
# 
loop_
_software.name 
_software.classification 
_software.version 
_software.citation_id 
_software.pdbx_ordinal 
SHARP  phasing          .   ? 1 
CNS    refinement       0.1 ? 2 
XDS    'data reduction' .   ? 3 
XSCALE 'data scaling'   .   ? 4 
# 
_cell.entry_id           1BH8 
_cell.length_a           45.400 
_cell.length_b           48.400 
_cell.length_c           77.600 
_cell.angle_alpha        90.00 
_cell.angle_beta         90.00 
_cell.angle_gamma        90.00 
_cell.Z_PDB              4 
_cell.pdbx_unique_axis   ? 
# 
_symmetry.entry_id                         1BH8 
_symmetry.space_group_name_H-M             'P 21 21 21' 
_symmetry.pdbx_full_space_group_name_H-M   ? 
_symmetry.cell_setting                     ? 
_symmetry.Int_Tables_number                19 
# 
_exptl.entry_id          1BH8 
_exptl.method            'X-RAY DIFFRACTION' 
_exptl.crystals_number   1 
# 
_exptl_crystal.id                    1 
_exptl_crystal.density_meas          ? 
_exptl_crystal.density_Matthews      2.7 
_exptl_crystal.density_percent_sol   54 
_exptl_crystal.description           ? 
# 
_exptl_crystal_grow.crystal_id      1 
_exptl_crystal_grow.method          ? 
_exptl_crystal_grow.temp            ? 
_exptl_crystal_grow.temp_details    ? 
_exptl_crystal_grow.pH              7.5 
_exptl_crystal_grow.pdbx_pH_range   ? 
_exptl_crystal_grow.pdbx_details    'pH 7.5' 
# 
_diffrn.id                     1 
_diffrn.ambient_temp           100 
_diffrn.ambient_temp_details   ? 
_diffrn.crystal_id             1 
# 
_diffrn_detector.diffrn_id              1 
_diffrn_detector.detector               CCD 
_diffrn_detector.type                   ? 
_diffrn_detector.pdbx_collection_date   1998-01 
_diffrn_detector.details                ? 
# 
_diffrn_radiation.diffrn_id                        1 
_diffrn_radiation.wavelength_id                    1 
_diffrn_radiation.pdbx_monochromatic_or_laue_m_l   M 
_diffrn_radiation.monochromator                    ? 
_diffrn_radiation.pdbx_diffrn_protocol             ? 
_diffrn_radiation.pdbx_scattering_type             x-ray 
# 
_diffrn_radiation_wavelength.id           1 
_diffrn_radiation_wavelength.wavelength   0.9798 
_diffrn_radiation_wavelength.wt           1.0 
# 
_diffrn_source.diffrn_id                   1 
_diffrn_source.source                      SYNCHROTRON 
_diffrn_source.type                        'ESRF BEAMLINE BM02' 
_diffrn_source.pdbx_synchrotron_site       ESRF 
_diffrn_source.pdbx_synchrotron_beamline   BM02 
_diffrn_source.pdbx_wavelength             0.9798 
_diffrn_source.pdbx_wavelength_list        ? 
# 
_reflns.entry_id                     1BH8 
_reflns.observed_criterion_sigma_I   0 
_reflns.observed_criterion_sigma_F   ? 
_reflns.d_resolution_low             20. 
_reflns.d_resolution_high            2.9 
_reflns.number_obs                   3376 
_reflns.number_all                   ? 
_reflns.percent_possible_obs         82.0 
_reflns.pdbx_Rmerge_I_obs            ? 
_reflns.pdbx_Rsym_value              0.0390000 
_reflns.pdbx_netI_over_sigmaI        21.6 
_reflns.B_iso_Wilson_estimate        50. 
_reflns.pdbx_redundancy              2.8 
_reflns.pdbx_diffrn_id               1 
_reflns.pdbx_ordinal                 1 
# 
_reflns_shell.d_res_high             2.9 
_reflns_shell.d_res_low              3.0 
_reflns_shell.percent_possible_all   78.1 
_reflns_shell.Rmerge_I_obs           ? 
_reflns_shell.pdbx_Rsym_value        0.1150000 
_reflns_shell.meanI_over_sigI_obs    12.8 
_reflns_shell.pdbx_redundancy        2.8 
_reflns_shell.pdbx_diffrn_id         ? 
_reflns_shell.pdbx_ordinal           1 
# 
_refine.entry_id                                 1BH8 
_refine.ls_number_reflns_obs                     2924 
_refine.ls_number_reflns_all                     ? 
_refine.pdbx_ls_sigma_I                          ? 
_refine.pdbx_ls_sigma_F                          2. 
_refine.pdbx_data_cutoff_high_absF               ? 
_refine.pdbx_data_cutoff_low_absF                ? 
_refine.pdbx_data_cutoff_high_rms_absF           ? 
_refine.ls_d_res_low                             8.0 
_refine.ls_d_res_high                            3.0 
_refine.ls_percent_reflns_obs                    84.0 
_refine.ls_R_factor_obs                          0.1990000 
_refine.ls_R_factor_all                          ? 
_refine.ls_R_factor_R_work                       0.1990000 
_refine.ls_R_factor_R_free                       0.2820000 
_refine.ls_R_factor_R_free_error                 ? 
_refine.ls_R_factor_R_free_error_details         ? 
_refine.ls_percent_reflns_R_free                 10. 
_refine.ls_number_reflns_R_free                  287 
_refine.ls_number_parameters                     ? 
_refine.ls_number_restraints                     ? 
_refine.occupancy_min                            ? 
_refine.occupancy_max                            ? 
_refine.B_iso_mean                               41.2 
_refine.aniso_B[1][1]                            ? 
_refine.aniso_B[2][2]                            ? 
_refine.aniso_B[3][3]                            ? 
_refine.aniso_B[1][2]                            ? 
_refine.aniso_B[1][3]                            ? 
_refine.aniso_B[2][3]                            ? 
_refine.solvent_model_details                    ? 
_refine.solvent_model_param_ksol                 ? 
_refine.solvent_model_param_bsol                 ? 
_refine.pdbx_ls_cross_valid_method               THROUGHOUT 
_refine.details                                  ? 
_refine.pdbx_starting_model                      ? 
_refine.pdbx_method_to_determine_struct          MIR 
_refine.pdbx_isotropic_thermal_model             RESTRAINED 
_refine.pdbx_stereochemistry_target_values       ? 
_refine.pdbx_stereochem_target_val_spec_case     ? 
_refine.pdbx_R_Free_selection_details            RANDOM 
_refine.pdbx_overall_ESU_R                       ? 
_refine.pdbx_overall_ESU_R_Free                  ? 
_refine.overall_SU_ML                            ? 
_refine.overall_SU_B                             ? 
_refine.pdbx_refine_id                           'X-RAY DIFFRACTION' 
_refine.pdbx_diffrn_id                           1 
_refine.pdbx_TLS_residual_ADP_flag               ? 
_refine.correlation_coeff_Fo_to_Fc               ? 
_refine.correlation_coeff_Fo_to_Fc_free          ? 
_refine.pdbx_solvent_vdw_probe_radii             ? 
_refine.pdbx_solvent_ion_probe_radii             ? 
_refine.pdbx_solvent_shrinkage_radii             ? 
_refine.pdbx_overall_phase_error                 ? 
_refine.overall_SU_R_Cruickshank_DPI             ? 
_refine.pdbx_overall_SU_R_free_Cruickshank_DPI   ? 
_refine.pdbx_overall_SU_R_Blow_DPI               ? 
_refine.pdbx_overall_SU_R_free_Blow_DPI          ? 
# 
_refine_hist.pdbx_refine_id                   'X-RAY DIFFRACTION' 
_refine_hist.cycle_id                         LAST 
_refine_hist.pdbx_number_atoms_protein        1074 
_refine_hist.pdbx_number_atoms_nucleic_acid   0 
_refine_hist.pdbx_number_atoms_ligand         0 
_refine_hist.number_atoms_solvent             28 
_refine_hist.number_atoms_total               1102 
_refine_hist.d_res_high                       3.0 
_refine_hist.d_res_low                        8.0 
# 
loop_
_refine_ls_restr.type 
_refine_ls_restr.dev_ideal 
_refine_ls_restr.dev_ideal_target 
_refine_ls_restr.weight 
_refine_ls_restr.number 
_refine_ls_restr.pdbx_refine_id 
_refine_ls_restr.pdbx_restraint_function 
c_bond_d                0.007 ?   ? ? 'X-RAY DIFFRACTION' ? 
c_bond_d_na             ?     ?   ? ? 'X-RAY DIFFRACTION' ? 
c_bond_d_prot           ?     ?   ? ? 'X-RAY DIFFRACTION' ? 
c_angle_d               ?     ?   ? ? 'X-RAY DIFFRACTION' ? 
c_angle_d_na            ?     ?   ? ? 'X-RAY DIFFRACTION' ? 
c_angle_d_prot          ?     ?   ? ? 'X-RAY DIFFRACTION' ? 
c_angle_deg             1.45  ?   ? ? 'X-RAY DIFFRACTION' ? 
c_angle_deg_na          ?     ?   ? ? 'X-RAY DIFFRACTION' ? 
c_angle_deg_prot        ?     ?   ? ? 'X-RAY DIFFRACTION' ? 
c_dihedral_angle_d      ?     ?   ? ? 'X-RAY DIFFRACTION' ? 
c_dihedral_angle_d_na   ?     ?   ? ? 'X-RAY DIFFRACTION' ? 
c_dihedral_angle_d_prot ?     ?   ? ? 'X-RAY DIFFRACTION' ? 
c_improper_angle_d      ?     ?   ? ? 'X-RAY DIFFRACTION' ? 
c_improper_angle_d_na   ?     ?   ? ? 'X-RAY DIFFRACTION' ? 
c_improper_angle_d_prot ?     ?   ? ? 'X-RAY DIFFRACTION' ? 
c_mcbond_it             1.57  1.5 ? ? 'X-RAY DIFFRACTION' ? 
c_mcangle_it            2.53  2.0 ? ? 'X-RAY DIFFRACTION' ? 
c_scbond_it             2.49  2.0 ? ? 'X-RAY DIFFRACTION' ? 
c_scangle_it            3.66  2.5 ? ? 'X-RAY DIFFRACTION' ? 
# 
_refine_ls_shell.pdbx_total_number_of_bins_used   10 
_refine_ls_shell.d_res_high                       3.0 
_refine_ls_shell.d_res_low                        3.1 
_refine_ls_shell.number_reflns_R_work             229 
_refine_ls_shell.R_factor_R_work                  0.2230000 
_refine_ls_shell.percent_reflns_obs               ? 
_refine_ls_shell.R_factor_R_free                  0.3150000 
_refine_ls_shell.R_factor_R_free_error            ? 
_refine_ls_shell.percent_reflns_R_free            10. 
_refine_ls_shell.number_reflns_R_free             28 
_refine_ls_shell.pdbx_refine_id                   'X-RAY DIFFRACTION' 
_refine_ls_shell.number_reflns_all                ? 
_refine_ls_shell.R_factor_all                     ? 
# 
loop_
_pdbx_xplor_file.serial_no 
_pdbx_xplor_file.param_file 
_pdbx_xplor_file.topol_file 
_pdbx_xplor_file.pdbx_refine_id 
1 PROTEIN_REP.PARAM PROTEIN.TOP 'X-RAY DIFFRACTION' 
2 WATER_REP.PARAM   WATER.TOP   'X-RAY DIFFRACTION' 
# 
_struct.entry_id                  1BH8 
_struct.title                     'HTAFII18/HTAFII28 HETERODIMER CRYSTAL STRUCTURE' 
_struct.pdbx_model_details        ? 
_struct.pdbx_CASP_flag            ? 
_struct.pdbx_model_type_details   ? 
# 
_struct_keywords.entry_id        1BH8 
_struct_keywords.pdbx_keywords   'TRANSCRIPTION REGULATION COMPLEX' 
_struct_keywords.text            'HTAFII28, HISTONE FOLD, TATA BINDING PROTEIN, TRANSCRIPTION REGULATION COMPLEX' 
# 
loop_
_struct_asym.id 
_struct_asym.pdbx_blank_PDB_chainid_flag 
_struct_asym.pdbx_modified 
_struct_asym.entity_id 
_struct_asym.details 
A N N 1 ? 
B N N 2 ? 
C N N 3 ? 
D N N 3 ? 
# 
loop_
_struct_ref.id 
_struct_ref.db_name 
_struct_ref.db_code 
_struct_ref.entity_id 
_struct_ref.pdbx_db_accession 
_struct_ref.pdbx_align_begin 
_struct_ref.pdbx_seq_one_letter_code 
_struct_ref.pdbx_db_isoform 
1 UNP TAF13_HUMAN 1 Q15543 1 
;MADEEEDPTFEEENEEIGGGAEGGQGKRKRLFSKELRCMMYGFGDDQNPYTESVDILEDLVIEFITEMTHKAMSIGRQGR
VQVEDIVFLIRKDPRKFARVKDLLTMNEELKRARKAFDEANYGS
;
? 
2 UNP TAF11_HUMAN 2 Q15544 1 
;MDDAHESPSDKGGETGESDETAAVPGDPGATDTDGIPEETDGDADVDLKEAAAEEGELESQDVSDLTTVEREDSSLLNPA
AKKLKIDTKEKKEKKQKVDEDEIQKMQILVSSFSEEQLNRYEMYRRSAFPKAAIKRLIQSITGTSVSQNVVIAMSGISKV
FVGEVVEEALDVCEKWGEMPPLQPKHMREAVRRLKSKGQIPNSKHKKIIFF
;
? 
# 
loop_
_struct_ref_seq.align_id 
_struct_ref_seq.ref_id 
_struct_ref_seq.pdbx_PDB_id_code 
_struct_ref_seq.pdbx_strand_id 
_struct_ref_seq.seq_align_beg 
_struct_ref_seq.pdbx_seq_align_beg_ins_code 
_struct_ref_seq.seq_align_end 
_struct_ref_seq.pdbx_seq_align_end_ins_code 
_struct_ref_seq.pdbx_db_accession 
_struct_ref_seq.db_align_beg 
_struct_ref_seq.pdbx_db_align_beg_ins_code 
_struct_ref_seq.db_align_end 
_struct_ref_seq.pdbx_db_align_end_ins_code 
_struct_ref_seq.pdbx_auth_seq_align_beg 
_struct_ref_seq.pdbx_auth_seq_align_end 
1 1 1BH8 A 1 ? 45 ? Q15543 31  ? 75  ? 31  75  
2 2 1BH8 B 1 ? 89 ? Q15544 113 ? 201 ? 113 201 
# 
_pdbx_struct_assembly.id                   1 
_pdbx_struct_assembly.details              author_and_software_defined_assembly 
_pdbx_struct_assembly.method_details       PISA 
_pdbx_struct_assembly.oligomeric_details   dimeric 
_pdbx_struct_assembly.oligomeric_count     2 
# 
loop_
_pdbx_struct_assembly_prop.biol_id 
_pdbx_struct_assembly_prop.type 
_pdbx_struct_assembly_prop.value 
_pdbx_struct_assembly_prop.details 
1 'ABSA (A^2)' 3160 ? 
1 MORE         -39  ? 
1 'SSA (A^2)'  7820 ? 
# 
_pdbx_struct_assembly_gen.assembly_id       1 
_pdbx_struct_assembly_gen.oper_expression   1 
_pdbx_struct_assembly_gen.asym_id_list      A,B,C,D 
# 
_pdbx_struct_oper_list.id                   1 
_pdbx_struct_oper_list.type                 'identity operation' 
_pdbx_struct_oper_list.name                 1_555 
_pdbx_struct_oper_list.symmetry_operation   x,y,z 
_pdbx_struct_oper_list.matrix[1][1]         1.0000000000 
_pdbx_struct_oper_list.matrix[1][2]         0.0000000000 
_pdbx_struct_oper_list.matrix[1][3]         0.0000000000 
_pdbx_struct_oper_list.vector[1]            0.0000000000 
_pdbx_struct_oper_list.matrix[2][1]         0.0000000000 
_pdbx_struct_oper_list.matrix[2][2]         1.0000000000 
_pdbx_struct_oper_list.matrix[2][3]         0.0000000000 
_pdbx_struct_oper_list.vector[2]            0.0000000000 
_pdbx_struct_oper_list.matrix[3][1]         0.0000000000 
_pdbx_struct_oper_list.matrix[3][2]         0.0000000000 
_pdbx_struct_oper_list.matrix[3][3]         1.0000000000 
_pdbx_struct_oper_list.vector[3]            0.0000000000 
# 
_struct_biol.id   1 
# 
loop_
_struct_conf.conf_type_id 
_struct_conf.id 
_struct_conf.pdbx_PDB_helix_id 
_struct_conf.beg_label_comp_id 
_struct_conf.beg_label_asym_id 
_struct_conf.beg_label_seq_id 
_struct_conf.pdbx_beg_PDB_ins_code 
_struct_conf.end_label_comp_id 
_struct_conf.end_label_asym_id 
_struct_conf.end_label_seq_id 
_struct_conf.pdbx_end_PDB_ins_code 
_struct_conf.beg_auth_comp_id 
_struct_conf.beg_auth_asym_id 
_struct_conf.beg_auth_seq_id 
_struct_conf.end_auth_comp_id 
_struct_conf.end_auth_asym_id 
_struct_conf.end_auth_seq_id 
_struct_conf.pdbx_PDB_helix_class 
_struct_conf.details 
_struct_conf.pdbx_PDB_helix_length 
HELX_P HELX_P1 1 ARG A 7  ? TYR A 11 ? ARG A 37  TYR A 41  1 ? 5  
HELX_P HELX_P2 2 THR A 21 ? MET A 43 ? THR A 51  MET A 73  1 ? 23 
HELX_P HELX_P3 3 GLU B 3  ? ARG B 14 ? GLU B 115 ARG B 126 1 ? 12 
HELX_P HELX_P4 4 LYS B 19 ? THR B 30 ? LYS B 131 THR B 142 1 ? 12 
HELX_P HELX_P5 5 GLN B 36 ? LYS B 63 ? GLN B 148 LYS B 175 1 ? 28 
HELX_P HELX_P6 6 PRO B 72 ? SER B 84 ? PRO B 184 SER B 196 1 ? 13 
# 
_struct_conf_type.id          HELX_P 
_struct_conf_type.criteria    ? 
_struct_conf_type.reference   ? 
# 
_struct_mon_prot_cis.pdbx_id                1 
_struct_mon_prot_cis.label_comp_id          PRO 
_struct_mon_prot_cis.label_seq_id           68 
_struct_mon_prot_cis.label_asym_id          B 
_struct_mon_prot_cis.label_alt_id           . 
_struct_mon_prot_cis.pdbx_PDB_ins_code      ? 
_struct_mon_prot_cis.auth_comp_id           PRO 
_struct_mon_prot_cis.auth_seq_id            180 
_struct_mon_prot_cis.auth_asym_id           B 
_struct_mon_prot_cis.pdbx_label_comp_id_2   PRO 
_struct_mon_prot_cis.pdbx_label_seq_id_2    69 
_struct_mon_prot_cis.pdbx_label_asym_id_2   B 
_struct_mon_prot_cis.pdbx_PDB_ins_code_2    ? 
_struct_mon_prot_cis.pdbx_auth_comp_id_2    PRO 
_struct_mon_prot_cis.pdbx_auth_seq_id_2     181 
_struct_mon_prot_cis.pdbx_auth_asym_id_2    B 
_struct_mon_prot_cis.pdbx_PDB_model_num     1 
_struct_mon_prot_cis.pdbx_omega_angle       0.79 
# 
loop_
_pdbx_validate_torsion.id 
_pdbx_validate_torsion.PDB_model_num 
_pdbx_validate_torsion.auth_comp_id 
_pdbx_validate_torsion.auth_asym_id 
_pdbx_validate_torsion.auth_seq_id 
_pdbx_validate_torsion.PDB_ins_code 
_pdbx_validate_torsion.label_alt_id 
_pdbx_validate_torsion.phi 
_pdbx_validate_torsion.psi 
1 1 SER A 33  ? ? -37.70  -20.94 
2 1 SER A 74  ? ? -48.35  -12.35 
3 1 TYR B 124 ? ? -57.07  -73.32 
4 1 ILE B 141 ? ? -142.72 -48.27 
5 1 GLU B 178 ? ? -33.87  176.35 
6 1 GLN B 199 ? ? -142.14 -11.84 
# 
loop_
_chem_comp_atom.comp_id 
_chem_comp_atom.atom_id 
_chem_comp_atom.type_symbol 
_chem_comp_atom.pdbx_aromatic_flag 
_chem_comp_atom.pdbx_stereo_config 
_chem_comp_atom.pdbx_ordinal 
ALA N    N N N 1   
ALA CA   C N S 2   
ALA C    C N N 3   
ALA O    O N N 4   
ALA CB   C N N 5   
ALA OXT  O N N 6   
ALA H    H N N 7   
ALA H2   H N N 8   
ALA HA   H N N 9   
ALA HB1  H N N 10  
ALA HB2  H N N 11  
ALA HB3  H N N 12  
ALA HXT  H N N 13  
ARG N    N N N 14  
ARG CA   C N S 15  
ARG C    C N N 16  
ARG O    O N N 17  
ARG CB   C N N 18  
ARG CG   C N N 19  
ARG CD   C N N 20  
ARG NE   N N N 21  
ARG CZ   C N N 22  
ARG NH1  N N N 23  
ARG NH2  N N N 24  
ARG OXT  O N N 25  
ARG H    H N N 26  
ARG H2   H N N 27  
ARG HA   H N N 28  
ARG HB2  H N N 29  
ARG HB3  H N N 30  
ARG HG2  H N N 31  
ARG HG3  H N N 32  
ARG HD2  H N N 33  
ARG HD3  H N N 34  
ARG HE   H N N 35  
ARG HH11 H N N 36  
ARG HH12 H N N 37  
ARG HH21 H N N 38  
ARG HH22 H N N 39  
ARG HXT  H N N 40  
ASN N    N N N 41  
ASN CA   C N S 42  
ASN C    C N N 43  
ASN O    O N N 44  
ASN CB   C N N 45  
ASN CG   C N N 46  
ASN OD1  O N N 47  
ASN ND2  N N N 48  
ASN OXT  O N N 49  
ASN H    H N N 50  
ASN H2   H N N 51  
ASN HA   H N N 52  
ASN HB2  H N N 53  
ASN HB3  H N N 54  
ASN HD21 H N N 55  
ASN HD22 H N N 56  
ASN HXT  H N N 57  
ASP N    N N N 58  
ASP CA   C N S 59  
ASP C    C N N 60  
ASP O    O N N 61  
ASP CB   C N N 62  
ASP CG   C N N 63  
ASP OD1  O N N 64  
ASP OD2  O N N 65  
ASP OXT  O N N 66  
ASP H    H N N 67  
ASP H2   H N N 68  
ASP HA   H N N 69  
ASP HB2  H N N 70  
ASP HB3  H N N 71  
ASP HD2  H N N 72  
ASP HXT  H N N 73  
CYS N    N N N 74  
CYS CA   C N R 75  
CYS C    C N N 76  
CYS O    O N N 77  
CYS CB   C N N 78  
CYS SG   S N N 79  
CYS OXT  O N N 80  
CYS H    H N N 81  
CYS H2   H N N 82  
CYS HA   H N N 83  
CYS HB2  H N N 84  
CYS HB3  H N N 85  
CYS HG   H N N 86  
CYS HXT  H N N 87  
GLN N    N N N 88  
GLN CA   C N S 89  
GLN C    C N N 90  
GLN O    O N N 91  
GLN CB   C N N 92  
GLN CG   C N N 93  
GLN CD   C N N 94  
GLN OE1  O N N 95  
GLN NE2  N N N 96  
GLN OXT  O N N 97  
GLN H    H N N 98  
GLN H2   H N N 99  
GLN HA   H N N 100 
GLN HB2  H N N 101 
GLN HB3  H N N 102 
GLN HG2  H N N 103 
GLN HG3  H N N 104 
GLN HE21 H N N 105 
GLN HE22 H N N 106 
GLN HXT  H N N 107 
GLU N    N N N 108 
GLU CA   C N S 109 
GLU C    C N N 110 
GLU O    O N N 111 
GLU CB   C N N 112 
GLU CG   C N N 113 
GLU CD   C N N 114 
GLU OE1  O N N 115 
GLU OE2  O N N 116 
GLU OXT  O N N 117 
GLU H    H N N 118 
GLU H2   H N N 119 
GLU HA   H N N 120 
GLU HB2  H N N 121 
GLU HB3  H N N 122 
GLU HG2  H N N 123 
GLU HG3  H N N 124 
GLU HE2  H N N 125 
GLU HXT  H N N 126 
GLY N    N N N 127 
GLY CA   C N N 128 
GLY C    C N N 129 
GLY O    O N N 130 
GLY OXT  O N N 131 
GLY H    H N N 132 
GLY H2   H N N 133 
GLY HA2  H N N 134 
GLY HA3  H N N 135 
GLY HXT  H N N 136 
HIS N    N N N 137 
HIS CA   C N S 138 
HIS C    C N N 139 
HIS O    O N N 140 
HIS CB   C N N 141 
HIS CG   C Y N 142 
HIS ND1  N Y N 143 
HIS CD2  C Y N 144 
HIS CE1  C Y N 145 
HIS NE2  N Y N 146 
HIS OXT  O N N 147 
HIS H    H N N 148 
HIS H2   H N N 149 
HIS HA   H N N 150 
HIS HB2  H N N 151 
HIS HB3  H N N 152 
HIS HD1  H N N 153 
HIS HD2  H N N 154 
HIS HE1  H N N 155 
HIS HE2  H N N 156 
HIS HXT  H N N 157 
HOH O    O N N 158 
HOH H1   H N N 159 
HOH H2   H N N 160 
ILE N    N N N 161 
ILE CA   C N S 162 
ILE C    C N N 163 
ILE O    O N N 164 
ILE CB   C N S 165 
ILE CG1  C N N 166 
ILE CG2  C N N 167 
ILE CD1  C N N 168 
ILE OXT  O N N 169 
ILE H    H N N 170 
ILE H2   H N N 171 
ILE HA   H N N 172 
ILE HB   H N N 173 
ILE HG12 H N N 174 
ILE HG13 H N N 175 
ILE HG21 H N N 176 
ILE HG22 H N N 177 
ILE HG23 H N N 178 
ILE HD11 H N N 179 
ILE HD12 H N N 180 
ILE HD13 H N N 181 
ILE HXT  H N N 182 
LEU N    N N N 183 
LEU CA   C N S 184 
LEU C    C N N 185 
LEU O    O N N 186 
LEU CB   C N N 187 
LEU CG   C N N 188 
LEU CD1  C N N 189 
LEU CD2  C N N 190 
LEU OXT  O N N 191 
LEU H    H N N 192 
LEU H2   H N N 193 
LEU HA   H N N 194 
LEU HB2  H N N 195 
LEU HB3  H N N 196 
LEU HG   H N N 197 
LEU HD11 H N N 198 
LEU HD12 H N N 199 
LEU HD13 H N N 200 
LEU HD21 H N N 201 
LEU HD22 H N N 202 
LEU HD23 H N N 203 
LEU HXT  H N N 204 
LYS N    N N N 205 
LYS CA   C N S 206 
LYS C    C N N 207 
LYS O    O N N 208 
LYS CB   C N N 209 
LYS CG   C N N 210 
LYS CD   C N N 211 
LYS CE   C N N 212 
LYS NZ   N N N 213 
LYS OXT  O N N 214 
LYS H    H N N 215 
LYS H2   H N N 216 
LYS HA   H N N 217 
LYS HB2  H N N 218 
LYS HB3  H N N 219 
LYS HG2  H N N 220 
LYS HG3  H N N 221 
LYS HD2  H N N 222 
LYS HD3  H N N 223 
LYS HE2  H N N 224 
LYS HE3  H N N 225 
LYS HZ1  H N N 226 
LYS HZ2  H N N 227 
LYS HZ3  H N N 228 
LYS HXT  H N N 229 
MET N    N N N 230 
MET CA   C N S 231 
MET C    C N N 232 
MET O    O N N 233 
MET CB   C N N 234 
MET CG   C N N 235 
MET SD   S N N 236 
MET CE   C N N 237 
MET OXT  O N N 238 
MET H    H N N 239 
MET H2   H N N 240 
MET HA   H N N 241 
MET HB2  H N N 242 
MET HB3  H N N 243 
MET HG2  H N N 244 
MET HG3  H N N 245 
MET HE1  H N N 246 
MET HE2  H N N 247 
MET HE3  H N N 248 
MET HXT  H N N 249 
PHE N    N N N 250 
PHE CA   C N S 251 
PHE C    C N N 252 
PHE O    O N N 253 
PHE CB   C N N 254 
PHE CG   C Y N 255 
PHE CD1  C Y N 256 
PHE CD2  C Y N 257 
PHE CE1  C Y N 258 
PHE CE2  C Y N 259 
PHE CZ   C Y N 260 
PHE OXT  O N N 261 
PHE H    H N N 262 
PHE H2   H N N 263 
PHE HA   H N N 264 
PHE HB2  H N N 265 
PHE HB3  H N N 266 
PHE HD1  H N N 267 
PHE HD2  H N N 268 
PHE HE1  H N N 269 
PHE HE2  H N N 270 
PHE HZ   H N N 271 
PHE HXT  H N N 272 
PRO N    N N N 273 
PRO CA   C N S 274 
PRO C    C N N 275 
PRO O    O N N 276 
PRO CB   C N N 277 
PRO CG   C N N 278 
PRO CD   C N N 279 
PRO OXT  O N N 280 
PRO H    H N N 281 
PRO HA   H N N 282 
PRO HB2  H N N 283 
PRO HB3  H N N 284 
PRO HG2  H N N 285 
PRO HG3  H N N 286 
PRO HD2  H N N 287 
PRO HD3  H N N 288 
PRO HXT  H N N 289 
SER N    N N N 290 
SER CA   C N S 291 
SER C    C N N 292 
SER O    O N N 293 
SER CB   C N N 294 
SER OG   O N N 295 
SER OXT  O N N 296 
SER H    H N N 297 
SER H2   H N N 298 
SER HA   H N N 299 
SER HB2  H N N 300 
SER HB3  H N N 301 
SER HG   H N N 302 
SER HXT  H N N 303 
THR N    N N N 304 
THR CA   C N S 305 
THR C    C N N 306 
THR O    O N N 307 
THR CB   C N R 308 
THR OG1  O N N 309 
THR CG2  C N N 310 
THR OXT  O N N 311 
THR H    H N N 312 
THR H2   H N N 313 
THR HA   H N N 314 
THR HB   H N N 315 
THR HG1  H N N 316 
THR HG21 H N N 317 
THR HG22 H N N 318 
THR HG23 H N N 319 
THR HXT  H N N 320 
TRP N    N N N 321 
TRP CA   C N S 322 
TRP C    C N N 323 
TRP O    O N N 324 
TRP CB   C N N 325 
TRP CG   C Y N 326 
TRP CD1  C Y N 327 
TRP CD2  C Y N 328 
TRP NE1  N Y N 329 
TRP CE2  C Y N 330 
TRP CE3  C Y N 331 
TRP CZ2  C Y N 332 
TRP CZ3  C Y N 333 
TRP CH2  C Y N 334 
TRP OXT  O N N 335 
TRP H    H N N 336 
TRP H2   H N N 337 
TRP HA   H N N 338 
TRP HB2  H N N 339 
TRP HB3  H N N 340 
TRP HD1  H N N 341 
TRP HE1  H N N 342 
TRP HE3  H N N 343 
TRP HZ2  H N N 344 
TRP HZ3  H N N 345 
TRP HH2  H N N 346 
TRP HXT  H N N 347 
TYR N    N N N 348 
TYR CA   C N S 349 
TYR C    C N N 350 
TYR O    O N N 351 
TYR CB   C N N 352 
TYR CG   C Y N 353 
TYR CD1  C Y N 354 
TYR CD2  C Y N 355 
TYR CE1  C Y N 356 
TYR CE2  C Y N 357 
TYR CZ   C Y N 358 
TYR OH   O N N 359 
TYR OXT  O N N 360 
TYR H    H N N 361 
TYR H2   H N N 362 
TYR HA   H N N 363 
TYR HB2  H N N 364 
TYR HB3  H N N 365 
TYR HD1  H N N 366 
TYR HD2  H N N 367 
TYR HE1  H N N 368 
TYR HE2  H N N 369 
TYR HH   H N N 370 
TYR HXT  H N N 371 
VAL N    N N N 372 
VAL CA   C N S 373 
VAL C    C N N 374 
VAL O    O N N 375 
VAL CB   C N N 376 
VAL CG1  C N N 377 
VAL CG2  C N N 378 
VAL OXT  O N N 379 
VAL H    H N N 380 
VAL H2   H N N 381 
VAL HA   H N N 382 
VAL HB   H N N 383 
VAL HG11 H N N 384 
VAL HG12 H N N 385 
VAL HG13 H N N 386 
VAL HG21 H N N 387 
VAL HG22 H N N 388 
VAL HG23 H N N 389 
VAL HXT  H N N 390 
# 
loop_
_chem_comp_bond.comp_id 
_chem_comp_bond.atom_id_1 
_chem_comp_bond.atom_id_2 
_chem_comp_bond.value_order 
_chem_comp_bond.pdbx_aromatic_flag 
_chem_comp_bond.pdbx_stereo_config 
_chem_comp_bond.pdbx_ordinal 
ALA N   CA   sing N N 1   
ALA N   H    sing N N 2   
ALA N   H2   sing N N 3   
ALA CA  C    sing N N 4   
ALA CA  CB   sing N N 5   
ALA CA  HA   sing N N 6   
ALA C   O    doub N N 7   
ALA C   OXT  sing N N 8   
ALA CB  HB1  sing N N 9   
ALA CB  HB2  sing N N 10  
ALA CB  HB3  sing N N 11  
ALA OXT HXT  sing N N 12  
ARG N   CA   sing N N 13  
ARG N   H    sing N N 14  
ARG N   H2   sing N N 15  
ARG CA  C    sing N N 16  
ARG CA  CB   sing N N 17  
ARG CA  HA   sing N N 18  
ARG C   O    doub N N 19  
ARG C   OXT  sing N N 20  
ARG CB  CG   sing N N 21  
ARG CB  HB2  sing N N 22  
ARG CB  HB3  sing N N 23  
ARG CG  CD   sing N N 24  
ARG CG  HG2  sing N N 25  
ARG CG  HG3  sing N N 26  
ARG CD  NE   sing N N 27  
ARG CD  HD2  sing N N 28  
ARG CD  HD3  sing N N 29  
ARG NE  CZ   sing N N 30  
ARG NE  HE   sing N N 31  
ARG CZ  NH1  sing N N 32  
ARG CZ  NH2  doub N N 33  
ARG NH1 HH11 sing N N 34  
ARG NH1 HH12 sing N N 35  
ARG NH2 HH21 sing N N 36  
ARG NH2 HH22 sing N N 37  
ARG OXT HXT  sing N N 38  
ASN N   CA   sing N N 39  
ASN N   H    sing N N 40  
ASN N   H2   sing N N 41  
ASN CA  C    sing N N 42  
ASN CA  CB   sing N N 43  
ASN CA  HA   sing N N 44  
ASN C   O    doub N N 45  
ASN C   OXT  sing N N 46  
ASN CB  CG   sing N N 47  
ASN CB  HB2  sing N N 48  
ASN CB  HB3  sing N N 49  
ASN CG  OD1  doub N N 50  
ASN CG  ND2  sing N N 51  
ASN ND2 HD21 sing N N 52  
ASN ND2 HD22 sing N N 53  
ASN OXT HXT  sing N N 54  
ASP N   CA   sing N N 55  
ASP N   H    sing N N 56  
ASP N   H2   sing N N 57  
ASP CA  C    sing N N 58  
ASP CA  CB   sing N N 59  
ASP CA  HA   sing N N 60  
ASP C   O    doub N N 61  
ASP C   OXT  sing N N 62  
ASP CB  CG   sing N N 63  
ASP CB  HB2  sing N N 64  
ASP CB  HB3  sing N N 65  
ASP CG  OD1  doub N N 66  
ASP CG  OD2  sing N N 67  
ASP OD2 HD2  sing N N 68  
ASP OXT HXT  sing N N 69  
CYS N   CA   sing N N 70  
CYS N   H    sing N N 71  
CYS N   H2   sing N N 72  
CYS CA  C    sing N N 73  
CYS CA  CB   sing N N 74  
CYS CA  HA   sing N N 75  
CYS C   O    doub N N 76  
CYS C   OXT  sing N N 77  
CYS CB  SG   sing N N 78  
CYS CB  HB2  sing N N 79  
CYS CB  HB3  sing N N 80  
CYS SG  HG   sing N N 81  
CYS OXT HXT  sing N N 82  
GLN N   CA   sing N N 83  
GLN N   H    sing N N 84  
GLN N   H2   sing N N 85  
GLN CA  C    sing N N 86  
GLN CA  CB   sing N N 87  
GLN CA  HA   sing N N 88  
GLN C   O    doub N N 89  
GLN C   OXT  sing N N 90  
GLN CB  CG   sing N N 91  
GLN CB  HB2  sing N N 92  
GLN CB  HB3  sing N N 93  
GLN CG  CD   sing N N 94  
GLN CG  HG2  sing N N 95  
GLN CG  HG3  sing N N 96  
GLN CD  OE1  doub N N 97  
GLN CD  NE2  sing N N 98  
GLN NE2 HE21 sing N N 99  
GLN NE2 HE22 sing N N 100 
GLN OXT HXT  sing N N 101 
GLU N   CA   sing N N 102 
GLU N   H    sing N N 103 
GLU N   H2   sing N N 104 
GLU CA  C    sing N N 105 
GLU CA  CB   sing N N 106 
GLU CA  HA   sing N N 107 
GLU C   O    doub N N 108 
GLU C   OXT  sing N N 109 
GLU CB  CG   sing N N 110 
GLU CB  HB2  sing N N 111 
GLU CB  HB3  sing N N 112 
GLU CG  CD   sing N N 113 
GLU CG  HG2  sing N N 114 
GLU CG  HG3  sing N N 115 
GLU CD  OE1  doub N N 116 
GLU CD  OE2  sing N N 117 
GLU OE2 HE2  sing N N 118 
GLU OXT HXT  sing N N 119 
GLY N   CA   sing N N 120 
GLY N   H    sing N N 121 
GLY N   H2   sing N N 122 
GLY CA  C    sing N N 123 
GLY CA  HA2  sing N N 124 
GLY CA  HA3  sing N N 125 
GLY C   O    doub N N 126 
GLY C   OXT  sing N N 127 
GLY OXT HXT  sing N N 128 
HIS N   CA   sing N N 129 
HIS N   H    sing N N 130 
HIS N   H2   sing N N 131 
HIS CA  C    sing N N 132 
HIS CA  CB   sing N N 133 
HIS CA  HA   sing N N 134 
HIS C   O    doub N N 135 
HIS C   OXT  sing N N 136 
HIS CB  CG   sing N N 137 
HIS CB  HB2  sing N N 138 
HIS CB  HB3  sing N N 139 
HIS CG  ND1  sing Y N 140 
HIS CG  CD2  doub Y N 141 
HIS ND1 CE1  doub Y N 142 
HIS ND1 HD1  sing N N 143 
HIS CD2 NE2  sing Y N 144 
HIS CD2 HD2  sing N N 145 
HIS CE1 NE2  sing Y N 146 
HIS CE1 HE1  sing N N 147 
HIS NE2 HE2  sing N N 148 
HIS OXT HXT  sing N N 149 
HOH O   H1   sing N N 150 
HOH O   H2   sing N N 151 
ILE N   CA   sing N N 152 
ILE N   H    sing N N 153 
ILE N   H2   sing N N 154 
ILE CA  C    sing N N 155 
ILE CA  CB   sing N N 156 
ILE CA  HA   sing N N 157 
ILE C   O    doub N N 158 
ILE C   OXT  sing N N 159 
ILE CB  CG1  sing N N 160 
ILE CB  CG2  sing N N 161 
ILE CB  HB   sing N N 162 
ILE CG1 CD1  sing N N 163 
ILE CG1 HG12 sing N N 164 
ILE CG1 HG13 sing N N 165 
ILE CG2 HG21 sing N N 166 
ILE CG2 HG22 sing N N 167 
ILE CG2 HG23 sing N N 168 
ILE CD1 HD11 sing N N 169 
ILE CD1 HD12 sing N N 170 
ILE CD1 HD13 sing N N 171 
ILE OXT HXT  sing N N 172 
LEU N   CA   sing N N 173 
LEU N   H    sing N N 174 
LEU N   H2   sing N N 175 
LEU CA  C    sing N N 176 
LEU CA  CB   sing N N 177 
LEU CA  HA   sing N N 178 
LEU C   O    doub N N 179 
LEU C   OXT  sing N N 180 
LEU CB  CG   sing N N 181 
LEU CB  HB2  sing N N 182 
LEU CB  HB3  sing N N 183 
LEU CG  CD1  sing N N 184 
LEU CG  CD2  sing N N 185 
LEU CG  HG   sing N N 186 
LEU CD1 HD11 sing N N 187 
LEU CD1 HD12 sing N N 188 
LEU CD1 HD13 sing N N 189 
LEU CD2 HD21 sing N N 190 
LEU CD2 HD22 sing N N 191 
LEU CD2 HD23 sing N N 192 
LEU OXT HXT  sing N N 193 
LYS N   CA   sing N N 194 
LYS N   H    sing N N 195 
LYS N   H2   sing N N 196 
LYS CA  C    sing N N 197 
LYS CA  CB   sing N N 198 
LYS CA  HA   sing N N 199 
LYS C   O    doub N N 200 
LYS C   OXT  sing N N 201 
LYS CB  CG   sing N N 202 
LYS CB  HB2  sing N N 203 
LYS CB  HB3  sing N N 204 
LYS CG  CD   sing N N 205 
LYS CG  HG2  sing N N 206 
LYS CG  HG3  sing N N 207 
LYS CD  CE   sing N N 208 
LYS CD  HD2  sing N N 209 
LYS CD  HD3  sing N N 210 
LYS CE  NZ   sing N N 211 
LYS CE  HE2  sing N N 212 
LYS CE  HE3  sing N N 213 
LYS NZ  HZ1  sing N N 214 
LYS NZ  HZ2  sing N N 215 
LYS NZ  HZ3  sing N N 216 
LYS OXT HXT  sing N N 217 
MET N   CA   sing N N 218 
MET N   H    sing N N 219 
MET N   H2   sing N N 220 
MET CA  C    sing N N 221 
MET CA  CB   sing N N 222 
MET CA  HA   sing N N 223 
MET C   O    doub N N 224 
MET C   OXT  sing N N 225 
MET CB  CG   sing N N 226 
MET CB  HB2  sing N N 227 
MET CB  HB3  sing N N 228 
MET CG  SD   sing N N 229 
MET CG  HG2  sing N N 230 
MET CG  HG3  sing N N 231 
MET SD  CE   sing N N 232 
MET CE  HE1  sing N N 233 
MET CE  HE2  sing N N 234 
MET CE  HE3  sing N N 235 
MET OXT HXT  sing N N 236 
PHE N   CA   sing N N 237 
PHE N   H    sing N N 238 
PHE N   H2   sing N N 239 
PHE CA  C    sing N N 240 
PHE CA  CB   sing N N 241 
PHE CA  HA   sing N N 242 
PHE C   O    doub N N 243 
PHE C   OXT  sing N N 244 
PHE CB  CG   sing N N 245 
PHE CB  HB2  sing N N 246 
PHE CB  HB3  sing N N 247 
PHE CG  CD1  doub Y N 248 
PHE CG  CD2  sing Y N 249 
PHE CD1 CE1  sing Y N 250 
PHE CD1 HD1  sing N N 251 
PHE CD2 CE2  doub Y N 252 
PHE CD2 HD2  sing N N 253 
PHE CE1 CZ   doub Y N 254 
PHE CE1 HE1  sing N N 255 
PHE CE2 CZ   sing Y N 256 
PHE CE2 HE2  sing N N 257 
PHE CZ  HZ   sing N N 258 
PHE OXT HXT  sing N N 259 
PRO N   CA   sing N N 260 
PRO N   CD   sing N N 261 
PRO N   H    sing N N 262 
PRO CA  C    sing N N 263 
PRO CA  CB   sing N N 264 
PRO CA  HA   sing N N 265 
PRO C   O    doub N N 266 
PRO C   OXT  sing N N 267 
PRO CB  CG   sing N N 268 
PRO CB  HB2  sing N N 269 
PRO CB  HB3  sing N N 270 
PRO CG  CD   sing N N 271 
PRO CG  HG2  sing N N 272 
PRO CG  HG3  sing N N 273 
PRO CD  HD2  sing N N 274 
PRO CD  HD3  sing N N 275 
PRO OXT HXT  sing N N 276 
SER N   CA   sing N N 277 
SER N   H    sing N N 278 
SER N   H2   sing N N 279 
SER CA  C    sing N N 280 
SER CA  CB   sing N N 281 
SER CA  HA   sing N N 282 
SER C   O    doub N N 283 
SER C   OXT  sing N N 284 
SER CB  OG   sing N N 285 
SER CB  HB2  sing N N 286 
SER CB  HB3  sing N N 287 
SER OG  HG   sing N N 288 
SER OXT HXT  sing N N 289 
THR N   CA   sing N N 290 
THR N   H    sing N N 291 
THR N   H2   sing N N 292 
THR CA  C    sing N N 293 
THR CA  CB   sing N N 294 
THR CA  HA   sing N N 295 
THR C   O    doub N N 296 
THR C   OXT  sing N N 297 
THR CB  OG1  sing N N 298 
THR CB  CG2  sing N N 299 
THR CB  HB   sing N N 300 
THR OG1 HG1  sing N N 301 
THR CG2 HG21 sing N N 302 
THR CG2 HG22 sing N N 303 
THR CG2 HG23 sing N N 304 
THR OXT HXT  sing N N 305 
TRP N   CA   sing N N 306 
TRP N   H    sing N N 307 
TRP N   H2   sing N N 308 
TRP CA  C    sing N N 309 
TRP CA  CB   sing N N 310 
TRP CA  HA   sing N N 311 
TRP C   O    doub N N 312 
TRP C   OXT  sing N N 313 
TRP CB  CG   sing N N 314 
TRP CB  HB2  sing N N 315 
TRP CB  HB3  sing N N 316 
TRP CG  CD1  doub Y N 317 
TRP CG  CD2  sing Y N 318 
TRP CD1 NE1  sing Y N 319 
TRP CD1 HD1  sing N N 320 
TRP CD2 CE2  doub Y N 321 
TRP CD2 CE3  sing Y N 322 
TRP NE1 CE2  sing Y N 323 
TRP NE1 HE1  sing N N 324 
TRP CE2 CZ2  sing Y N 325 
TRP CE3 CZ3  doub Y N 326 
TRP CE3 HE3  sing N N 327 
TRP CZ2 CH2  doub Y N 328 
TRP CZ2 HZ2  sing N N 329 
TRP CZ3 CH2  sing Y N 330 
TRP CZ3 HZ3  sing N N 331 
TRP CH2 HH2  sing N N 332 
TRP OXT HXT  sing N N 333 
TYR N   CA   sing N N 334 
TYR N   H    sing N N 335 
TYR N   H2   sing N N 336 
TYR CA  C    sing N N 337 
TYR CA  CB   sing N N 338 
TYR CA  HA   sing N N 339 
TYR C   O    doub N N 340 
TYR C   OXT  sing N N 341 
TYR CB  CG   sing N N 342 
TYR CB  HB2  sing N N 343 
TYR CB  HB3  sing N N 344 
TYR CG  CD1  doub Y N 345 
TYR CG  CD2  sing Y N 346 
TYR CD1 CE1  sing Y N 347 
TYR CD1 HD1  sing N N 348 
TYR CD2 CE2  doub Y N 349 
TYR CD2 HD2  sing N N 350 
TYR CE1 CZ   doub Y N 351 
TYR CE1 HE1  sing N N 352 
TYR CE2 CZ   sing Y N 353 
TYR CE2 HE2  sing N N 354 
TYR CZ  OH   sing N N 355 
TYR OH  HH   sing N N 356 
TYR OXT HXT  sing N N 357 
VAL N   CA   sing N N 358 
VAL N   H    sing N N 359 
VAL N   H2   sing N N 360 
VAL CA  C    sing N N 361 
VAL CA  CB   sing N N 362 
VAL CA  HA   sing N N 363 
VAL C   O    doub N N 364 
VAL C   OXT  sing N N 365 
VAL CB  CG1  sing N N 366 
VAL CB  CG2  sing N N 367 
VAL CB  HB   sing N N 368 
VAL CG1 HG11 sing N N 369 
VAL CG1 HG12 sing N N 370 
VAL CG1 HG13 sing N N 371 
VAL CG2 HG21 sing N N 372 
VAL CG2 HG22 sing N N 373 
VAL CG2 HG23 sing N N 374 
VAL OXT HXT  sing N N 375 
# 
_atom_sites.entry_id                    1BH8 
_atom_sites.fract_transf_matrix[1][1]   -0.00532384 
_atom_sites.fract_transf_matrix[1][2]   -0.02008631 
_atom_sites.fract_transf_matrix[1][3]   -0.00730353 
_atom_sites.fract_transf_matrix[2][1]   0.01995097 
_atom_sites.fract_transf_matrix[2][2]   -0.00397532 
_atom_sites.fract_transf_matrix[2][3]   -0.00361007 
_atom_sites.fract_transf_matrix[3][1]   0.00123125 
_atom_sites.fract_transf_matrix[3][2]   -0.00467057 
_atom_sites.fract_transf_matrix[3][3]   0.01194758 
_atom_sites.fract_transf_vector[1]      0.201848 
_atom_sites.fract_transf_vector[2]      0.047707 
_atom_sites.fract_transf_vector[3]      0.292718 
# 
loop_
_atom_type.symbol 
C 
N 
O 
S 
# 
loop_
_atom_site.group_PDB 
_atom_site.id 
_atom_site.type_symbol 
_atom_site.label_atom_id 
_atom_site.label_alt_id 
_atom_site.label_comp_id 
_atom_site.label_asym_id 
_atom_site.label_entity_id 
_atom_site.label_seq_id 
_atom_site.pdbx_PDB_ins_code 
_atom_site.Cartn_x 
_atom_site.Cartn_y 
_atom_site.Cartn_z 
_atom_site.occupancy 
_atom_site.B_iso_or_equiv 
_atom_site.pdbx_formal_charge 
_atom_site.auth_seq_id 
_atom_site.auth_comp_id 
_atom_site.auth_asym_id 
_atom_site.auth_atom_id 
_atom_site.pdbx_PDB_model_num 
ATOM   1    N N   . LEU A 1 1  ? -5.344  -6.646  9.970   1.00 30.01 ? 31  LEU A N   1 
ATOM   2    C CA  . LEU A 1 1  ? -4.730  -5.300  10.192  1.00 32.68 ? 31  LEU A CA  1 
ATOM   3    C C   . LEU A 1 1  ? -5.252  -4.133  9.335   1.00 35.47 ? 31  LEU A C   1 
ATOM   4    O O   . LEU A 1 1  ? -5.819  -3.182  9.873   1.00 35.93 ? 31  LEU A O   1 
ATOM   5    C CB  . LEU A 1 1  ? -3.203  -5.388  10.056  1.00 29.50 ? 31  LEU A CB  1 
ATOM   6    C CG  . LEU A 1 1  ? -2.420  -5.705  11.341  1.00 28.94 ? 31  LEU A CG  1 
ATOM   7    C CD1 . LEU A 1 1  ? -2.962  -6.962  11.984  1.00 31.96 ? 31  LEU A CD1 1 
ATOM   8    C CD2 . LEU A 1 1  ? -0.947  -5.854  11.038  1.00 25.29 ? 31  LEU A CD2 1 
ATOM   9    N N   . PHE A 1 2  ? -5.069  -4.203  8.014   1.00 36.13 ? 32  PHE A N   1 
ATOM   10   C CA  . PHE A 1 2  ? -5.498  -3.114  7.134   1.00 35.72 ? 32  PHE A CA  1 
ATOM   11   C C   . PHE A 1 2  ? -6.458  -3.528  6.018   1.00 36.37 ? 32  PHE A C   1 
ATOM   12   O O   . PHE A 1 2  ? -6.933  -2.688  5.255   1.00 35.47 ? 32  PHE A O   1 
ATOM   13   C CB  . PHE A 1 2  ? -4.274  -2.450  6.490   1.00 36.09 ? 32  PHE A CB  1 
ATOM   14   C CG  . PHE A 1 2  ? -3.163  -2.138  7.458   1.00 37.17 ? 32  PHE A CG  1 
ATOM   15   C CD1 . PHE A 1 2  ? -3.395  -1.354  8.587   1.00 37.35 ? 32  PHE A CD1 1 
ATOM   16   C CD2 . PHE A 1 2  ? -1.876  -2.627  7.240   1.00 35.50 ? 32  PHE A CD2 1 
ATOM   17   C CE1 . PHE A 1 2  ? -2.362  -1.066  9.479   1.00 35.27 ? 32  PHE A CE1 1 
ATOM   18   C CE2 . PHE A 1 2  ? -0.841  -2.343  8.128   1.00 33.45 ? 32  PHE A CE2 1 
ATOM   19   C CZ  . PHE A 1 2  ? -1.088  -1.562  9.248   1.00 32.60 ? 32  PHE A CZ  1 
ATOM   20   N N   . SER A 1 3  ? -6.748  -4.819  5.934   1.00 37.71 ? 33  SER A N   1 
ATOM   21   C CA  . SER A 1 3  ? -7.619  -5.364  4.891   1.00 38.67 ? 33  SER A CA  1 
ATOM   22   C C   . SER A 1 3  ? -8.837  -4.528  4.462   1.00 37.59 ? 33  SER A C   1 
ATOM   23   O O   . SER A 1 3  ? -9.352  -4.725  3.362   1.00 37.37 ? 33  SER A O   1 
ATOM   24   C CB  . SER A 1 3  ? -8.080  -6.770  5.305   1.00 39.75 ? 33  SER A CB  1 
ATOM   25   O OG  . SER A 1 3  ? -8.658  -7.476  4.217   1.00 41.41 ? 33  SER A OG  1 
ATOM   26   N N   . LYS A 1 4  ? -9.294  -3.597  5.298   1.00 38.00 ? 34  LYS A N   1 
ATOM   27   C CA  . LYS A 1 4  ? -10.469 -2.789  4.946   1.00 39.21 ? 34  LYS A CA  1 
ATOM   28   C C   . LYS A 1 4  ? -10.133 -1.355  4.508   1.00 38.30 ? 34  LYS A C   1 
ATOM   29   O O   . LYS A 1 4  ? -10.828 -0.784  3.665   1.00 35.96 ? 34  LYS A O   1 
ATOM   30   C CB  . LYS A 1 4  ? -11.451 -2.771  6.125   1.00 43.31 ? 34  LYS A CB  1 
ATOM   31   C CG  . LYS A 1 4  ? -12.912 -2.420  5.789   1.00 46.59 ? 34  LYS A CG  1 
ATOM   32   C CD  . LYS A 1 4  ? -13.802 -2.552  7.041   1.00 46.77 ? 34  LYS A CD  1 
ATOM   33   C CE  . LYS A 1 4  ? -15.307 -2.582  6.716   1.00 49.08 ? 34  LYS A CE  1 
ATOM   34   N NZ  . LYS A 1 4  ? -15.871 -1.339  6.088   1.00 50.52 ? 34  LYS A NZ  1 
ATOM   35   N N   . GLU A 1 5  ? -9.078  -0.773  5.083   1.00 38.62 ? 35  GLU A N   1 
ATOM   36   C CA  . GLU A 1 5  ? -8.654  0.592   4.732   1.00 36.91 ? 35  GLU A CA  1 
ATOM   37   C C   . GLU A 1 5  ? -7.717  0.522   3.536   1.00 35.45 ? 35  GLU A C   1 
ATOM   38   O O   . GLU A 1 5  ? -7.686  1.409   2.693   1.00 36.23 ? 35  GLU A O   1 
ATOM   39   C CB  . GLU A 1 5  ? -7.923  1.281   5.897   1.00 33.66 ? 35  GLU A CB  1 
ATOM   40   C CG  . GLU A 1 5  ? -8.707  1.358   7.184   1.00 34.59 ? 35  GLU A CG  1 
ATOM   41   C CD  . GLU A 1 5  ? -8.604  0.099   8.005   1.00 38.09 ? 35  GLU A CD  1 
ATOM   42   O OE1 . GLU A 1 5  ? -8.529  -1.000  7.422   1.00 39.91 ? 35  GLU A OE1 1 
ATOM   43   O OE2 . GLU A 1 5  ? -8.629  0.202   9.246   1.00 40.33 ? 35  GLU A OE2 1 
ATOM   44   N N   . LEU A 1 6  ? -6.941  -0.551  3.487   1.00 35.00 ? 36  LEU A N   1 
ATOM   45   C CA  . LEU A 1 6  ? -6.003  -0.780  2.406   1.00 33.64 ? 36  LEU A CA  1 
ATOM   46   C C   . LEU A 1 6  ? -6.868  -1.144  1.210   1.00 33.84 ? 36  LEU A C   1 
ATOM   47   O O   . LEU A 1 6  ? -6.461  -1.014  0.060   1.00 34.71 ? 36  LEU A O   1 
ATOM   48   C CB  . LEU A 1 6  ? -5.082  -1.946  2.784   1.00 33.02 ? 36  LEU A CB  1 
ATOM   49   C CG  . LEU A 1 6  ? -3.915  -2.400  1.908   1.00 30.05 ? 36  LEU A CG  1 
ATOM   50   C CD1 . LEU A 1 6  ? -2.854  -1.320  1.825   1.00 28.59 ? 36  LEU A CD1 1 
ATOM   51   C CD2 . LEU A 1 6  ? -3.326  -3.653  2.508   1.00 29.39 ? 36  LEU A CD2 1 
ATOM   52   N N   . ARG A 1 7  ? -8.083  -1.595  1.487   1.00 35.49 ? 37  ARG A N   1 
ATOM   53   C CA  . ARG A 1 7  ? -8.994  -1.980  0.418   1.00 36.64 ? 37  ARG A CA  1 
ATOM   54   C C   . ARG A 1 7  ? -9.544  -0.729  -0.284  1.00 36.97 ? 37  ARG A C   1 
ATOM   55   O O   . ARG A 1 7  ? -9.666  -0.710  -1.505  1.00 38.28 ? 37  ARG A O   1 
ATOM   56   C CB  . ARG A 1 7  ? -10.112 -2.856  0.987   1.00 30.92 ? 37  ARG A CB  1 
ATOM   57   C CG  . ARG A 1 7  ? -11.034 -3.461  -0.041  1.00 32.15 ? 37  ARG A CG  1 
ATOM   58   C CD  . ARG A 1 7  ? -12.075 -4.362  0.637   1.00 37.48 ? 37  ARG A CD  1 
ATOM   59   N NE  . ARG A 1 7  ? -11.519 -5.622  1.125   1.00 35.54 ? 37  ARG A NE  1 
ATOM   60   C CZ  . ARG A 1 7  ? -11.328 -6.699  0.363   1.00 38.70 ? 37  ARG A CZ  1 
ATOM   61   N NH1 . ARG A 1 7  ? -11.653 -6.667  -0.926  1.00 39.13 ? 37  ARG A NH1 1 
ATOM   62   N NH2 . ARG A 1 7  ? -10.806 -7.807  0.884   1.00 41.83 ? 37  ARG A NH2 1 
ATOM   63   N N   . CYS A 1 8  ? -9.854  0.311   0.491   1.00 37.27 ? 38  CYS A N   1 
ATOM   64   C CA  . CYS A 1 8  ? -10.364 1.576   -0.048  1.00 38.95 ? 38  CYS A CA  1 
ATOM   65   C C   . CYS A 1 8  ? -9.205  2.388   -0.591  1.00 37.05 ? 38  CYS A C   1 
ATOM   66   O O   . CYS A 1 8  ? -9.386  3.445   -1.185  1.00 36.12 ? 38  CYS A O   1 
ATOM   67   C CB  . CYS A 1 8  ? -11.051 2.414   1.042   1.00 41.52 ? 38  CYS A CB  1 
ATOM   68   S SG  . CYS A 1 8  ? -12.677 1.860   1.635   1.00 49.44 ? 38  CYS A SG  1 
ATOM   69   N N   . MET A 1 9  ? -8.006  1.891   -0.363  1.00 37.09 ? 39  MET A N   1 
ATOM   70   C CA  . MET A 1 9  ? -6.807  2.576   -0.798  1.00 36.56 ? 39  MET A CA  1 
ATOM   71   C C   . MET A 1 9  ? -6.388  2.023   -2.152  1.00 35.47 ? 39  MET A C   1 
ATOM   72   O O   . MET A 1 9  ? -5.791  2.728   -2.961  1.00 36.25 ? 39  MET A O   1 
ATOM   73   C CB  . MET A 1 9  ? -5.722  2.362   0.260   1.00 38.57 ? 39  MET A CB  1 
ATOM   74   C CG  . MET A 1 9  ? -4.423  3.101   0.054   1.00 37.58 ? 39  MET A CG  1 
ATOM   75   S SD  . MET A 1 9  ? -3.433  2.842   1.525   1.00 34.23 ? 39  MET A SD  1 
ATOM   76   C CE  . MET A 1 9  ? -4.402  3.618   2.750   1.00 33.21 ? 39  MET A CE  1 
ATOM   77   N N   . MET A 1 10 ? -6.724  0.758   -2.392  1.00 33.38 ? 40  MET A N   1 
ATOM   78   C CA  . MET A 1 10 ? -6.400  0.115   -3.654  1.00 31.35 ? 40  MET A CA  1 
ATOM   79   C C   . MET A 1 10 ? -7.319  0.684   -4.724  1.00 33.39 ? 40  MET A C   1 
ATOM   80   O O   . MET A 1 10 ? -6.960  0.765   -5.895  1.00 34.08 ? 40  MET A O   1 
ATOM   81   C CB  . MET A 1 10 ? -6.583  -1.395  -3.530  1.00 28.60 ? 40  MET A CB  1 
ATOM   82   C CG  . MET A 1 10 ? -5.749  -1.997  -2.417  1.00 26.61 ? 40  MET A CG  1 
ATOM   83   S SD  . MET A 1 10 ? -5.846  -3.766  -2.296  1.00 28.50 ? 40  MET A SD  1 
ATOM   84   C CE  . MET A 1 10 ? -5.149  -4.258  -3.847  1.00 23.73 ? 40  MET A CE  1 
ATOM   85   N N   . TYR A 1 11 ? -8.506  1.102   -4.296  1.00 36.04 ? 41  TYR A N   1 
ATOM   86   C CA  . TYR A 1 11 ? -9.504  1.687   -5.183  1.00 36.30 ? 41  TYR A CA  1 
ATOM   87   C C   . TYR A 1 11 ? -9.059  3.066   -5.643  1.00 36.40 ? 41  TYR A C   1 
ATOM   88   O O   . TYR A 1 11 ? -9.125  3.385   -6.827  1.00 38.89 ? 41  TYR A O   1 
ATOM   89   C CB  . TYR A 1 11 ? -10.837 1.801   -4.455  1.00 38.01 ? 41  TYR A CB  1 
ATOM   90   C CG  . TYR A 1 11 ? -11.947 2.487   -5.239  1.00 43.09 ? 41  TYR A CG  1 
ATOM   91   C CD1 . TYR A 1 11 ? -12.386 1.985   -6.469  1.00 42.97 ? 41  TYR A CD1 1 
ATOM   92   C CD2 . TYR A 1 11 ? -12.599 3.610   -4.725  1.00 43.12 ? 41  TYR A CD2 1 
ATOM   93   C CE1 . TYR A 1 11 ? -13.447 2.578   -7.152  1.00 41.31 ? 41  TYR A CE1 1 
ATOM   94   C CE2 . TYR A 1 11 ? -13.656 4.200   -5.400  1.00 41.88 ? 41  TYR A CE2 1 
ATOM   95   C CZ  . TYR A 1 11 ? -14.074 3.679   -6.608  1.00 40.51 ? 41  TYR A CZ  1 
ATOM   96   O OH  . TYR A 1 11 ? -15.159 4.226   -7.248  1.00 41.93 ? 41  TYR A OH  1 
ATOM   97   N N   . GLY A 1 12 ? -8.605  3.877   -4.696  1.00 35.07 ? 42  GLY A N   1 
ATOM   98   C CA  . GLY A 1 12 ? -8.174  5.222   -5.014  1.00 33.55 ? 42  GLY A CA  1 
ATOM   99   C C   . GLY A 1 12 ? -6.964  5.261   -5.912  1.00 33.36 ? 42  GLY A C   1 
ATOM   100  O O   . GLY A 1 12 ? -6.546  6.328   -6.351  1.00 36.04 ? 42  GLY A O   1 
ATOM   101  N N   . PHE A 1 13 ? -6.385  4.104   -6.189  1.00 31.81 ? 43  PHE A N   1 
ATOM   102  C CA  . PHE A 1 13 ? -5.211  4.069   -7.049  1.00 29.52 ? 43  PHE A CA  1 
ATOM   103  C C   . PHE A 1 13 ? -5.453  3.411   -8.401  1.00 29.32 ? 43  PHE A C   1 
ATOM   104  O O   . PHE A 1 13 ? -4.556  3.342   -9.241  1.00 27.22 ? 43  PHE A O   1 
ATOM   105  C CB  . PHE A 1 13 ? -4.040  3.409   -6.318  1.00 24.34 ? 43  PHE A CB  1 
ATOM   106  C CG  . PHE A 1 13 ? -3.360  4.317   -5.333  1.00 19.28 ? 43  PHE A CG  1 
ATOM   107  C CD1 . PHE A 1 13 ? -2.797  5.512   -5.753  1.00 17.05 ? 43  PHE A CD1 1 
ATOM   108  C CD2 . PHE A 1 13 ? -3.258  3.969   -3.997  1.00 17.55 ? 43  PHE A CD2 1 
ATOM   109  C CE1 . PHE A 1 13 ? -2.143  6.343   -4.858  1.00 13.69 ? 43  PHE A CE1 1 
ATOM   110  C CE2 . PHE A 1 13 ? -2.604  4.797   -3.097  1.00 15.51 ? 43  PHE A CE2 1 
ATOM   111  C CZ  . PHE A 1 13 ? -2.048  5.983   -3.529  1.00 14.22 ? 43  PHE A CZ  1 
ATOM   112  N N   . GLY A 1 14 ? -6.672  2.931   -8.611  1.00 29.74 ? 44  GLY A N   1 
ATOM   113  C CA  . GLY A 1 14 ? -6.993  2.334   -9.886  1.00 31.56 ? 44  GLY A CA  1 
ATOM   114  C C   . GLY A 1 14 ? -7.424  0.890   -9.874  1.00 32.68 ? 44  GLY A C   1 
ATOM   115  O O   . GLY A 1 14 ? -7.574  0.289   -10.928 1.00 35.92 ? 44  GLY A O   1 
ATOM   116  N N   . ASP A 1 15 ? -7.622  0.309   -8.706  1.00 32.35 ? 45  ASP A N   1 
ATOM   117  C CA  . ASP A 1 15 ? -8.043  -1.081  -8.685  1.00 33.11 ? 45  ASP A CA  1 
ATOM   118  C C   . ASP A 1 15 ? -9.569  -1.095  -8.709  1.00 33.70 ? 45  ASP A C   1 
ATOM   119  O O   . ASP A 1 15 ? -10.199 -0.048  -8.844  1.00 33.76 ? 45  ASP A O   1 
ATOM   120  C CB  . ASP A 1 15 ? -7.488  -1.790  -7.442  1.00 30.55 ? 45  ASP A CB  1 
ATOM   121  C CG  . ASP A 1 15 ? -7.654  -3.290  -7.510  1.00 31.30 ? 45  ASP A CG  1 
ATOM   122  O OD1 . ASP A 1 15 ? -7.929  -3.806  -8.612  1.00 30.94 ? 45  ASP A OD1 1 
ATOM   123  O OD2 . ASP A 1 15 ? -7.488  -3.962  -6.473  1.00 33.16 ? 45  ASP A OD2 1 
ATOM   124  N N   . ASP A 1 16 ? -10.165 -2.272  -8.597  1.00 34.67 ? 46  ASP A N   1 
ATOM   125  C CA  . ASP A 1 16 ? -11.616 -2.379  -8.609  1.00 35.87 ? 46  ASP A CA  1 
ATOM   126  C C   . ASP A 1 16 ? -12.131 -1.778  -7.306  1.00 37.70 ? 46  ASP A C   1 
ATOM   127  O O   . ASP A 1 16 ? -11.390 -1.708  -6.326  1.00 39.00 ? 46  ASP A O   1 
ATOM   128  C CB  . ASP A 1 16 ? -12.028 -3.844  -8.672  1.00 36.68 ? 46  ASP A CB  1 
ATOM   129  C CG  . ASP A 1 16 ? -13.481 -4.014  -9.010  1.00 39.56 ? 46  ASP A CG  1 
ATOM   130  O OD1 . ASP A 1 16 ? -13.837 -3.857  -10.201 1.00 39.46 ? 46  ASP A OD1 1 
ATOM   131  O OD2 . ASP A 1 16 ? -14.266 -4.291  -8.078  1.00 42.97 ? 46  ASP A OD2 1 
ATOM   132  N N   . GLN A 1 17 ? -13.382 -1.332  -7.281  1.00 37.89 ? 47  GLN A N   1 
ATOM   133  C CA  . GLN A 1 17 ? -13.924 -0.784  -6.048  1.00 37.82 ? 47  GLN A CA  1 
ATOM   134  C C   . GLN A 1 17 ? -14.095 -1.954  -5.082  1.00 37.66 ? 47  GLN A C   1 
ATOM   135  O O   . GLN A 1 17 ? -14.453 -1.776  -3.914  1.00 35.46 ? 47  GLN A O   1 
ATOM   136  C CB  . GLN A 1 17 ? -15.266 -0.094  -6.294  1.00 40.86 ? 47  GLN A CB  1 
ATOM   137  C CG  . GLN A 1 17 ? -16.027 0.194   -5.000  1.00 44.49 ? 47  GLN A CG  1 
ATOM   138  C CD  . GLN A 1 17 ? -17.282 1.006   -5.215  1.00 46.53 ? 47  GLN A CD  1 
ATOM   139  O OE1 . GLN A 1 17 ? -18.085 0.720   -6.110  1.00 48.64 ? 47  GLN A OE1 1 
ATOM   140  N NE2 . GLN A 1 17 ? -17.472 2.022   -4.374  1.00 47.17 ? 47  GLN A NE2 1 
ATOM   141  N N   . ASN A 1 18 ? -13.821 -3.149  -5.598  1.00 37.76 ? 48  ASN A N   1 
ATOM   142  C CA  . ASN A 1 18 ? -13.913 -4.394  -4.840  1.00 37.73 ? 48  ASN A CA  1 
ATOM   143  C C   . ASN A 1 18 ? -12.696 -5.274  -5.125  1.00 33.86 ? 48  ASN A C   1 
ATOM   144  O O   . ASN A 1 18 ? -12.804 -6.298  -5.804  1.00 34.19 ? 48  ASN A O   1 
ATOM   145  C CB  . ASN A 1 18 ? -15.177 -5.165  -5.237  1.00 38.35 ? 48  ASN A CB  1 
ATOM   146  C CG  . ASN A 1 18 ? -15.300 -6.495  -4.511  1.00 40.66 ? 48  ASN A CG  1 
ATOM   147  O OD1 . ASN A 1 18 ? -16.094 -7.354  -4.898  1.00 43.62 ? 48  ASN A OD1 1 
ATOM   148  N ND2 . ASN A 1 18 ? -14.521 -6.665  -3.444  1.00 40.57 ? 48  ASN A ND2 1 
ATOM   149  N N   . PRO A 1 19 ? -11.516 -4.879  -4.636  1.00 30.72 ? 49  PRO A N   1 
ATOM   150  C CA  . PRO A 1 19 ? -10.335 -5.701  -4.891  1.00 30.62 ? 49  PRO A CA  1 
ATOM   151  C C   . PRO A 1 19 ? -10.449 -7.139  -4.376  1.00 29.72 ? 49  PRO A C   1 
ATOM   152  O O   . PRO A 1 19 ? -11.145 -7.399  -3.397  1.00 27.84 ? 49  PRO A O   1 
ATOM   153  C CB  . PRO A 1 19 ? -9.226  -4.907  -4.200  1.00 28.74 ? 49  PRO A CB  1 
ATOM   154  C CG  . PRO A 1 19 ? -9.963  -4.186  -3.104  1.00 29.74 ? 49  PRO A CG  1 
ATOM   155  C CD  . PRO A 1 19 ? -11.131 -3.674  -3.889  1.00 29.34 ? 49  PRO A CD  1 
ATOM   156  N N   . TYR A 1 20 ? -9.773  -8.061  -5.064  1.00 29.93 ? 50  TYR A N   1 
ATOM   157  C CA  . TYR A 1 20 ? -9.759  -9.469  -4.684  1.00 30.59 ? 50  TYR A CA  1 
ATOM   158  C C   . TYR A 1 20 ? -9.123  -9.588  -3.318  1.00 31.61 ? 50  TYR A C   1 
ATOM   159  O O   . TYR A 1 20 ? -7.967  -9.224  -3.142  1.00 32.56 ? 50  TYR A O   1 
ATOM   160  C CB  . TYR A 1 20 ? -8.918  -10.308 -5.649  1.00 31.25 ? 50  TYR A CB  1 
ATOM   161  C CG  . TYR A 1 20 ? -9.544  -10.621 -6.983  1.00 33.62 ? 50  TYR A CG  1 
ATOM   162  C CD1 . TYR A 1 20 ? -10.789 -11.258 -7.065  1.00 33.49 ? 50  TYR A CD1 1 
ATOM   163  C CD2 . TYR A 1 20 ? -8.874  -10.322 -8.169  1.00 34.07 ? 50  TYR A CD2 1 
ATOM   164  C CE1 . TYR A 1 20 ? -11.350 -11.590 -8.299  1.00 33.23 ? 50  TYR A CE1 1 
ATOM   165  C CE2 . TYR A 1 20 ? -9.428  -10.647 -9.407  1.00 36.50 ? 50  TYR A CE2 1 
ATOM   166  C CZ  . TYR A 1 20 ? -10.665 -11.278 -9.464  1.00 33.17 ? 50  TYR A CZ  1 
ATOM   167  O OH  . TYR A 1 20 ? -11.210 -11.575 -10.687 1.00 29.89 ? 50  TYR A OH  1 
ATOM   168  N N   . THR A 1 21 ? -9.868  -10.104 -2.350  1.00 34.41 ? 51  THR A N   1 
ATOM   169  C CA  . THR A 1 21 ? -9.330  -10.262 -1.016  1.00 34.87 ? 51  THR A CA  1 
ATOM   170  C C   . THR A 1 21 ? -7.958  -10.906 -1.112  1.00 35.91 ? 51  THR A C   1 
ATOM   171  O O   . THR A 1 21 ? -7.018  -10.486 -0.434  1.00 37.21 ? 51  THR A O   1 
ATOM   172  C CB  . THR A 1 21 ? -10.229 -11.135 -0.145  1.00 35.60 ? 51  THR A CB  1 
ATOM   173  O OG1 . THR A 1 21 ? -9.534  -11.453 1.065   1.00 34.59 ? 51  THR A OG1 1 
ATOM   174  C CG2 . THR A 1 21 ? -10.604 -12.422 -0.873  1.00 38.07 ? 51  THR A CG2 1 
ATOM   175  N N   . GLU A 1 22 ? -7.835  -11.914 -1.966  1.00 35.89 ? 52  GLU A N   1 
ATOM   176  C CA  . GLU A 1 22 ? -6.557  -12.585 -2.124  1.00 38.28 ? 52  GLU A CA  1 
ATOM   177  C C   . GLU A 1 22 ? -5.433  -11.555 -2.200  1.00 39.10 ? 52  GLU A C   1 
ATOM   178  O O   . GLU A 1 22 ? -4.544  -11.524 -1.343  1.00 40.45 ? 52  GLU A O   1 
ATOM   179  C CB  . GLU A 1 22 ? -6.556  -13.446 -3.390  1.00 40.20 ? 52  GLU A CB  1 
ATOM   180  C CG  . GLU A 1 22 ? -7.462  -14.686 -3.351  1.00 45.35 ? 52  GLU A CG  1 
ATOM   181  C CD  . GLU A 1 22 ? -8.949  -14.359 -3.221  1.00 47.38 ? 52  GLU A CD  1 
ATOM   182  O OE1 . GLU A 1 22 ? -9.473  -13.609 -4.077  1.00 44.69 ? 52  GLU A OE1 1 
ATOM   183  O OE2 . GLU A 1 22 ? -9.591  -14.863 -2.266  1.00 49.72 ? 52  GLU A OE2 1 
ATOM   184  N N   . SER A 1 23 ? -5.496  -10.698 -3.217  1.00 38.21 ? 53  SER A N   1 
ATOM   185  C CA  . SER A 1 23 ? -4.489  -9.660  -3.442  1.00 37.21 ? 53  SER A CA  1 
ATOM   186  C C   . SER A 1 23 ? -4.303  -8.643  -2.309  1.00 36.61 ? 53  SER A C   1 
ATOM   187  O O   . SER A 1 23 ? -3.205  -8.141  -2.105  1.00 36.95 ? 53  SER A O   1 
ATOM   188  C CB  . SER A 1 23 ? -4.798  -8.909  -4.750  1.00 36.54 ? 53  SER A CB  1 
ATOM   189  O OG  . SER A 1 23 ? -4.655  -9.741  -5.892  1.00 32.44 ? 53  SER A OG  1 
ATOM   190  N N   . VAL A 1 24 ? -5.370  -8.331  -1.582  1.00 34.44 ? 54  VAL A N   1 
ATOM   191  C CA  . VAL A 1 24 ? -5.290  -7.368  -0.484  1.00 34.88 ? 54  VAL A CA  1 
ATOM   192  C C   . VAL A 1 24 ? -4.423  -7.911  0.649   1.00 34.23 ? 54  VAL A C   1 
ATOM   193  O O   . VAL A 1 24 ? -3.923  -7.168  1.484   1.00 33.41 ? 54  VAL A O   1 
ATOM   194  C CB  . VAL A 1 24 ? -6.704  -7.036  0.080   1.00 37.21 ? 54  VAL A CB  1 
ATOM   195  C CG1 . VAL A 1 24 ? -6.597  -5.993  1.193   1.00 35.86 ? 54  VAL A CG1 1 
ATOM   196  C CG2 . VAL A 1 24 ? -7.609  -6.523  -1.036  1.00 39.32 ? 54  VAL A CG2 1 
ATOM   197  N N   . ASP A 1 25 ? -4.262  -9.226  0.671   1.00 34.90 ? 55  ASP A N   1 
ATOM   198  C CA  . ASP A 1 25 ? -3.454  -9.898  1.683   1.00 32.32 ? 55  ASP A CA  1 
ATOM   199  C C   . ASP A 1 25 ? -1.984  -9.708  1.326   1.00 30.20 ? 55  ASP A C   1 
ATOM   200  O O   . ASP A 1 25 ? -1.179  -9.276  2.153   1.00 28.76 ? 55  ASP A O   1 
ATOM   201  C CB  . ASP A 1 25 ? -3.809  -11.386 1.702   1.00 35.10 ? 55  ASP A CB  1 
ATOM   202  C CG  . ASP A 1 25 ? -5.219  -11.652 2.223   1.00 35.00 ? 55  ASP A CG  1 
ATOM   203  O OD1 . ASP A 1 25 ? -6.149  -10.880 1.905   1.00 37.34 ? 55  ASP A OD1 1 
ATOM   204  O OD2 . ASP A 1 25 ? -5.404  -12.654 2.935   1.00 35.77 ? 55  ASP A OD2 1 
ATOM   205  N N   . ILE A 1 26 ? -1.650  -10.032 0.078   1.00 29.07 ? 56  ILE A N   1 
ATOM   206  C CA  . ILE A 1 26 ? -0.289  -9.881  -0.419  1.00 27.25 ? 56  ILE A CA  1 
ATOM   207  C C   . ILE A 1 26 ? 0.178   -8.458  -0.190  1.00 28.96 ? 56  ILE A C   1 
ATOM   208  O O   . ILE A 1 26 ? 1.324   -8.225  0.168   1.00 31.15 ? 56  ILE A O   1 
ATOM   209  C CB  . ILE A 1 26 ? -0.200  -10.179 -1.934  1.00 25.97 ? 56  ILE A CB  1 
ATOM   210  C CG1 . ILE A 1 26 ? -0.558  -11.643 -2.201  1.00 27.82 ? 56  ILE A CG1 1 
ATOM   211  C CG2 . ILE A 1 26 ? 1.181   -9.853  -2.447  1.00 22.21 ? 56  ILE A CG2 1 
ATOM   212  C CD1 . ILE A 1 26 ? -0.392  -12.080 -3.631  1.00 21.30 ? 56  ILE A CD1 1 
ATOM   213  N N   . LEU A 1 27 ? -0.732  -7.509  -0.385  1.00 29.70 ? 57  LEU A N   1 
ATOM   214  C CA  . LEU A 1 27 ? -0.426  -6.099  -0.221  1.00 29.88 ? 57  LEU A CA  1 
ATOM   215  C C   . LEU A 1 27 ? -0.149  -5.739  1.241   1.00 33.03 ? 57  LEU A C   1 
ATOM   216  O O   . LEU A 1 27 ? 0.788   -4.980  1.540   1.00 34.38 ? 57  LEU A O   1 
ATOM   217  C CB  . LEU A 1 27 ? -1.588  -5.256  -0.739  1.00 30.17 ? 57  LEU A CB  1 
ATOM   218  C CG  . LEU A 1 27 ? -1.242  -3.949  -1.469  1.00 34.12 ? 57  LEU A CG  1 
ATOM   219  C CD1 . LEU A 1 27 ? -2.530  -3.178  -1.727  1.00 38.17 ? 57  LEU A CD1 1 
ATOM   220  C CD2 . LEU A 1 27 ? -0.286  -3.099  -0.658  1.00 33.11 ? 57  LEU A CD2 1 
ATOM   221  N N   . GLU A 1 28 ? -0.952  -6.275  2.159   1.00 32.50 ? 58  GLU A N   1 
ATOM   222  C CA  . GLU A 1 28 ? -0.746  -5.962  3.568   1.00 32.19 ? 58  GLU A CA  1 
ATOM   223  C C   . GLU A 1 28 ? 0.622   -6.441  4.035   1.00 33.02 ? 58  GLU A C   1 
ATOM   224  O O   . GLU A 1 28 ? 1.236   -5.826  4.909   1.00 31.36 ? 58  GLU A O   1 
ATOM   225  C CB  . GLU A 1 28 ? -1.824  -6.582  4.449   1.00 30.14 ? 58  GLU A CB  1 
ATOM   226  C CG  . GLU A 1 28 ? -1.676  -6.163  5.896   1.00 33.02 ? 58  GLU A CG  1 
ATOM   227  C CD  . GLU A 1 28 ? -2.741  -6.743  6.799   1.00 35.88 ? 58  GLU A CD  1 
ATOM   228  O OE1 . GLU A 1 28 ? -3.941  -6.534  6.515   1.00 35.36 ? 58  GLU A OE1 1 
ATOM   229  O OE2 . GLU A 1 28 ? -2.377  -7.399  7.802   1.00 38.91 ? 58  GLU A OE2 1 
ATOM   230  N N   . ASP A 1 29 ? 1.092   -7.550  3.466   1.00 32.37 ? 59  ASP A N   1 
ATOM   231  C CA  . ASP A 1 29 ? 2.406   -8.054  3.833   1.00 31.28 ? 59  ASP A CA  1 
ATOM   232  C C   . ASP A 1 29 ? 3.436   -7.065  3.333   1.00 30.23 ? 59  ASP A C   1 
ATOM   233  O O   . ASP A 1 29 ? 4.226   -6.537  4.106   1.00 32.55 ? 59  ASP A O   1 
ATOM   234  C CB  . ASP A 1 29 ? 2.694   -9.425  3.216   1.00 32.77 ? 59  ASP A CB  1 
ATOM   235  C CG  . ASP A 1 29 ? 1.797   -10.528 3.760   1.00 33.05 ? 59  ASP A CG  1 
ATOM   236  O OD1 . ASP A 1 29 ? 1.400   -10.458 4.949   1.00 30.72 ? 59  ASP A OD1 1 
ATOM   237  O OD2 . ASP A 1 29 ? 1.528   -11.482 3.000   1.00 29.28 ? 59  ASP A OD2 1 
ATOM   238  N N   . LEU A 1 30 ? 3.415   -6.809  2.031   1.00 29.84 ? 60  LEU A N   1 
ATOM   239  C CA  . LEU A 1 30 ? 4.354   -5.876  1.419   1.00 28.78 ? 60  LEU A CA  1 
ATOM   240  C C   . LEU A 1 30 ? 4.505   -4.625  2.274   1.00 27.71 ? 60  LEU A C   1 
ATOM   241  O O   . LEU A 1 30 ? 5.598   -4.076  2.398   1.00 27.75 ? 60  LEU A O   1 
ATOM   242  C CB  . LEU A 1 30 ? 3.874   -5.471  0.021   1.00 28.60 ? 60  LEU A CB  1 
ATOM   243  C CG  . LEU A 1 30 ? 3.669   -6.563  -1.025  1.00 28.79 ? 60  LEU A CG  1 
ATOM   244  C CD1 . LEU A 1 30 ? 3.053   -5.947  -2.264  1.00 29.40 ? 60  LEU A CD1 1 
ATOM   245  C CD2 . LEU A 1 30 ? 4.987   -7.240  -1.352  1.00 31.15 ? 60  LEU A CD2 1 
ATOM   246  N N   . VAL A 1 31 ? 3.395   -4.177  2.852   1.00 26.21 ? 61  VAL A N   1 
ATOM   247  C CA  . VAL A 1 31 ? 3.386   -2.980  3.689   1.00 26.83 ? 61  VAL A CA  1 
ATOM   248  C C   . VAL A 1 31 ? 3.992   -3.244  5.066   1.00 27.28 ? 61  VAL A C   1 
ATOM   249  O O   . VAL A 1 31 ? 4.813   -2.470  5.555   1.00 27.57 ? 61  VAL A O   1 
ATOM   250  C CB  . VAL A 1 31 ? 1.939   -2.444  3.870   1.00 24.78 ? 61  VAL A CB  1 
ATOM   251  C CG1 . VAL A 1 31 ? 1.938   -1.187  4.728   1.00 19.76 ? 61  VAL A CG1 1 
ATOM   252  C CG2 . VAL A 1 31 ? 1.319   -2.166  2.507   1.00 23.85 ? 61  VAL A CG2 1 
ATOM   253  N N   . ILE A 1 32 ? 3.576   -4.335  5.693   1.00 27.48 ? 62  ILE A N   1 
ATOM   254  C CA  . ILE A 1 32 ? 4.087   -4.693  7.004   1.00 29.05 ? 62  ILE A CA  1 
ATOM   255  C C   . ILE A 1 32 ? 5.593   -4.902  6.895   1.00 29.86 ? 62  ILE A C   1 
ATOM   256  O O   . ILE A 1 32 ? 6.352   -4.548  7.799   1.00 30.69 ? 62  ILE A O   1 
ATOM   257  C CB  . ILE A 1 32 ? 3.379   -5.964  7.544   1.00 30.05 ? 62  ILE A CB  1 
ATOM   258  C CG1 . ILE A 1 32 ? 1.908   -5.634  7.849   1.00 32.14 ? 62  ILE A CG1 1 
ATOM   259  C CG2 . ILE A 1 32 ? 4.090   -6.491  8.776   1.00 27.95 ? 62  ILE A CG2 1 
ATOM   260  C CD1 . ILE A 1 32 ? 1.081   -6.794  8.357   1.00 31.17 ? 62  ILE A CD1 1 
ATOM   261  N N   . GLU A 1 33 ? 6.016   -5.463  5.768   1.00 28.88 ? 63  GLU A N   1 
ATOM   262  C CA  . GLU A 1 33 ? 7.429   -5.691  5.498   1.00 28.40 ? 63  GLU A CA  1 
ATOM   263  C C   . GLU A 1 33 ? 8.089   -4.327  5.319   1.00 27.23 ? 63  GLU A C   1 
ATOM   264  O O   . GLU A 1 33 ? 9.087   -4.024  5.954   1.00 27.74 ? 63  GLU A O   1 
ATOM   265  C CB  . GLU A 1 33 ? 7.598   -6.527  4.223   1.00 28.00 ? 63  GLU A CB  1 
ATOM   266  C CG  . GLU A 1 33 ? 9.040   -6.702  3.795   1.00 32.23 ? 63  GLU A CG  1 
ATOM   267  C CD  . GLU A 1 33 ? 9.186   -7.419  2.469   1.00 37.68 ? 63  GLU A CD  1 
ATOM   268  O OE1 . GLU A 1 33 ? 8.600   -6.946  1.472   1.00 40.96 ? 63  GLU A OE1 1 
ATOM   269  O OE2 . GLU A 1 33 ? 9.901   -8.444  2.412   1.00 41.73 ? 63  GLU A OE2 1 
ATOM   270  N N   . PHE A 1 34 ? 7.503   -3.507  4.451   1.00 28.79 ? 64  PHE A N   1 
ATOM   271  C CA  . PHE A 1 34 ? 7.989   -2.161  4.157   1.00 27.83 ? 64  PHE A CA  1 
ATOM   272  C C   . PHE A 1 34 ? 8.210   -1.325  5.418   1.00 30.83 ? 64  PHE A C   1 
ATOM   273  O O   . PHE A 1 34 ? 9.322   -0.863  5.671   1.00 29.92 ? 64  PHE A O   1 
ATOM   274  C CB  . PHE A 1 34 ? 6.994   -1.447  3.249   1.00 27.09 ? 64  PHE A CB  1 
ATOM   275  C CG  . PHE A 1 34 ? 7.410   -0.066  2.860   1.00 28.02 ? 64  PHE A CG  1 
ATOM   276  C CD1 . PHE A 1 34 ? 8.550   0.140   2.098   1.00 30.46 ? 64  PHE A CD1 1 
ATOM   277  C CD2 . PHE A 1 34 ? 6.665   1.033   3.254   1.00 26.98 ? 64  PHE A CD2 1 
ATOM   278  C CE1 . PHE A 1 34 ? 8.941   1.422   1.735   1.00 31.16 ? 64  PHE A CE1 1 
ATOM   279  C CE2 . PHE A 1 34 ? 7.050   2.317   2.896   1.00 28.07 ? 64  PHE A CE2 1 
ATOM   280  C CZ  . PHE A 1 34 ? 8.188   2.512   2.135   1.00 27.32 ? 64  PHE A CZ  1 
ATOM   281  N N   . ILE A 1 35 ? 7.151   -1.121  6.203   1.00 32.43 ? 65  ILE A N   1 
ATOM   282  C CA  . ILE A 1 35 ? 7.260   -0.340  7.433   1.00 32.62 ? 65  ILE A CA  1 
ATOM   283  C C   . ILE A 1 35 ? 8.469   -0.806  8.234   1.00 32.82 ? 65  ILE A C   1 
ATOM   284  O O   . ILE A 1 35 ? 9.329   0.005   8.579   1.00 34.99 ? 65  ILE A O   1 
ATOM   285  C CB  . ILE A 1 35 ? 5.968   -0.446  8.311   1.00 33.53 ? 65  ILE A CB  1 
ATOM   286  C CG1 . ILE A 1 35 ? 4.816   0.307   7.636   1.00 34.69 ? 65  ILE A CG1 1 
ATOM   287  C CG2 . ILE A 1 35 ? 6.225   0.119   9.713   1.00 34.57 ? 65  ILE A CG2 1 
ATOM   288  C CD1 . ILE A 1 35 ? 3.593   0.477   8.511   1.00 32.71 ? 65  ILE A CD1 1 
ATOM   289  N N   . THR A 1 36 ? 8.530   -2.110  8.508   1.00 31.73 ? 66  THR A N   1 
ATOM   290  C CA  . THR A 1 36 ? 9.633   -2.727  9.248   1.00 29.73 ? 66  THR A CA  1 
ATOM   291  C C   . THR A 1 36 ? 11.007  -2.295  8.733   1.00 30.17 ? 66  THR A C   1 
ATOM   292  O O   . THR A 1 36 ? 11.822  -1.768  9.493   1.00 29.93 ? 66  THR A O   1 
ATOM   293  C CB  . THR A 1 36 ? 9.553   -4.250  9.164   1.00 28.31 ? 66  THR A CB  1 
ATOM   294  O OG1 . THR A 1 36 ? 8.414   -4.705  9.894   1.00 31.03 ? 66  THR A OG1 1 
ATOM   295  C CG2 . THR A 1 36 ? 10.793  -4.877  9.731   1.00 30.10 ? 66  THR A CG2 1 
ATOM   296  N N   . GLU A 1 37 ? 11.262  -2.543  7.448   1.00 29.72 ? 67  GLU A N   1 
ATOM   297  C CA  . GLU A 1 37 ? 12.520  -2.170  6.797   1.00 29.73 ? 67  GLU A CA  1 
ATOM   298  C C   . GLU A 1 37 ? 12.818  -0.718  7.140   1.00 29.88 ? 67  GLU A C   1 
ATOM   299  O O   . GLU A 1 37 ? 13.850  -0.411  7.714   1.00 29.98 ? 67  GLU A O   1 
ATOM   300  C CB  . GLU A 1 37 ? 12.379  -2.371  5.283   1.00 31.07 ? 67  GLU A CB  1 
ATOM   301  C CG  . GLU A 1 37 ? 13.469  -1.788  4.360   1.00 38.02 ? 67  GLU A CG  1 
ATOM   302  C CD  . GLU A 1 37 ? 14.853  -2.397  4.541   1.00 40.59 ? 67  GLU A CD  1 
ATOM   303  O OE1 . GLU A 1 37 ? 15.071  -3.095  5.553   1.00 43.27 ? 67  GLU A OE1 1 
ATOM   304  O OE2 . GLU A 1 37 ? 15.725  -2.155  3.669   1.00 36.96 ? 67  GLU A OE2 1 
ATOM   305  N N   . MET A 1 38 ? 11.891  0.167   6.799   1.00 32.28 ? 68  MET A N   1 
ATOM   306  C CA  . MET A 1 38 ? 12.008  1.593   7.095   1.00 34.75 ? 68  MET A CA  1 
ATOM   307  C C   . MET A 1 38 ? 12.335  1.792   8.568   1.00 37.43 ? 68  MET A C   1 
ATOM   308  O O   . MET A 1 38 ? 13.198  2.599   8.926   1.00 38.73 ? 68  MET A O   1 
ATOM   309  C CB  . MET A 1 38 ? 10.680  2.296   6.818   1.00 35.55 ? 68  MET A CB  1 
ATOM   310  C CG  . MET A 1 38 ? 10.274  2.319   5.370   1.00 35.71 ? 68  MET A CG  1 
ATOM   311  S SD  . MET A 1 38 ? 11.315  3.439   4.455   1.00 36.67 ? 68  MET A SD  1 
ATOM   312  C CE  . MET A 1 38 ? 10.904  5.000   5.297   1.00 31.24 ? 68  MET A CE  1 
ATOM   313  N N   . THR A 1 39 ? 11.615  1.062   9.419   1.00 39.02 ? 69  THR A N   1 
ATOM   314  C CA  . THR A 1 39 ? 11.792  1.155   10.861  1.00 39.45 ? 69  THR A CA  1 
ATOM   315  C C   . THR A 1 39 ? 13.231  0.833   11.251  1.00 38.11 ? 69  THR A C   1 
ATOM   316  O O   . THR A 1 39 ? 13.837  1.549   12.038  1.00 39.08 ? 69  THR A O   1 
ATOM   317  C CB  . THR A 1 39 ? 10.846  0.196   11.588  1.00 41.49 ? 69  THR A CB  1 
ATOM   318  O OG1 . THR A 1 39 ? 9.520   0.342   11.059  1.00 42.36 ? 69  THR A OG1 1 
ATOM   319  C CG2 . THR A 1 39 ? 10.823  0.521   13.086  1.00 43.50 ? 69  THR A CG2 1 
ATOM   320  N N   . HIS A 1 40 ? 13.770  -0.251  10.707  1.00 37.40 ? 70  HIS A N   1 
ATOM   321  C CA  . HIS A 1 40 ? 15.146  -0.637  10.983  1.00 35.38 ? 70  HIS A CA  1 
ATOM   322  C C   . HIS A 1 40 ? 16.118  0.375   10.383  1.00 35.16 ? 70  HIS A C   1 
ATOM   323  O O   . HIS A 1 40 ? 17.077  0.763   11.038  1.00 36.16 ? 70  HIS A O   1 
ATOM   324  C CB  . HIS A 1 40 ? 15.423  -2.032  10.417  1.00 36.91 ? 70  HIS A CB  1 
ATOM   325  C CG  . HIS A 1 40 ? 14.964  -3.148  11.304  1.00 37.95 ? 70  HIS A CG  1 
ATOM   326  N ND1 . HIS A 1 40 ? 14.577  -4.376  10.808  1.00 38.03 ? 70  HIS A ND1 1 
ATOM   327  C CD2 . HIS A 1 40 ? 14.886  -3.250  12.653  1.00 39.37 ? 70  HIS A CD2 1 
ATOM   328  C CE1 . HIS A 1 40 ? 14.280  -5.183  11.816  1.00 40.90 ? 70  HIS A CE1 1 
ATOM   329  N NE2 . HIS A 1 40 ? 14.460  -4.521  12.944  1.00 40.30 ? 70  HIS A NE2 1 
ATOM   330  N N   . LYS A 1 41 ? 15.860  0.807   9.145   1.00 34.12 ? 71  LYS A N   1 
ATOM   331  C CA  . LYS A 1 41 ? 16.712  1.785   8.450   1.00 31.67 ? 71  LYS A CA  1 
ATOM   332  C C   . LYS A 1 41 ? 16.773  3.116   9.194   1.00 32.97 ? 71  LYS A C   1 
ATOM   333  O O   . LYS A 1 41 ? 17.826  3.735   9.294   1.00 31.78 ? 71  LYS A O   1 
ATOM   334  C CB  . LYS A 1 41 ? 16.177  2.065   7.046   1.00 30.12 ? 71  LYS A CB  1 
ATOM   335  C CG  . LYS A 1 41 ? 16.157  0.912   6.042   1.00 29.82 ? 71  LYS A CG  1 
ATOM   336  C CD  . LYS A 1 41 ? 17.521  0.573   5.473   1.00 31.06 ? 71  LYS A CD  1 
ATOM   337  C CE  . LYS A 1 41 ? 18.314  -0.305  6.426   1.00 31.73 ? 71  LYS A CE  1 
ATOM   338  N NZ  . LYS A 1 41 ? 17.534  -1.545  6.693   1.00 33.04 ? 71  LYS A NZ  1 
ATOM   339  N N   . ALA A 1 42 ? 15.625  3.553   9.700   1.00 36.03 ? 72  ALA A N   1 
ATOM   340  C CA  . ALA A 1 42 ? 15.499  4.810   10.428  1.00 37.81 ? 72  ALA A CA  1 
ATOM   341  C C   . ALA A 1 42 ? 16.273  4.848   11.743  1.00 39.77 ? 72  ALA A C   1 
ATOM   342  O O   . ALA A 1 42 ? 16.962  5.830   12.030  1.00 41.33 ? 72  ALA A O   1 
ATOM   343  C CB  . ALA A 1 42 ? 14.031  5.096   10.694  1.00 38.71 ? 72  ALA A CB  1 
ATOM   344  N N   . MET A 1 43 ? 16.146  3.790   12.546  1.00 38.86 ? 73  MET A N   1 
ATOM   345  C CA  . MET A 1 43 ? 16.842  3.719   13.832  1.00 38.75 ? 73  MET A CA  1 
ATOM   346  C C   . MET A 1 43 ? 18.346  3.821   13.584  1.00 40.79 ? 73  MET A C   1 
ATOM   347  O O   . MET A 1 43 ? 19.050  4.568   14.260  1.00 41.42 ? 73  MET A O   1 
ATOM   348  C CB  . MET A 1 43 ? 16.529  2.397   14.545  1.00 36.56 ? 73  MET A CB  1 
ATOM   349  C CG  . MET A 1 43 ? 15.052  2.119   14.780  1.00 32.84 ? 73  MET A CG  1 
ATOM   350  S SD  . MET A 1 43 ? 14.751  0.573   15.686  1.00 32.65 ? 73  MET A SD  1 
ATOM   351  C CE  . MET A 1 43 ? 15.581  -0.631  14.694  1.00 32.82 ? 73  MET A CE  1 
ATOM   352  N N   . SER A 1 44 ? 18.817  3.058   12.600  1.00 43.61 ? 74  SER A N   1 
ATOM   353  C CA  . SER A 1 44 ? 20.220  2.997   12.190  1.00 45.99 ? 74  SER A CA  1 
ATOM   354  C C   . SER A 1 44 ? 20.910  4.343   11.979  1.00 47.12 ? 74  SER A C   1 
ATOM   355  O O   . SER A 1 44 ? 22.138  4.409   11.840  1.00 45.96 ? 74  SER A O   1 
ATOM   356  C CB  . SER A 1 44 ? 20.331  2.188   10.894  1.00 48.29 ? 74  SER A CB  1 
ATOM   357  O OG  . SER A 1 44 ? 21.620  2.308   10.315  1.00 54.61 ? 74  SER A OG  1 
ATOM   358  N N   . ILE A 1 45 ? 20.131  5.415   11.937  1.00 49.02 ? 75  ILE A N   1 
ATOM   359  C CA  . ILE A 1 45 ? 20.715  6.732   11.743  1.00 48.60 ? 75  ILE A CA  1 
ATOM   360  C C   . ILE A 1 45 ? 20.418  7.605   12.945  1.00 48.55 ? 75  ILE A C   1 
ATOM   361  O O   . ILE A 1 45 ? 21.379  8.170   13.512  1.00 49.42 ? 75  ILE A O   1 
ATOM   362  C CB  . ILE A 1 45 ? 20.187  7.400   10.448  1.00 47.03 ? 75  ILE A CB  1 
ATOM   363  C CG1 . ILE A 1 45 ? 18.699  7.725   10.559  1.00 41.57 ? 75  ILE A CG1 1 
ATOM   364  C CG2 . ILE A 1 45 ? 20.423  6.454   9.269   1.00 48.87 ? 75  ILE A CG2 1 
ATOM   365  C CD1 . ILE A 1 45 ? 18.157  8.414   9.338   1.00 36.22 ? 75  ILE A CD1 1 
ATOM   366  O OXT . ILE A 1 45 ? 19.226  7.703   13.302  1.00 50.18 ? 75  ILE A OXT 1 
ATOM   367  N N   . PHE B 2 1  ? -17.180 15.271  -16.017 1.00 34.55 ? 113 PHE B N   1 
ATOM   368  C CA  . PHE B 2 1  ? -16.502 14.007  -15.613 1.00 35.11 ? 113 PHE B CA  1 
ATOM   369  C C   . PHE B 2 1  ? -17.555 13.106  -14.995 1.00 34.41 ? 113 PHE B C   1 
ATOM   370  O O   . PHE B 2 1  ? -18.708 13.503  -14.903 1.00 34.68 ? 113 PHE B O   1 
ATOM   371  C CB  . PHE B 2 1  ? -15.389 14.320  -14.618 1.00 37.81 ? 113 PHE B CB  1 
ATOM   372  C CG  . PHE B 2 1  ? -15.875 14.897  -13.321 1.00 36.84 ? 113 PHE B CG  1 
ATOM   373  C CD1 . PHE B 2 1  ? -16.042 16.265  -13.183 1.00 37.31 ? 113 PHE B CD1 1 
ATOM   374  C CD2 . PHE B 2 1  ? -16.179 14.076  -12.253 1.00 35.76 ? 113 PHE B CD2 1 
ATOM   375  C CE1 . PHE B 2 1  ? -16.503 16.808  -11.997 1.00 36.03 ? 113 PHE B CE1 1 
ATOM   376  C CE2 . PHE B 2 1  ? -16.637 14.615  -11.063 1.00 39.81 ? 113 PHE B CE2 1 
ATOM   377  C CZ  . PHE B 2 1  ? -16.802 15.987  -10.938 1.00 37.74 ? 113 PHE B CZ  1 
ATOM   378  N N   . SER B 2 2  ? -17.180 11.906  -14.569 1.00 33.84 ? 114 SER B N   1 
ATOM   379  C CA  . SER B 2 2  ? -18.168 11.000  -14.002 1.00 35.21 ? 114 SER B CA  1 
ATOM   380  C C   . SER B 2 2  ? -18.102 10.817  -12.495 1.00 36.48 ? 114 SER B C   1 
ATOM   381  O O   . SER B 2 2  ? -17.069 11.048  -11.865 1.00 37.26 ? 114 SER B O   1 
ATOM   382  C CB  . SER B 2 2  ? -18.069 9.632   -14.665 1.00 35.19 ? 114 SER B CB  1 
ATOM   383  O OG  . SER B 2 2  ? -16.812 9.036   -14.404 1.00 38.38 ? 114 SER B OG  1 
ATOM   384  N N   . GLU B 2 3  ? -19.230 10.397  -11.932 1.00 37.86 ? 115 GLU B N   1 
ATOM   385  C CA  . GLU B 2 3  ? -19.353 10.152  -10.501 1.00 39.22 ? 115 GLU B CA  1 
ATOM   386  C C   . GLU B 2 3  ? -18.360 9.105   -9.985  1.00 40.07 ? 115 GLU B C   1 
ATOM   387  O O   . GLU B 2 3  ? -18.024 9.091   -8.796  1.00 40.93 ? 115 GLU B O   1 
ATOM   388  C CB  . GLU B 2 3  ? -20.779 9.708   -10.167 1.00 36.64 ? 115 GLU B CB  1 
ATOM   389  C CG  . GLU B 2 3  ? -20.892 9.027   -8.817  1.00 38.72 ? 115 GLU B CG  1 
ATOM   390  C CD  . GLU B 2 3  ? -22.276 8.514   -8.542  1.00 38.54 ? 115 GLU B CD  1 
ATOM   391  O OE1 . GLU B 2 3  ? -22.933 8.053   -9.504  1.00 38.22 ? 115 GLU B OE1 1 
ATOM   392  O OE2 . GLU B 2 3  ? -22.692 8.543   -7.364  1.00 37.61 ? 115 GLU B OE2 1 
ATOM   393  N N   . GLU B 2 4  ? -17.895 8.224   -10.865 1.00 40.26 ? 116 GLU B N   1 
ATOM   394  C CA  . GLU B 2 4  ? -16.948 7.213   -10.433 1.00 40.63 ? 116 GLU B CA  1 
ATOM   395  C C   . GLU B 2 4  ? -15.587 7.868   -10.272 1.00 41.32 ? 116 GLU B C   1 
ATOM   396  O O   . GLU B 2 4  ? -14.846 7.559   -9.334  1.00 43.33 ? 116 GLU B O   1 
ATOM   397  C CB  . GLU B 2 4  ? -16.868 6.066   -11.442 1.00 43.26 ? 116 GLU B CB  1 
ATOM   398  C CG  . GLU B 2 4  ? -15.938 4.932   -11.002 1.00 46.95 ? 116 GLU B CG  1 
ATOM   399  C CD  . GLU B 2 4  ? -15.992 3.724   -11.927 1.00 47.91 ? 116 GLU B CD  1 
ATOM   400  O OE1 . GLU B 2 4  ? -15.624 3.853   -13.120 1.00 46.29 ? 116 GLU B OE1 1 
ATOM   401  O OE2 . GLU B 2 4  ? -16.412 2.645   -11.449 1.00 46.17 ? 116 GLU B OE2 1 
ATOM   402  N N   . GLN B 2 5  ? -15.251 8.779   -11.181 1.00 39.12 ? 117 GLN B N   1 
ATOM   403  C CA  . GLN B 2 5  ? -13.970 9.473   -11.101 1.00 38.24 ? 117 GLN B CA  1 
ATOM   404  C C   . GLN B 2 5  ? -13.981 10.295  -9.821  1.00 38.20 ? 117 GLN B C   1 
ATOM   405  O O   . GLN B 2 5  ? -12.976 10.386  -9.113  1.00 39.77 ? 117 GLN B O   1 
ATOM   406  C CB  . GLN B 2 5  ? -13.780 10.424  -12.280 1.00 38.29 ? 117 GLN B CB  1 
ATOM   407  C CG  . GLN B 2 5  ? -13.972 9.804   -13.637 1.00 39.52 ? 117 GLN B CG  1 
ATOM   408  C CD  . GLN B 2 5  ? -13.751 10.801  -14.745 1.00 40.20 ? 117 GLN B CD  1 
ATOM   409  O OE1 . GLN B 2 5  ? -12.627 11.241  -14.984 1.00 43.24 ? 117 GLN B OE1 1 
ATOM   410  N NE2 . GLN B 2 5  ? -14.829 11.181  -15.421 1.00 43.81 ? 117 GLN B NE2 1 
ATOM   411  N N   . LEU B 2 6  ? -15.134 10.898  -9.544  1.00 35.78 ? 118 LEU B N   1 
ATOM   412  C CA  . LEU B 2 6  ? -15.317 11.729  -8.363  1.00 34.60 ? 118 LEU B CA  1 
ATOM   413  C C   . LEU B 2 6  ? -15.240 10.847  -7.114  1.00 35.19 ? 118 LEU B C   1 
ATOM   414  O O   . LEU B 2 6  ? -14.585 11.180  -6.125  1.00 36.78 ? 118 LEU B O   1 
ATOM   415  C CB  . LEU B 2 6  ? -16.687 12.406  -8.438  1.00 31.76 ? 118 LEU B CB  1 
ATOM   416  C CG  . LEU B 2 6  ? -17.011 13.616  -7.566  1.00 30.75 ? 118 LEU B CG  1 
ATOM   417  C CD1 . LEU B 2 6  ? -18.499 13.863  -7.653  1.00 32.81 ? 118 LEU B CD1 1 
ATOM   418  C CD2 . LEU B 2 6  ? -16.634 13.383  -6.138  1.00 26.96 ? 118 LEU B CD2 1 
ATOM   419  N N   . ASN B 2 7  ? -15.907 9.704   -7.178  1.00 34.02 ? 119 ASN B N   1 
ATOM   420  C CA  . ASN B 2 7  ? -15.939 8.793   -6.056  1.00 34.94 ? 119 ASN B CA  1 
ATOM   421  C C   . ASN B 2 7  ? -14.627 8.027   -5.892  1.00 35.42 ? 119 ASN B C   1 
ATOM   422  O O   . ASN B 2 7  ? -14.383 7.448   -4.835  1.00 36.11 ? 119 ASN B O   1 
ATOM   423  C CB  . ASN B 2 7  ? -17.106 7.819   -6.226  1.00 38.20 ? 119 ASN B CB  1 
ATOM   424  C CG  . ASN B 2 7  ? -17.775 7.481   -4.912  1.00 42.78 ? 119 ASN B CG  1 
ATOM   425  O OD1 . ASN B 2 7  ? -17.159 6.892   -4.013  1.00 40.63 ? 119 ASN B OD1 1 
ATOM   426  N ND2 . ASN B 2 7  ? -19.051 7.867   -4.784  1.00 46.80 ? 119 ASN B ND2 1 
ATOM   427  N N   . ARG B 2 8  ? -13.785 8.008   -6.928  1.00 34.28 ? 120 ARG B N   1 
ATOM   428  C CA  . ARG B 2 8  ? -12.504 7.313   -6.823  1.00 35.03 ? 120 ARG B CA  1 
ATOM   429  C C   . ARG B 2 8  ? -11.447 8.243   -6.217  1.00 36.70 ? 120 ARG B C   1 
ATOM   430  O O   . ARG B 2 8  ? -10.496 7.790   -5.563  1.00 36.17 ? 120 ARG B O   1 
ATOM   431  C CB  . ARG B 2 8  ? -11.994 6.828   -8.185  1.00 36.22 ? 120 ARG B CB  1 
ATOM   432  C CG  . ARG B 2 8  ? -10.655 6.067   -8.070  1.00 37.60 ? 120 ARG B CG  1 
ATOM   433  C CD  . ARG B 2 8  ? -9.948  5.846   -9.397  1.00 37.27 ? 120 ARG B CD  1 
ATOM   434  N NE  . ARG B 2 8  ? -10.762 5.123   -10.367 1.00 42.72 ? 120 ARG B NE  1 
ATOM   435  C CZ  . ARG B 2 8  ? -11.191 3.871   -10.214 1.00 46.86 ? 120 ARG B CZ  1 
ATOM   436  N NH1 . ARG B 2 8  ? -10.882 3.184   -9.117  1.00 46.50 ? 120 ARG B NH1 1 
ATOM   437  N NH2 . ARG B 2 8  ? -11.928 3.302   -11.166 1.00 48.38 ? 120 ARG B NH2 1 
ATOM   438  N N   . TYR B 2 9  ? -11.602 9.546   -6.456  1.00 35.42 ? 121 TYR B N   1 
ATOM   439  C CA  . TYR B 2 9  ? -10.668 10.530  -5.920  1.00 33.62 ? 121 TYR B CA  1 
ATOM   440  C C   . TYR B 2 9  ? -11.000 10.800  -4.456  1.00 34.06 ? 121 TYR B C   1 
ATOM   441  O O   . TYR B 2 9  ? -10.130 11.133  -3.652  1.00 31.47 ? 121 TYR B O   1 
ATOM   442  C CB  . TYR B 2 9  ? -10.748 11.842  -6.710  1.00 30.22 ? 121 TYR B CB  1 
ATOM   443  C CG  . TYR B 2 9  ? -9.923  12.942  -6.090  1.00 27.42 ? 121 TYR B CG  1 
ATOM   444  C CD1 . TYR B 2 9  ? -8.536  12.870  -6.065  1.00 29.94 ? 121 TYR B CD1 1 
ATOM   445  C CD2 . TYR B 2 9  ? -10.532 14.010  -5.448  1.00 26.71 ? 121 TYR B CD2 1 
ATOM   446  C CE1 . TYR B 2 9  ? -7.778  13.832  -5.406  1.00 30.50 ? 121 TYR B CE1 1 
ATOM   447  C CE2 . TYR B 2 9  ? -9.788  14.973  -4.787  1.00 27.25 ? 121 TYR B CE2 1 
ATOM   448  C CZ  . TYR B 2 9  ? -8.412  14.879  -4.767  1.00 28.49 ? 121 TYR B CZ  1 
ATOM   449  O OH  . TYR B 2 9  ? -7.675  15.824  -4.090  1.00 33.91 ? 121 TYR B OH  1 
ATOM   450  N N   . GLU B 2 10 ? -12.274 10.662  -4.120  1.00 35.54 ? 122 GLU B N   1 
ATOM   451  C CA  . GLU B 2 10 ? -12.725 10.901  -2.761  1.00 37.67 ? 122 GLU B CA  1 
ATOM   452  C C   . GLU B 2 10 ? -12.205 9.768   -1.878  1.00 36.87 ? 122 GLU B C   1 
ATOM   453  O O   . GLU B 2 10 ? -11.777 9.982   -0.742  1.00 35.66 ? 122 GLU B O   1 
ATOM   454  C CB  . GLU B 2 10 ? -14.260 10.982  -2.752  1.00 35.99 ? 122 GLU B CB  1 
ATOM   455  C CG  . GLU B 2 10 ? -14.914 11.246  -1.403  1.00 37.13 ? 122 GLU B CG  1 
ATOM   456  C CD  . GLU B 2 10 ? -14.376 12.482  -0.709  1.00 37.64 ? 122 GLU B CD  1 
ATOM   457  O OE1 . GLU B 2 10 ? -13.776 13.335  -1.391  1.00 39.56 ? 122 GLU B OE1 1 
ATOM   458  O OE2 . GLU B 2 10 ? -14.577 12.613  0.518   1.00 37.67 ? 122 GLU B OE2 1 
ATOM   459  N N   . MET B 2 11 ? -12.223 8.561   -2.430  1.00 36.85 ? 123 MET B N   1 
ATOM   460  C CA  . MET B 2 11 ? -11.751 7.392   -1.709  1.00 36.76 ? 123 MET B CA  1 
ATOM   461  C C   . MET B 2 11 ? -10.236 7.522   -1.590  1.00 35.97 ? 123 MET B C   1 
ATOM   462  O O   . MET B 2 11 ? -9.649  7.201   -0.555  1.00 32.85 ? 123 MET B O   1 
ATOM   463  C CB  . MET B 2 11 ? -12.113 6.124   -2.474  1.00 38.05 ? 123 MET B CB  1 
ATOM   464  C CG  . MET B 2 11 ? -12.669 5.053   -1.581  1.00 42.19 ? 123 MET B CG  1 
ATOM   465  S SD  . MET B 2 11 ? -14.137 5.686   -0.794  1.00 46.17 ? 123 MET B SD  1 
ATOM   466  C CE  . MET B 2 11 ? -15.151 6.010   -2.209  1.00 50.03 ? 123 MET B CE  1 
ATOM   467  N N   . TYR B 2 12 ? -9.606  7.989   -2.663  1.00 36.86 ? 124 TYR B N   1 
ATOM   468  C CA  . TYR B 2 12 ? -8.168  8.191   -2.641  1.00 38.06 ? 124 TYR B CA  1 
ATOM   469  C C   . TYR B 2 12 ? -7.837  9.143   -1.487  1.00 38.59 ? 124 TYR B C   1 
ATOM   470  O O   . TYR B 2 12 ? -7.319  8.741   -0.446  1.00 40.64 ? 124 TYR B O   1 
ATOM   471  C CB  . TYR B 2 12 ? -7.689  8.811   -3.953  1.00 34.61 ? 124 TYR B CB  1 
ATOM   472  C CG  . TYR B 2 12 ? -6.330  9.449   -3.824  1.00 35.52 ? 124 TYR B CG  1 
ATOM   473  C CD1 . TYR B 2 12 ? -5.223  8.702   -3.417  1.00 39.36 ? 124 TYR B CD1 1 
ATOM   474  C CD2 . TYR B 2 12 ? -6.161  10.815  -4.039  1.00 34.35 ? 124 TYR B CD2 1 
ATOM   475  C CE1 . TYR B 2 12 ? -3.972  9.306   -3.216  1.00 40.50 ? 124 TYR B CE1 1 
ATOM   476  C CE2 . TYR B 2 12 ? -4.922  11.434  -3.845  1.00 36.58 ? 124 TYR B CE2 1 
ATOM   477  C CZ  . TYR B 2 12 ? -3.829  10.677  -3.432  1.00 39.98 ? 124 TYR B CZ  1 
ATOM   478  O OH  . TYR B 2 12 ? -2.611  11.292  -3.204  1.00 39.41 ? 124 TYR B OH  1 
ATOM   479  N N   . ARG B 2 13 ? -8.170  10.408  -1.703  1.00 37.43 ? 125 ARG B N   1 
ATOM   480  C CA  . ARG B 2 13 ? -7.946  11.492  -0.761  1.00 34.51 ? 125 ARG B CA  1 
ATOM   481  C C   . ARG B 2 13 ? -8.116  11.155  0.721   1.00 32.94 ? 125 ARG B C   1 
ATOM   482  O O   . ARG B 2 13 ? -7.289  11.551  1.534   1.00 33.26 ? 125 ARG B O   1 
ATOM   483  C CB  . ARG B 2 13 ? -8.864  12.663  -1.140  1.00 35.21 ? 125 ARG B CB  1 
ATOM   484  C CG  . ARG B 2 13 ? -8.661  13.934  -0.328  1.00 35.21 ? 125 ARG B CG  1 
ATOM   485  C CD  . ARG B 2 13 ? -9.465  15.086  -0.909  1.00 29.87 ? 125 ARG B CD  1 
ATOM   486  N NE  . ARG B 2 13 ? -10.911 14.906  -0.798  1.00 25.85 ? 125 ARG B NE  1 
ATOM   487  C CZ  . ARG B 2 13 ? -11.604 15.113  0.313   1.00 24.79 ? 125 ARG B CZ  1 
ATOM   488  N NH1 . ARG B 2 13 ? -10.985 15.508  1.411   1.00 25.75 ? 125 ARG B NH1 1 
ATOM   489  N NH2 . ARG B 2 13 ? -12.917 14.946  0.321   1.00 20.89 ? 125 ARG B NH2 1 
ATOM   490  N N   . ARG B 2 14 ? -9.165  10.414  1.071   1.00 31.40 ? 126 ARG B N   1 
ATOM   491  C CA  . ARG B 2 14 ? -9.432  10.097  2.476   1.00 32.47 ? 126 ARG B CA  1 
ATOM   492  C C   . ARG B 2 14 ? -8.890  8.778   3.028   1.00 33.65 ? 126 ARG B C   1 
ATOM   493  O O   . ARG B 2 14 ? -8.808  8.608   4.247   1.00 33.23 ? 126 ARG B O   1 
ATOM   494  C CB  . ARG B 2 14 ? -10.937 10.157  2.742   1.00 31.93 ? 126 ARG B CB  1 
ATOM   495  C CG  . ARG B 2 14 ? -11.606 11.303  2.035   1.00 33.94 ? 126 ARG B CG  1 
ATOM   496  C CD  . ARG B 2 14 ? -12.925 11.714  2.665   1.00 34.35 ? 126 ARG B CD  1 
ATOM   497  N NE  . ARG B 2 14 ? -12.732 12.666  3.753   1.00 32.03 ? 126 ARG B NE  1 
ATOM   498  C CZ  . ARG B 2 14 ? -13.568 13.665  4.013   1.00 32.01 ? 126 ARG B CZ  1 
ATOM   499  N NH1 . ARG B 2 14 ? -14.648 13.833  3.263   1.00 34.08 ? 126 ARG B NH1 1 
ATOM   500  N NH2 . ARG B 2 14 ? -13.313 14.516  4.996   1.00 27.80 ? 126 ARG B NH2 1 
ATOM   501  N N   . SER B 2 15 ? -8.540  7.846   2.145   1.00 32.79 ? 127 SER B N   1 
ATOM   502  C CA  . SER B 2 15 ? -7.998  6.558   2.563   1.00 30.31 ? 127 SER B CA  1 
ATOM   503  C C   . SER B 2 15 ? -6.734  6.788   3.363   1.00 28.30 ? 127 SER B C   1 
ATOM   504  O O   . SER B 2 15 ? -5.970  7.703   3.080   1.00 25.40 ? 127 SER B O   1 
ATOM   505  C CB  . SER B 2 15 ? -7.688  5.689   1.345   1.00 33.76 ? 127 SER B CB  1 
ATOM   506  O OG  . SER B 2 15 ? -6.826  6.365   0.447   1.00 35.86 ? 127 SER B OG  1 
ATOM   507  N N   . ALA B 2 16 ? -6.523  5.956   4.373   1.00 29.05 ? 128 ALA B N   1 
ATOM   508  C CA  . ALA B 2 16 ? -5.358  6.069   5.243   1.00 29.86 ? 128 ALA B CA  1 
ATOM   509  C C   . ALA B 2 16 ? -5.283  4.855   6.149   1.00 28.37 ? 128 ALA B C   1 
ATOM   510  O O   . ALA B 2 16 ? -6.280  4.190   6.373   1.00 30.42 ? 128 ALA B O   1 
ATOM   511  C CB  . ALA B 2 16 ? -5.461  7.328   6.086   1.00 27.15 ? 128 ALA B CB  1 
ATOM   512  N N   . PHE B 2 17 ? -4.107  4.544   6.668   1.00 30.49 ? 129 PHE B N   1 
ATOM   513  C CA  . PHE B 2 17 ? -4.010  3.398   7.559   1.00 32.67 ? 129 PHE B CA  1 
ATOM   514  C C   . PHE B 2 17 ? -4.443  3.827   8.958   1.00 34.37 ? 129 PHE B C   1 
ATOM   515  O O   . PHE B 2 17 ? -4.285  4.984   9.351   1.00 36.88 ? 129 PHE B O   1 
ATOM   516  C CB  . PHE B 2 17 ? -2.575  2.846   7.638   1.00 31.21 ? 129 PHE B CB  1 
ATOM   517  C CG  . PHE B 2 17 ? -2.035  2.335   6.338   1.00 28.74 ? 129 PHE B CG  1 
ATOM   518  C CD1 . PHE B 2 17 ? -1.467  3.196   5.417   1.00 28.63 ? 129 PHE B CD1 1 
ATOM   519  C CD2 . PHE B 2 17 ? -2.099  0.985   6.035   1.00 27.88 ? 129 PHE B CD2 1 
ATOM   520  C CE1 . PHE B 2 17 ? -0.963  2.713   4.220   1.00 26.81 ? 129 PHE B CE1 1 
ATOM   521  C CE2 . PHE B 2 17 ? -1.598  0.498   4.838   1.00 27.20 ? 129 PHE B CE2 1 
ATOM   522  C CZ  . PHE B 2 17 ? -1.030  1.365   3.931   1.00 25.87 ? 129 PHE B CZ  1 
ATOM   523  N N   . PRO B 2 18 ? -4.994  2.897   9.733   1.00 35.07 ? 130 PRO B N   1 
ATOM   524  C CA  . PRO B 2 18 ? -5.431  3.215   11.090  1.00 36.09 ? 130 PRO B CA  1 
ATOM   525  C C   . PRO B 2 18 ? -4.204  3.562   11.942  1.00 37.36 ? 130 PRO B C   1 
ATOM   526  O O   . PRO B 2 18 ? -3.236  2.804   11.956  1.00 39.46 ? 130 PRO B O   1 
ATOM   527  C CB  . PRO B 2 18 ? -6.068  1.904   11.542  1.00 36.61 ? 130 PRO B CB  1 
ATOM   528  C CG  . PRO B 2 18 ? -6.482  1.260   10.229  1.00 36.42 ? 130 PRO B CG  1 
ATOM   529  C CD  . PRO B 2 18 ? -5.251  1.480   9.438   1.00 34.64 ? 130 PRO B CD  1 
ATOM   530  N N   . LYS B 2 19 ? -4.228  4.687   12.650  1.00 37.28 ? 131 LYS B N   1 
ATOM   531  C CA  . LYS B 2 19 ? -3.083  5.055   13.484  1.00 36.08 ? 131 LYS B CA  1 
ATOM   532  C C   . LYS B 2 19 ? -2.745  3.918   14.442  1.00 35.91 ? 131 LYS B C   1 
ATOM   533  O O   . LYS B 2 19 ? -1.590  3.601   14.681  1.00 37.50 ? 131 LYS B O   1 
ATOM   534  C CB  . LYS B 2 19 ? -3.384  6.309   14.312  1.00 36.28 ? 131 LYS B CB  1 
ATOM   535  C CG  . LYS B 2 19 ? -3.430  7.638   13.565  1.00 37.40 ? 131 LYS B CG  1 
ATOM   536  C CD  . LYS B 2 19 ? -3.475  8.782   14.588  1.00 39.24 ? 131 LYS B CD  1 
ATOM   537  C CE  . LYS B 2 19 ? -3.237  10.157  13.978  1.00 40.02 ? 131 LYS B CE  1 
ATOM   538  N NZ  . LYS B 2 19 ? -4.337  10.622  13.093  1.00 42.38 ? 131 LYS B NZ  1 
ATOM   539  N N   . ALA B 2 20 ? -3.785  3.314   14.991  1.00 36.98 ? 132 ALA B N   1 
ATOM   540  C CA  . ALA B 2 20 ? -3.661  2.227   15.942  1.00 36.19 ? 132 ALA B CA  1 
ATOM   541  C C   . ALA B 2 20 ? -2.683  1.117   15.544  1.00 36.10 ? 132 ALA B C   1 
ATOM   542  O O   . ALA B 2 20 ? -1.800  0.755   16.319  1.00 38.76 ? 132 ALA B O   1 
ATOM   543  C CB  . ALA B 2 20 ? -5.048  1.633   16.197  1.00 36.12 ? 132 ALA B CB  1 
ATOM   544  N N   . ALA B 2 21 ? -2.836  0.574   14.343  1.00 33.97 ? 133 ALA B N   1 
ATOM   545  C CA  . ALA B 2 21 ? -1.978  -0.514  13.902  1.00 33.36 ? 133 ALA B CA  1 
ATOM   546  C C   . ALA B 2 21 ? -0.595  -0.089  13.417  1.00 35.37 ? 133 ALA B C   1 
ATOM   547  O O   . ALA B 2 21 ? 0.314   -0.911  13.349  1.00 37.61 ? 133 ALA B O   1 
ATOM   548  C CB  . ALA B 2 21 ? -2.684  -1.311  12.818  1.00 33.08 ? 133 ALA B CB  1 
ATOM   549  N N   . ILE B 2 22 ? -0.424  1.179   13.064  1.00 34.92 ? 134 ILE B N   1 
ATOM   550  C CA  . ILE B 2 22 ? 0.875   1.641   12.596  1.00 34.52 ? 134 ILE B CA  1 
ATOM   551  C C   . ILE B 2 22 ? 1.774   1.836   13.802  1.00 35.22 ? 134 ILE B C   1 
ATOM   552  O O   . ILE B 2 22 ? 2.981   1.632   13.734  1.00 35.21 ? 134 ILE B O   1 
ATOM   553  C CB  . ILE B 2 22 ? 0.750   2.962   11.832  1.00 34.09 ? 134 ILE B CB  1 
ATOM   554  C CG1 . ILE B 2 22 ? -0.165  2.769   10.623  1.00 35.07 ? 134 ILE B CG1 1 
ATOM   555  C CG2 . ILE B 2 22 ? 2.111   3.431   11.379  1.00 35.74 ? 134 ILE B CG2 1 
ATOM   556  C CD1 . ILE B 2 22 ? 0.305   1.709   9.653   1.00 34.17 ? 134 ILE B CD1 1 
ATOM   557  N N   . LYS B 2 23 ? 1.155   2.222   14.909  1.00 34.39 ? 135 LYS B N   1 
ATOM   558  C CA  . LYS B 2 23 ? 1.837   2.449   16.172  1.00 32.33 ? 135 LYS B CA  1 
ATOM   559  C C   . LYS B 2 23 ? 2.275   1.092   16.734  1.00 34.11 ? 135 LYS B C   1 
ATOM   560  O O   . LYS B 2 23 ? 3.420   0.916   17.161  1.00 32.66 ? 135 LYS B O   1 
ATOM   561  C CB  . LYS B 2 23 ? 0.870   3.135   17.139  1.00 30.03 ? 135 LYS B CB  1 
ATOM   562  C CG  . LYS B 2 23 ? 1.463   3.579   18.462  1.00 27.96 ? 135 LYS B CG  1 
ATOM   563  C CD  . LYS B 2 23 ? 0.386   4.166   19.356  1.00 29.66 ? 135 LYS B CD  1 
ATOM   564  C CE  . LYS B 2 23 ? 0.969   4.844   20.571  1.00 29.72 ? 135 LYS B CE  1 
ATOM   565  N NZ  . LYS B 2 23 ? 1.812   5.992   20.152  1.00 31.84 ? 135 LYS B NZ  1 
ATOM   566  N N   . ARG B 2 24 ? 1.349   0.136   16.720  1.00 35.71 ? 136 ARG B N   1 
ATOM   567  C CA  . ARG B 2 24 ? 1.597   -1.215  17.221  1.00 37.09 ? 136 ARG B CA  1 
ATOM   568  C C   . ARG B 2 24 ? 2.686   -1.961  16.448  1.00 36.88 ? 136 ARG B C   1 
ATOM   569  O O   . ARG B 2 24 ? 3.478   -2.694  17.027  1.00 37.35 ? 136 ARG B O   1 
ATOM   570  C CB  . ARG B 2 24 ? 0.299   -2.021  17.175  1.00 39.92 ? 136 ARG B CB  1 
ATOM   571  C CG  . ARG B 2 24 ? 0.463   -3.485  17.517  1.00 44.63 ? 136 ARG B CG  1 
ATOM   572  C CD  . ARG B 2 24 ? -0.874  -4.210  17.486  1.00 51.49 ? 136 ARG B CD  1 
ATOM   573  N NE  . ARG B 2 24 ? -0.707  -5.618  17.810  1.00 57.17 ? 136 ARG B NE  1 
ATOM   574  C CZ  . ARG B 2 24 ? -0.204  -6.054  18.960  1.00 62.30 ? 136 ARG B CZ  1 
ATOM   575  N NH1 . ARG B 2 24 ? 0.173   -5.180  19.889  1.00 64.18 ? 136 ARG B NH1 1 
ATOM   576  N NH2 . ARG B 2 24 ? -0.061  -7.363  19.170  1.00 65.32 ? 136 ARG B NH2 1 
ATOM   577  N N   . LEU B 2 25 ? 2.707   -1.769  15.132  1.00 36.03 ? 137 LEU B N   1 
ATOM   578  C CA  . LEU B 2 25 ? 3.678   -2.411  14.259  1.00 34.10 ? 137 LEU B CA  1 
ATOM   579  C C   . LEU B 2 25 ? 5.051   -1.787  14.423  1.00 33.99 ? 137 LEU B C   1 
ATOM   580  O O   . LEU B 2 25 ? 6.058   -2.488  14.432  1.00 33.64 ? 137 LEU B O   1 
ATOM   581  C CB  . LEU B 2 25 ? 3.236   -2.283  12.798  1.00 36.65 ? 137 LEU B CB  1 
ATOM   582  C CG  . LEU B 2 25 ? 4.172   -2.823  11.707  1.00 38.77 ? 137 LEU B CG  1 
ATOM   583  C CD1 . LEU B 2 25 ? 4.438   -4.309  11.916  1.00 37.45 ? 137 LEU B CD1 1 
ATOM   584  C CD2 . LEU B 2 25 ? 3.533   -2.577  10.343  1.00 39.82 ? 137 LEU B CD2 1 
ATOM   585  N N   . ILE B 2 26 ? 5.085   -0.466  14.544  1.00 33.45 ? 138 ILE B N   1 
ATOM   586  C CA  . ILE B 2 26 ? 6.352   0.237   14.697  1.00 32.33 ? 138 ILE B CA  1 
ATOM   587  C C   . ILE B 2 26 ? 7.000   -0.029  16.044  1.00 32.35 ? 138 ILE B C   1 
ATOM   588  O O   . ILE B 2 26 ? 8.210   -0.260  16.115  1.00 34.58 ? 138 ILE B O   1 
ATOM   589  C CB  . ILE B 2 26 ? 6.184   1.762   14.518  1.00 31.06 ? 138 ILE B CB  1 
ATOM   590  C CG1 . ILE B 2 26 ? 5.738   2.063   13.083  1.00 28.77 ? 138 ILE B CG1 1 
ATOM   591  C CG2 . ILE B 2 26 ? 7.495   2.474   14.865  1.00 27.01 ? 138 ILE B CG2 1 
ATOM   592  C CD1 . ILE B 2 26 ? 5.416   3.518   12.816  1.00 23.45 ? 138 ILE B CD1 1 
ATOM   593  N N   . GLN B 2 27 ? 6.205   -0.007  17.107  1.00 32.06 ? 139 GLN B N   1 
ATOM   594  C CA  . GLN B 2 27 ? 6.742   -0.238  18.437  1.00 33.79 ? 139 GLN B CA  1 
ATOM   595  C C   . GLN B 2 27 ? 7.140   -1.699  18.648  1.00 34.58 ? 139 GLN B C   1 
ATOM   596  O O   . GLN B 2 27 ? 7.774   -2.031  19.645  1.00 34.97 ? 139 GLN B O   1 
ATOM   597  C CB  . GLN B 2 27 ? 5.728   0.181   19.505  1.00 34.58 ? 139 GLN B CB  1 
ATOM   598  C CG  . GLN B 2 27 ? 5.228   1.621   19.404  1.00 34.92 ? 139 GLN B CG  1 
ATOM   599  C CD  . GLN B 2 27 ? 4.251   1.980   20.532  1.00 39.24 ? 139 GLN B CD  1 
ATOM   600  O OE1 . GLN B 2 27 ? 3.301   1.243   20.809  1.00 42.41 ? 139 GLN B OE1 1 
ATOM   601  N NE2 . GLN B 2 27 ? 4.477   3.123   21.175  1.00 40.91 ? 139 GLN B NE2 1 
ATOM   602  N N   . SER B 2 28 ? 6.771   -2.572  17.716  1.00 35.11 ? 140 SER B N   1 
ATOM   603  C CA  . SER B 2 28 ? 7.117   -3.984  17.834  1.00 35.31 ? 140 SER B CA  1 
ATOM   604  C C   . SER B 2 28 ? 8.471   -4.208  17.172  1.00 37.36 ? 140 SER B C   1 
ATOM   605  O O   . SER B 2 28 ? 8.805   -5.326  16.757  1.00 40.67 ? 140 SER B O   1 
ATOM   606  C CB  . SER B 2 28 ? 6.055   -4.875  17.168  1.00 35.11 ? 140 SER B CB  1 
ATOM   607  O OG  . SER B 2 28 ? 6.090   -4.811  15.749  1.00 31.26 ? 140 SER B OG  1 
ATOM   608  N N   . ILE B 2 29 ? 9.246   -3.135  17.066  1.00 36.91 ? 141 ILE B N   1 
ATOM   609  C CA  . ILE B 2 29 ? 10.570  -3.199  16.459  1.00 38.24 ? 141 ILE B CA  1 
ATOM   610  C C   . ILE B 2 29 ? 11.485  -2.271  17.236  1.00 38.48 ? 141 ILE B C   1 
ATOM   611  O O   . ILE B 2 29 ? 12.590  -2.651  17.637  1.00 39.31 ? 141 ILE B O   1 
ATOM   612  C CB  . ILE B 2 29 ? 10.526  -2.767  14.976  1.00 37.88 ? 141 ILE B CB  1 
ATOM   613  C CG1 . ILE B 2 29 ? 9.682   -3.762  14.183  1.00 37.52 ? 141 ILE B CG1 1 
ATOM   614  C CG2 . ILE B 2 29 ? 11.935  -2.700  14.405  1.00 38.64 ? 141 ILE B CG2 1 
ATOM   615  C CD1 . ILE B 2 29 ? 9.497   -3.412  12.739  1.00 37.42 ? 141 ILE B CD1 1 
ATOM   616  N N   . THR B 2 30 ? 11.001  -1.055  17.459  1.00 37.60 ? 142 THR B N   1 
ATOM   617  C CA  . THR B 2 30 ? 11.747  -0.052  18.201  1.00 36.84 ? 142 THR B CA  1 
ATOM   618  C C   . THR B 2 30 ? 11.913  -0.549  19.632  1.00 37.15 ? 142 THR B C   1 
ATOM   619  O O   . THR B 2 30 ? 12.965  -0.384  20.249  1.00 37.76 ? 142 THR B O   1 
ATOM   620  C CB  . THR B 2 30 ? 10.976  1.270   18.266  1.00 35.25 ? 142 THR B CB  1 
ATOM   621  O OG1 . THR B 2 30 ? 9.795   1.084   19.056  1.00 35.25 ? 142 THR B OG1 1 
ATOM   622  C CG2 . THR B 2 30 ? 10.573  1.727   16.873  1.00 33.32 ? 142 THR B CG2 1 
ATOM   623  N N   . GLY B 2 31 ? 10.857  -1.165  20.147  1.00 36.77 ? 143 GLY B N   1 
ATOM   624  C CA  . GLY B 2 31 ? 10.874  -1.654  21.507  1.00 37.23 ? 143 GLY B CA  1 
ATOM   625  C C   . GLY B 2 31 ? 10.516  -0.493  22.413  1.00 38.92 ? 143 GLY B C   1 
ATOM   626  O O   . GLY B 2 31 ? 10.488  -0.627  23.640  1.00 39.94 ? 143 GLY B O   1 
ATOM   627  N N   . THR B 2 32 ? 10.224  0.653   21.806  1.00 37.31 ? 144 THR B N   1 
ATOM   628  C CA  . THR B 2 32 ? 9.896   1.834   22.588  1.00 36.40 ? 144 THR B CA  1 
ATOM   629  C C   . THR B 2 32 ? 8.743   2.649   22.015  1.00 35.96 ? 144 THR B C   1 
ATOM   630  O O   . THR B 2 32 ? 8.242   2.370   20.926  1.00 35.29 ? 144 THR B O   1 
ATOM   631  C CB  . THR B 2 32 ? 11.107  2.766   22.700  1.00 34.65 ? 144 THR B CB  1 
ATOM   632  O OG1 . THR B 2 32 ? 11.198  3.568   21.520  1.00 32.86 ? 144 THR B OG1 1 
ATOM   633  C CG2 . THR B 2 32 ? 12.383  1.954   22.832  1.00 33.04 ? 144 THR B CG2 1 
ATOM   634  N N   . SER B 2 33 ? 8.350   3.672   22.771  1.00 35.11 ? 145 SER B N   1 
ATOM   635  C CA  . SER B 2 33 ? 7.266   4.572   22.406  1.00 35.71 ? 145 SER B CA  1 
ATOM   636  C C   . SER B 2 33 ? 7.639   5.453   21.224  1.00 36.50 ? 145 SER B C   1 
ATOM   637  O O   . SER B 2 33 ? 8.790   5.852   21.078  1.00 38.31 ? 145 SER B O   1 
ATOM   638  C CB  . SER B 2 33 ? 6.914   5.451   23.604  1.00 34.44 ? 145 SER B CB  1 
ATOM   639  O OG  . SER B 2 33 ? 5.927   6.403   23.261  1.00 37.42 ? 145 SER B OG  1 
ATOM   640  N N   . VAL B 2 34 ? 6.658   5.757   20.380  1.00 36.76 ? 146 VAL B N   1 
ATOM   641  C CA  . VAL B 2 34 ? 6.900   6.601   19.215  1.00 37.79 ? 146 VAL B CA  1 
ATOM   642  C C   . VAL B 2 34 ? 5.851   7.701   19.124  1.00 38.35 ? 146 VAL B C   1 
ATOM   643  O O   . VAL B 2 34 ? 4.679   7.480   19.426  1.00 38.08 ? 146 VAL B O   1 
ATOM   644  C CB  . VAL B 2 34 ? 6.901   5.775   17.898  1.00 38.15 ? 146 VAL B CB  1 
ATOM   645  C CG1 . VAL B 2 34 ? 8.059   4.792   17.909  1.00 40.46 ? 146 VAL B CG1 1 
ATOM   646  C CG2 . VAL B 2 34 ? 5.595   5.020   17.743  1.00 38.27 ? 146 VAL B CG2 1 
ATOM   647  N N   . SER B 2 35 ? 6.290   8.886   18.714  1.00 38.80 ? 147 SER B N   1 
ATOM   648  C CA  . SER B 2 35 ? 5.411   10.040  18.590  1.00 38.53 ? 147 SER B CA  1 
ATOM   649  C C   . SER B 2 35 ? 4.320   9.809   17.564  1.00 39.54 ? 147 SER B C   1 
ATOM   650  O O   . SER B 2 35 ? 4.400   8.904   16.737  1.00 39.59 ? 147 SER B O   1 
ATOM   651  C CB  . SER B 2 35 ? 6.209   11.266  18.174  1.00 41.00 ? 147 SER B CB  1 
ATOM   652  O OG  . SER B 2 35 ? 6.798   11.056  16.901  1.00 44.34 ? 147 SER B OG  1 
ATOM   653  N N   . GLN B 2 36 ? 3.296   10.646  17.618  1.00 40.17 ? 148 GLN B N   1 
ATOM   654  C CA  . GLN B 2 36 ? 2.188   10.527  16.687  1.00 40.66 ? 148 GLN B CA  1 
ATOM   655  C C   . GLN B 2 36 ? 2.686   10.954  15.306  1.00 40.16 ? 148 GLN B C   1 
ATOM   656  O O   . GLN B 2 36 ? 2.199   10.480  14.283  1.00 38.88 ? 148 GLN B O   1 
ATOM   657  C CB  . GLN B 2 36 ? 1.032   11.397  17.179  1.00 42.26 ? 148 GLN B CB  1 
ATOM   658  C CG  . GLN B 2 36 ? -0.210  11.396  16.323  1.00 49.62 ? 148 GLN B CG  1 
ATOM   659  C CD  . GLN B 2 36 ? -1.335  12.206  16.964  1.00 55.08 ? 148 GLN B CD  1 
ATOM   660  O OE1 . GLN B 2 36 ? -2.386  12.450  16.349  1.00 56.92 ? 148 GLN B OE1 1 
ATOM   661  N NE2 . GLN B 2 36 ? -1.123  12.617  18.219  1.00 56.22 ? 148 GLN B NE2 1 
ATOM   662  N N   . ASN B 2 37 ? 3.678   11.838  15.282  1.00 39.79 ? 149 ASN B N   1 
ATOM   663  C CA  . ASN B 2 37 ? 4.244   12.300  14.025  1.00 39.27 ? 149 ASN B CA  1 
ATOM   664  C C   . ASN B 2 37 ? 4.856   11.113  13.302  1.00 38.12 ? 149 ASN B C   1 
ATOM   665  O O   . ASN B 2 37 ? 4.632   10.912  12.115  1.00 37.20 ? 149 ASN B O   1 
ATOM   666  C CB  . ASN B 2 37 ? 5.329   13.339  14.276  1.00 44.03 ? 149 ASN B CB  1 
ATOM   667  C CG  . ASN B 2 37 ? 4.830   14.512  15.072  1.00 48.19 ? 149 ASN B CG  1 
ATOM   668  O OD1 . ASN B 2 37 ? 3.822   15.144  14.716  1.00 50.31 ? 149 ASN B OD1 1 
ATOM   669  N ND2 . ASN B 2 37 ? 5.535   14.829  16.154  1.00 49.16 ? 149 ASN B ND2 1 
ATOM   670  N N   . VAL B 2 38 ? 5.646   10.334  14.036  1.00 37.36 ? 150 VAL B N   1 
ATOM   671  C CA  . VAL B 2 38 ? 6.295   9.146   13.498  1.00 34.32 ? 150 VAL B CA  1 
ATOM   672  C C   . VAL B 2 38 ? 5.252   8.209   12.933  1.00 32.65 ? 150 VAL B C   1 
ATOM   673  O O   . VAL B 2 38 ? 5.499   7.521   11.959  1.00 35.17 ? 150 VAL B O   1 
ATOM   674  C CB  . VAL B 2 38 ? 7.090   8.414   14.594  1.00 34.23 ? 150 VAL B CB  1 
ATOM   675  C CG1 . VAL B 2 38 ? 7.620   7.097   14.072  1.00 35.42 ? 150 VAL B CG1 1 
ATOM   676  C CG2 . VAL B 2 38 ? 8.241   9.285   15.060  1.00 36.16 ? 150 VAL B CG2 1 
ATOM   677  N N   . VAL B 2 39 ? 4.080   8.184   13.553  1.00 34.42 ? 151 VAL B N   1 
ATOM   678  C CA  . VAL B 2 39 ? 2.991   7.338   13.083  1.00 33.07 ? 151 VAL B CA  1 
ATOM   679  C C   . VAL B 2 39 ? 2.334   7.992   11.860  1.00 34.09 ? 151 VAL B C   1 
ATOM   680  O O   . VAL B 2 39 ? 2.121   7.345   10.835  1.00 34.48 ? 151 VAL B O   1 
ATOM   681  C CB  . VAL B 2 39 ? 1.938   7.138   14.187  1.00 32.32 ? 151 VAL B CB  1 
ATOM   682  C CG1 . VAL B 2 39 ? 0.812   6.265   13.669  1.00 32.89 ? 151 VAL B CG1 1 
ATOM   683  C CG2 . VAL B 2 39 ? 2.586   6.501   15.413  1.00 31.08 ? 151 VAL B CG2 1 
ATOM   684  N N   . ILE B 2 40 ? 2.024   9.281   11.967  1.00 34.18 ? 152 ILE B N   1 
ATOM   685  C CA  . ILE B 2 40 ? 1.421   10.002  10.854  1.00 32.50 ? 152 ILE B CA  1 
ATOM   686  C C   . ILE B 2 40 ? 2.377   9.959   9.676   1.00 33.50 ? 152 ILE B C   1 
ATOM   687  O O   . ILE B 2 40 ? 1.995   9.604   8.565   1.00 35.71 ? 152 ILE B O   1 
ATOM   688  C CB  . ILE B 2 40 ? 1.197   11.486  11.176  1.00 30.72 ? 152 ILE B CB  1 
ATOM   689  C CG1 . ILE B 2 40 ? 0.308   11.650  12.409  1.00 28.70 ? 152 ILE B CG1 1 
ATOM   690  C CG2 . ILE B 2 40 ? 0.567   12.162  9.979   1.00 29.47 ? 152 ILE B CG2 1 
ATOM   691  C CD1 . ILE B 2 40 ? 0.102   13.100  12.813  1.00 26.67 ? 152 ILE B CD1 1 
ATOM   692  N N   . ALA B 2 41 ? 3.622   10.348  9.932   1.00 33.36 ? 153 ALA B N   1 
ATOM   693  C CA  . ALA B 2 41 ? 4.667   10.367  8.918   1.00 30.60 ? 153 ALA B CA  1 
ATOM   694  C C   . ALA B 2 41 ? 4.765   9.010   8.232   1.00 29.87 ? 153 ALA B C   1 
ATOM   695  O O   . ALA B 2 41 ? 4.731   8.926   7.005   1.00 31.90 ? 153 ALA B O   1 
ATOM   696  C CB  . ALA B 2 41 ? 6.006   10.728  9.554   1.00 30.16 ? 153 ALA B CB  1 
ATOM   697  N N   . MET B 2 42 ? 4.870   7.956   9.031   1.00 26.76 ? 154 MET B N   1 
ATOM   698  C CA  . MET B 2 42 ? 4.988   6.608   8.506   1.00 25.00 ? 154 MET B CA  1 
ATOM   699  C C   . MET B 2 42 ? 3.815   6.179   7.652   1.00 24.36 ? 154 MET B C   1 
ATOM   700  O O   . MET B 2 42 ? 3.957   5.273   6.836   1.00 25.51 ? 154 MET B O   1 
ATOM   701  C CB  . MET B 2 42 ? 5.152   5.608   9.647   1.00 26.96 ? 154 MET B CB  1 
ATOM   702  C CG  . MET B 2 42 ? 5.352   4.145   9.202   1.00 29.37 ? 154 MET B CG  1 
ATOM   703  S SD  . MET B 2 42 ? 6.945   3.818   8.365   1.00 28.28 ? 154 MET B SD  1 
ATOM   704  C CE  . MET B 2 42 ? 8.091   4.236   9.655   1.00 26.04 ? 154 MET B CE  1 
ATOM   705  N N   . SER B 2 43 ? 2.662   6.817   7.833   1.00 25.25 ? 155 SER B N   1 
ATOM   706  C CA  . SER B 2 43 ? 1.467   6.451   7.072   1.00 24.40 ? 155 SER B CA  1 
ATOM   707  C C   . SER B 2 43 ? 1.434   7.026   5.671   1.00 25.09 ? 155 SER B C   1 
ATOM   708  O O   . SER B 2 43 ? 0.799   6.460   4.788   1.00 25.66 ? 155 SER B O   1 
ATOM   709  C CB  . SER B 2 43 ? 0.212   6.869   7.825   1.00 24.31 ? 155 SER B CB  1 
ATOM   710  O OG  . SER B 2 43 ? 0.204   6.282   9.110   1.00 27.75 ? 155 SER B OG  1 
ATOM   711  N N   . GLY B 2 44 ? 2.108   8.153   5.464   1.00 26.29 ? 156 GLY B N   1 
ATOM   712  C CA  . GLY B 2 44 ? 2.149   8.741   4.139   1.00 25.56 ? 156 GLY B CA  1 
ATOM   713  C C   . GLY B 2 44 ? 3.080   7.884   3.304   1.00 28.66 ? 156 GLY B C   1 
ATOM   714  O O   . GLY B 2 44 ? 2.739   7.423   2.217   1.00 29.91 ? 156 GLY B O   1 
ATOM   715  N N   . ILE B 2 45 ? 4.274   7.661   3.837   1.00 28.12 ? 157 ILE B N   1 
ATOM   716  C CA  . ILE B 2 45 ? 5.278   6.848   3.171   1.00 27.84 ? 157 ILE B CA  1 
ATOM   717  C C   . ILE B 2 45 ? 4.694   5.482   2.828   1.00 27.04 ? 157 ILE B C   1 
ATOM   718  O O   . ILE B 2 45 ? 5.016   4.903   1.801   1.00 31.06 ? 157 ILE B O   1 
ATOM   719  C CB  . ILE B 2 45 ? 6.509   6.668   4.089   1.00 26.72 ? 157 ILE B CB  1 
ATOM   720  C CG1 . ILE B 2 45 ? 7.090   8.038   4.411   1.00 21.96 ? 157 ILE B CG1 1 
ATOM   721  C CG2 . ILE B 2 45 ? 7.552   5.767   3.429   1.00 25.93 ? 157 ILE B CG2 1 
ATOM   722  C CD1 . ILE B 2 45 ? 8.244   7.978   5.340   1.00 24.09 ? 157 ILE B CD1 1 
ATOM   723  N N   . SER B 2 46 ? 3.832   4.973   3.693   1.00 25.23 ? 158 SER B N   1 
ATOM   724  C CA  . SER B 2 46 ? 3.219   3.677   3.468   1.00 27.71 ? 158 SER B CA  1 
ATOM   725  C C   . SER B 2 46 ? 2.143   3.760   2.396   1.00 30.57 ? 158 SER B C   1 
ATOM   726  O O   . SER B 2 46 ? 1.993   2.847   1.587   1.00 33.18 ? 158 SER B O   1 
ATOM   727  C CB  . SER B 2 46 ? 2.624   3.150   4.768   1.00 26.14 ? 158 SER B CB  1 
ATOM   728  O OG  . SER B 2 46 ? 3.640   2.957   5.735   1.00 29.36 ? 158 SER B OG  1 
ATOM   729  N N   . LYS B 2 47 ? 1.389   4.856   2.402   1.00 30.36 ? 159 LYS B N   1 
ATOM   730  C CA  . LYS B 2 47 ? 0.335   5.069   1.415   1.00 26.32 ? 159 LYS B CA  1 
ATOM   731  C C   . LYS B 2 47 ? 1.003   5.186   0.059   1.00 26.07 ? 159 LYS B C   1 
ATOM   732  O O   . LYS B 2 47 ? 0.624   4.508   -0.891  1.00 25.09 ? 159 LYS B O   1 
ATOM   733  C CB  . LYS B 2 47 ? -0.437  6.354   1.724   1.00 24.99 ? 159 LYS B CB  1 
ATOM   734  C CG  . LYS B 2 47 ? -1.648  6.573   0.822   1.00 23.39 ? 159 LYS B CG  1 
ATOM   735  C CD  . LYS B 2 47 ? -2.408  7.834   1.189   1.00 18.07 ? 159 LYS B CD  1 
ATOM   736  C CE  . LYS B 2 47 ? -3.663  7.981   0.364   1.00 16.37 ? 159 LYS B CE  1 
ATOM   737  N NZ  . LYS B 2 47 ? -4.403  9.197   0.764   1.00 15.64 ? 159 LYS B NZ  1 
ATOM   738  N N   . VAL B 2 48 ? 2.011   6.051   -0.008  1.00 26.43 ? 160 VAL B N   1 
ATOM   739  C CA  . VAL B 2 48 ? 2.775   6.272   -1.225  1.00 25.27 ? 160 VAL B CA  1 
ATOM   740  C C   . VAL B 2 48 ? 3.316   4.950   -1.744  1.00 27.62 ? 160 VAL B C   1 
ATOM   741  O O   . VAL B 2 48 ? 3.243   4.675   -2.945  1.00 31.33 ? 160 VAL B O   1 
ATOM   742  C CB  . VAL B 2 48 ? 3.939   7.216   -0.968  1.00 22.00 ? 160 VAL B CB  1 
ATOM   743  C CG1 . VAL B 2 48 ? 4.716   7.454   -2.241  1.00 19.52 ? 160 VAL B CG1 1 
ATOM   744  C CG2 . VAL B 2 48 ? 3.411   8.513   -0.432  1.00 23.92 ? 160 VAL B CG2 1 
ATOM   745  N N   . PHE B 2 49 ? 3.863   4.142   -0.838  1.00 26.04 ? 161 PHE B N   1 
ATOM   746  C CA  . PHE B 2 49 ? 4.386   2.828   -1.189  1.00 25.69 ? 161 PHE B CA  1 
ATOM   747  C C   . PHE B 2 49 ? 3.298   1.997   -1.868  1.00 25.87 ? 161 PHE B C   1 
ATOM   748  O O   . PHE B 2 49 ? 3.535   1.360   -2.890  1.00 26.92 ? 161 PHE B O   1 
ATOM   749  C CB  . PHE B 2 49 ? 4.847   2.082   0.062   1.00 26.84 ? 161 PHE B CB  1 
ATOM   750  C CG  . PHE B 2 49 ? 5.290   0.670   -0.211  1.00 29.94 ? 161 PHE B CG  1 
ATOM   751  C CD1 . PHE B 2 49 ? 6.461   0.411   -0.922  1.00 28.91 ? 161 PHE B CD1 1 
ATOM   752  C CD2 . PHE B 2 49 ? 4.503   -0.406  0.186   1.00 28.66 ? 161 PHE B CD2 1 
ATOM   753  C CE1 . PHE B 2 49 ? 6.835   -0.889  -1.230  1.00 27.61 ? 161 PHE B CE1 1 
ATOM   754  C CE2 . PHE B 2 49 ? 4.872   -1.712  -0.124  1.00 25.83 ? 161 PHE B CE2 1 
ATOM   755  C CZ  . PHE B 2 49 ? 6.040   -1.951  -0.833  1.00 26.50 ? 161 PHE B CZ  1 
ATOM   756  N N   . VAL B 2 50 ? 2.108   1.995   -1.277  1.00 24.54 ? 162 VAL B N   1 
ATOM   757  C CA  . VAL B 2 50 ? 0.989   1.245   -1.818  1.00 23.47 ? 162 VAL B CA  1 
ATOM   758  C C   . VAL B 2 50 ? 0.675   1.792   -3.190  1.00 24.24 ? 162 VAL B C   1 
ATOM   759  O O   . VAL B 2 50 ? 0.524   1.037   -4.140  1.00 27.70 ? 162 VAL B O   1 
ATOM   760  C CB  . VAL B 2 50 ? -0.276  1.393   -0.940  1.00 26.64 ? 162 VAL B CB  1 
ATOM   761  C CG1 . VAL B 2 50 ? -1.432  0.592   -1.549  1.00 23.47 ? 162 VAL B CG1 1 
ATOM   762  C CG2 . VAL B 2 50 ? 0.013   0.936   0.489   1.00 23.26 ? 162 VAL B CG2 1 
ATOM   763  N N   . GLY B 2 51 ? 0.574   3.116   -3.284  1.00 26.24 ? 163 GLY B N   1 
ATOM   764  C CA  . GLY B 2 51 ? 0.259   3.756   -4.549  1.00 25.43 ? 163 GLY B CA  1 
ATOM   765  C C   . GLY B 2 51 ? 1.111   3.250   -5.687  1.00 25.28 ? 163 GLY B C   1 
ATOM   766  O O   . GLY B 2 51 ? 0.599   2.825   -6.721  1.00 22.82 ? 163 GLY B O   1 
ATOM   767  N N   . GLU B 2 52 ? 2.421   3.298   -5.475  1.00 25.15 ? 164 GLU B N   1 
ATOM   768  C CA  . GLU B 2 52 ? 3.401   2.847   -6.447  1.00 24.52 ? 164 GLU B CA  1 
ATOM   769  C C   . GLU B 2 52 ? 3.222   1.396   -6.886  1.00 24.26 ? 164 GLU B C   1 
ATOM   770  O O   . GLU B 2 52 ? 3.437   1.069   -8.043  1.00 24.44 ? 164 GLU B O   1 
ATOM   771  C CB  . GLU B 2 52 ? 4.801   3.037   -5.879  1.00 26.49 ? 164 GLU B CB  1 
ATOM   772  C CG  . GLU B 2 52 ? 5.148   4.474   -5.602  1.00 29.24 ? 164 GLU B CG  1 
ATOM   773  C CD  . GLU B 2 52 ? 6.632   4.665   -5.365  1.00 32.14 ? 164 GLU B CD  1 
ATOM   774  O OE1 . GLU B 2 52 ? 7.131   4.242   -4.303  1.00 37.01 ? 164 GLU B OE1 1 
ATOM   775  O OE2 . GLU B 2 52 ? 7.306   5.221   -6.260  1.00 32.10 ? 164 GLU B OE2 1 
ATOM   776  N N   . VAL B 2 53 ? 2.839   0.520   -5.968  1.00 23.34 ? 165 VAL B N   1 
ATOM   777  C CA  . VAL B 2 53 ? 2.642   -0.875  -6.335  1.00 23.34 ? 165 VAL B CA  1 
ATOM   778  C C   . VAL B 2 53 ? 1.407   -1.016  -7.219  1.00 27.99 ? 165 VAL B C   1 
ATOM   779  O O   . VAL B 2 53 ? 1.492   -1.559  -8.319  1.00 31.58 ? 165 VAL B O   1 
ATOM   780  C CB  . VAL B 2 53 ? 2.486   -1.792  -5.093  1.00 20.45 ? 165 VAL B CB  1 
ATOM   781  C CG1 . VAL B 2 53 ? 2.301   -3.237  -5.529  1.00 11.35 ? 165 VAL B CG1 1 
ATOM   782  C CG2 . VAL B 2 53 ? 3.708   -1.658  -4.193  1.00 17.98 ? 165 VAL B CG2 1 
ATOM   783  N N   . VAL B 2 54 ? 0.266   -0.512  -6.758  1.00 27.47 ? 166 VAL B N   1 
ATOM   784  C CA  . VAL B 2 54 ? -0.962  -0.615  -7.547  1.00 30.49 ? 166 VAL B CA  1 
ATOM   785  C C   . VAL B 2 54 ? -0.758  -0.130  -8.987  1.00 32.58 ? 166 VAL B C   1 
ATOM   786  O O   . VAL B 2 54 ? -1.181  -0.788  -9.940  1.00 32.10 ? 166 VAL B O   1 
ATOM   787  C CB  . VAL B 2 54 ? -2.129  0.192   -6.911  1.00 29.38 ? 166 VAL B CB  1 
ATOM   788  C CG1 . VAL B 2 54 ? -3.371  0.102   -7.793  1.00 25.31 ? 166 VAL B CG1 1 
ATOM   789  C CG2 . VAL B 2 54 ? -2.449  -0.355  -5.529  1.00 26.89 ? 166 VAL B CG2 1 
ATOM   790  N N   . GLU B 2 55 ? -0.105  1.017   -9.146  1.00 35.56 ? 167 GLU B N   1 
ATOM   791  C CA  . GLU B 2 55 ? 0.127   1.557   -10.478 1.00 36.29 ? 167 GLU B CA  1 
ATOM   792  C C   . GLU B 2 55 ? 0.943   0.597   -11.313 1.00 35.24 ? 167 GLU B C   1 
ATOM   793  O O   . GLU B 2 55 ? 0.616   0.351   -12.471 1.00 37.27 ? 167 GLU B O   1 
ATOM   794  C CB  . GLU B 2 55 ? 0.824   2.913   -10.401 1.00 37.93 ? 167 GLU B CB  1 
ATOM   795  C CG  . GLU B 2 55 ? -0.057  4.000   -9.804  1.00 44.54 ? 167 GLU B CG  1 
ATOM   796  C CD  . GLU B 2 55 ? 0.583   5.385   -9.846  1.00 49.81 ? 167 GLU B CD  1 
ATOM   797  O OE1 . GLU B 2 55 ? 1.754   5.504   -10.303 1.00 48.69 ? 167 GLU B OE1 1 
ATOM   798  O OE2 . GLU B 2 55 ? -0.100  6.350   -9.413  1.00 50.98 ? 167 GLU B OE2 1 
ATOM   799  N N   . GLU B 2 56 ? 1.997   0.048   -10.722 1.00 33.08 ? 168 GLU B N   1 
ATOM   800  C CA  . GLU B 2 56 ? 2.843   -0.903  -11.427 1.00 31.05 ? 168 GLU B CA  1 
ATOM   801  C C   . GLU B 2 56 ? 1.955   -2.111  -11.698 1.00 29.26 ? 168 GLU B C   1 
ATOM   802  O O   . GLU B 2 56 ? 1.849   -2.592  -12.825 1.00 25.76 ? 168 GLU B O   1 
ATOM   803  C CB  . GLU B 2 56 ? 4.034   -1.294  -10.547 1.00 31.84 ? 168 GLU B CB  1 
ATOM   804  C CG  . GLU B 2 56 ? 5.107   -2.126  -11.241 1.00 35.14 ? 168 GLU B CG  1 
ATOM   805  C CD  . GLU B 2 56 ? 5.805   -1.375  -12.368 1.00 38.86 ? 168 GLU B CD  1 
ATOM   806  O OE1 . GLU B 2 56 ? 6.280   -0.249  -12.114 1.00 42.07 ? 168 GLU B OE1 1 
ATOM   807  O OE2 . GLU B 2 56 ? 5.893   -1.908  -13.501 1.00 38.96 ? 168 GLU B OE2 1 
ATOM   808  N N   . ALA B 2 57 ? 1.290   -2.574  -10.647 1.00 27.61 ? 169 ALA B N   1 
ATOM   809  C CA  . ALA B 2 57 ? 0.401   -3.721  -10.742 1.00 27.26 ? 169 ALA B CA  1 
ATOM   810  C C   . ALA B 2 57 ? -0.624  -3.545  -11.858 1.00 24.64 ? 169 ALA B C   1 
ATOM   811  O O   . ALA B 2 57 ? -0.903  -4.479  -12.593 1.00 22.06 ? 169 ALA B O   1 
ATOM   812  C CB  . ALA B 2 57 ? -0.302  -3.944  -9.401  1.00 28.19 ? 169 ALA B CB  1 
ATOM   813  N N   . LEU B 2 58 ? -1.180  -2.344  -11.974 1.00 24.87 ? 170 LEU B N   1 
ATOM   814  C CA  . LEU B 2 58 ? -2.173  -2.049  -13.003 1.00 25.62 ? 170 LEU B CA  1 
ATOM   815  C C   . LEU B 2 58 ? -1.549  -2.097  -14.393 1.00 28.70 ? 170 LEU B C   1 
ATOM   816  O O   . LEU B 2 58 ? -2.100  -2.702  -15.314 1.00 26.19 ? 170 LEU B O   1 
ATOM   817  C CB  . LEU B 2 58 ? -2.797  -0.674  -12.758 1.00 21.89 ? 170 LEU B CB  1 
ATOM   818  C CG  . LEU B 2 58 ? -3.750  -0.522  -11.568 1.00 22.55 ? 170 LEU B CG  1 
ATOM   819  C CD1 . LEU B 2 58 ? -4.192  0.914   -11.421 1.00 21.43 ? 170 LEU B CD1 1 
ATOM   820  C CD2 . LEU B 2 58 ? -4.962  -1.404  -11.782 1.00 26.64 ? 170 LEU B CD2 1 
ATOM   821  N N   . ASP B 2 59 ? -0.388  -1.462  -14.530 1.00 32.13 ? 171 ASP B N   1 
ATOM   822  C CA  . ASP B 2 59 ? 0.337   -1.431  -15.793 1.00 33.10 ? 171 ASP B CA  1 
ATOM   823  C C   . ASP B 2 59 ? 0.675   -2.862  -16.218 1.00 35.13 ? 171 ASP B C   1 
ATOM   824  O O   . ASP B 2 59 ? 0.633   -3.183  -17.405 1.00 38.74 ? 171 ASP B O   1 
ATOM   825  C CB  . ASP B 2 59 ? 1.616   -0.602  -15.650 1.00 30.70 ? 171 ASP B CB  1 
ATOM   826  C CG  . ASP B 2 59 ? 2.321   -0.376  -16.981 1.00 33.19 ? 171 ASP B CG  1 
ATOM   827  O OD1 . ASP B 2 59 ? 1.719   0.230   -17.898 1.00 30.76 ? 171 ASP B OD1 1 
ATOM   828  O OD2 . ASP B 2 59 ? 3.485   -0.805  -17.113 1.00 34.40 ? 171 ASP B OD2 1 
ATOM   829  N N   . VAL B 2 60 ? 1.015   -3.721  -15.259 1.00 34.61 ? 172 VAL B N   1 
ATOM   830  C CA  . VAL B 2 60 ? 1.306   -5.114  -15.590 1.00 33.41 ? 172 VAL B CA  1 
ATOM   831  C C   . VAL B 2 60 ? 0.010   -5.705  -16.131 1.00 35.23 ? 172 VAL B C   1 
ATOM   832  O O   . VAL B 2 60 ? -0.061  -6.128  -17.285 1.00 36.84 ? 172 VAL B O   1 
ATOM   833  C CB  . VAL B 2 60 ? 1.716   -5.939  -14.352 1.00 32.69 ? 172 VAL B CB  1 
ATOM   834  C CG1 . VAL B 2 60 ? 2.014   -7.364  -14.764 1.00 29.69 ? 172 VAL B CG1 1 
ATOM   835  C CG2 . VAL B 2 60 ? 2.927   -5.321  -13.681 1.00 29.79 ? 172 VAL B CG2 1 
ATOM   836  N N   . CYS B 2 61 ? -1.011  -5.706  -15.275 1.00 36.31 ? 173 CYS B N   1 
ATOM   837  C CA  . CYS B 2 61 ? -2.342  -6.220  -15.588 1.00 36.61 ? 173 CYS B CA  1 
ATOM   838  C C   . CYS B 2 61 ? -2.715  -6.022  -17.051 1.00 36.30 ? 173 CYS B C   1 
ATOM   839  O O   . CYS B 2 61 ? -3.042  -6.984  -17.743 1.00 35.23 ? 173 CYS B O   1 
ATOM   840  C CB  . CYS B 2 61 ? -3.389  -5.525  -14.688 1.00 38.00 ? 173 CYS B CB  1 
ATOM   841  S SG  . CYS B 2 61 ? -5.134  -6.135  -14.744 1.00 33.15 ? 173 CYS B SG  1 
ATOM   842  N N   . GLU B 2 62 ? -2.645  -4.774  -17.513 1.00 36.93 ? 174 GLU B N   1 
ATOM   843  C CA  . GLU B 2 62 ? -3.014  -4.419  -18.888 1.00 37.63 ? 174 GLU B CA  1 
ATOM   844  C C   . GLU B 2 62 ? -2.076  -4.836  -20.008 1.00 35.54 ? 174 GLU B C   1 
ATOM   845  O O   . GLU B 2 62 ? -2.541  -5.152  -21.102 1.00 35.02 ? 174 GLU B O   1 
ATOM   846  C CB  . GLU B 2 62 ? -3.264  -2.911  -19.012 1.00 39.86 ? 174 GLU B CB  1 
ATOM   847  C CG  . GLU B 2 62 ? -2.125  -2.046  -18.507 1.00 44.31 ? 174 GLU B CG  1 
ATOM   848  C CD  . GLU B 2 62 ? -1.913  -0.826  -19.373 1.00 47.51 ? 174 GLU B CD  1 
ATOM   849  O OE1 . GLU B 2 62 ? -2.935  -0.252  -19.833 1.00 46.91 ? 174 GLU B OE1 1 
ATOM   850  O OE2 . GLU B 2 62 ? -0.732  -0.441  -19.577 1.00 46.56 ? 174 GLU B OE2 1 
ATOM   851  N N   . LYS B 2 63 ? -0.768  -4.811  -19.772 1.00 34.52 ? 175 LYS B N   1 
ATOM   852  C CA  . LYS B 2 63 ? 0.150   -5.232  -20.820 1.00 34.59 ? 175 LYS B CA  1 
ATOM   853  C C   . LYS B 2 63 ? 0.014   -6.738  -21.016 1.00 34.82 ? 175 LYS B C   1 
ATOM   854  O O   . LYS B 2 63 ? 0.254   -7.259  -22.102 1.00 36.00 ? 175 LYS B O   1 
ATOM   855  C CB  . LYS B 2 63 ? 1.578   -4.835  -20.477 1.00 32.92 ? 175 LYS B CB  1 
ATOM   856  C CG  . LYS B 2 63 ? 1.783   -3.334  -20.510 1.00 33.50 ? 175 LYS B CG  1 
ATOM   857  C CD  . LYS B 2 63 ? 3.221   -2.955  -20.226 1.00 35.42 ? 175 LYS B CD  1 
ATOM   858  C CE  . LYS B 2 63 ? 3.396   -1.452  -20.271 1.00 36.84 ? 175 LYS B CE  1 
ATOM   859  N NZ  . LYS B 2 63 ? 4.790   -1.056  -19.930 1.00 41.49 ? 175 LYS B NZ  1 
ATOM   860  N N   . TRP B 2 64 ? -0.384  -7.429  -19.957 1.00 34.53 ? 176 TRP B N   1 
ATOM   861  C CA  . TRP B 2 64 ? -0.618  -8.864  -20.032 1.00 36.15 ? 176 TRP B CA  1 
ATOM   862  C C   . TRP B 2 64 ? -1.994  -9.023  -20.655 1.00 37.09 ? 176 TRP B C   1 
ATOM   863  O O   . TRP B 2 64 ? -2.513  -10.129 -20.756 1.00 37.21 ? 176 TRP B O   1 
ATOM   864  C CB  . TRP B 2 64 ? -0.628  -9.480  -18.631 1.00 36.39 ? 176 TRP B CB  1 
ATOM   865  C CG  . TRP B 2 64 ? 0.725   -9.718  -18.055 1.00 35.48 ? 176 TRP B CG  1 
ATOM   866  C CD1 . TRP B 2 64 ? 1.918   -9.234  -18.515 1.00 34.30 ? 176 TRP B CD1 1 
ATOM   867  C CD2 . TRP B 2 64 ? 1.028   -10.503 -16.898 1.00 35.19 ? 176 TRP B CD2 1 
ATOM   868  N NE1 . TRP B 2 64 ? 2.948   -9.671  -17.713 1.00 35.83 ? 176 TRP B NE1 1 
ATOM   869  C CE2 . TRP B 2 64 ? 2.428   -10.449 -16.710 1.00 36.42 ? 176 TRP B CE2 1 
ATOM   870  C CE3 . TRP B 2 64 ? 0.253   -11.245 -15.993 1.00 32.86 ? 176 TRP B CE3 1 
ATOM   871  C CZ2 . TRP B 2 64 ? 3.068   -11.114 -15.658 1.00 32.52 ? 176 TRP B CZ2 1 
ATOM   872  C CZ3 . TRP B 2 64 ? 0.887   -11.901 -14.951 1.00 30.41 ? 176 TRP B CZ3 1 
ATOM   873  C CH2 . TRP B 2 64 ? 2.280   -11.833 -14.794 1.00 31.38 ? 176 TRP B CH2 1 
ATOM   874  N N   . GLY B 2 65 ? -2.572  -7.891  -21.062 1.00 39.62 ? 177 GLY B N   1 
ATOM   875  C CA  . GLY B 2 65 ? -3.900  -7.865  -21.665 1.00 39.69 ? 177 GLY B CA  1 
ATOM   876  C C   . GLY B 2 65 ? -5.022  -7.726  -20.642 1.00 39.62 ? 177 GLY B C   1 
ATOM   877  O O   . GLY B 2 65 ? -5.829  -6.799  -20.705 1.00 40.92 ? 177 GLY B O   1 
ATOM   878  N N   . GLU B 2 66 ? -5.041  -8.656  -19.690 1.00 38.25 ? 178 GLU B N   1 
ATOM   879  C CA  . GLU B 2 66 ? -6.028  -8.757  -18.612 1.00 36.85 ? 178 GLU B CA  1 
ATOM   880  C C   . GLU B 2 66 ? -6.618  -7.470  -18.027 1.00 36.01 ? 178 GLU B C   1 
ATOM   881  O O   . GLU B 2 66 ? -6.221  -6.358  -18.395 1.00 34.34 ? 178 GLU B O   1 
ATOM   882  C CB  . GLU B 2 66 ? -5.427  -9.612  -17.495 1.00 36.40 ? 178 GLU B CB  1 
ATOM   883  C CG  . GLU B 2 66 ? -4.816  -10.891 -18.051 1.00 38.66 ? 178 GLU B CG  1 
ATOM   884  C CD  . GLU B 2 66 ? -4.251  -11.807 -16.998 1.00 39.26 ? 178 GLU B CD  1 
ATOM   885  O OE1 . GLU B 2 66 ? -3.367  -11.374 -16.226 1.00 36.80 ? 178 GLU B OE1 1 
ATOM   886  O OE2 . GLU B 2 66 ? -4.691  -12.973 -16.957 1.00 42.06 ? 178 GLU B OE2 1 
ATOM   887  N N   . MET B 2 67 ? -7.566  -7.640  -17.101 1.00 35.86 ? 179 MET B N   1 
ATOM   888  C CA  . MET B 2 67 ? -8.253  -6.517  -16.456 1.00 36.19 ? 179 MET B CA  1 
ATOM   889  C C   . MET B 2 67 ? -8.428  -6.673  -14.951 1.00 34.46 ? 179 MET B C   1 
ATOM   890  O O   . MET B 2 67 ? -8.438  -7.784  -14.436 1.00 36.24 ? 179 MET B O   1 
ATOM   891  C CB  . MET B 2 67 ? -9.653  -6.326  -17.054 1.00 38.09 ? 179 MET B CB  1 
ATOM   892  C CG  . MET B 2 67 ? -9.707  -5.878  -18.501 1.00 40.14 ? 179 MET B CG  1 
ATOM   893  S SD  . MET B 2 67 ? -11.441 -5.673  -19.006 1.00 47.02 ? 179 MET B SD  1 
ATOM   894  C CE  . MET B 2 67 ? -12.003 -4.429  -17.838 1.00 42.65 ? 179 MET B CE  1 
ATOM   895  N N   . PRO B 2 68 ? -8.593  -5.548  -14.231 1.00 33.31 ? 180 PRO B N   1 
ATOM   896  C CA  . PRO B 2 68 ? -8.782  -5.582  -12.779 1.00 32.33 ? 180 PRO B CA  1 
ATOM   897  C C   . PRO B 2 68 ? -10.091 -6.317  -12.473 1.00 31.69 ? 180 PRO B C   1 
ATOM   898  O O   . PRO B 2 68 ? -10.950 -6.459  -13.350 1.00 30.63 ? 180 PRO B O   1 
ATOM   899  C CB  . PRO B 2 68 ? -8.862  -4.098  -12.416 1.00 32.52 ? 180 PRO B CB  1 
ATOM   900  C CG  . PRO B 2 68 ? -8.044  -3.452  -13.503 1.00 32.68 ? 180 PRO B CG  1 
ATOM   901  C CD  . PRO B 2 68 ? -8.619  -4.155  -14.699 1.00 31.14 ? 180 PRO B CD  1 
ATOM   902  N N   . PRO B 2 69 ? -10.279 -6.761  -11.219 1.00 30.95 ? 181 PRO B N   1 
ATOM   903  C CA  . PRO B 2 69 ? -9.386  -6.620  -10.064 1.00 29.40 ? 181 PRO B CA  1 
ATOM   904  C C   . PRO B 2 69 ? -7.992  -7.213  -10.265 1.00 28.03 ? 181 PRO B C   1 
ATOM   905  O O   . PRO B 2 69 ? -7.827  -8.241  -10.921 1.00 28.96 ? 181 PRO B O   1 
ATOM   906  C CB  . PRO B 2 69 ? -10.162 -7.335  -8.953  1.00 29.44 ? 181 PRO B CB  1 
ATOM   907  C CG  . PRO B 2 69 ? -11.604 -7.140  -9.384  1.00 32.28 ? 181 PRO B CG  1 
ATOM   908  C CD  . PRO B 2 69 ? -11.470 -7.531  -10.829 1.00 28.70 ? 181 PRO B CD  1 
ATOM   909  N N   . LEU B 2 70 ? -6.999  -6.555  -9.676  1.00 25.84 ? 182 LEU B N   1 
ATOM   910  C CA  . LEU B 2 70 ? -5.616  -6.988  -9.768  1.00 22.03 ? 182 LEU B CA  1 
ATOM   911  C C   . LEU B 2 70 ? -5.497  -8.330  -9.090  1.00 23.46 ? 182 LEU B C   1 
ATOM   912  O O   . LEU B 2 70 ? -5.995  -8.512  -7.991  1.00 24.05 ? 182 LEU B O   1 
ATOM   913  C CB  . LEU B 2 70 ? -4.714  -5.974  -9.076  1.00 18.40 ? 182 LEU B CB  1 
ATOM   914  C CG  . LEU B 2 70 ? -4.778  -4.536  -9.579  1.00 15.58 ? 182 LEU B CG  1 
ATOM   915  C CD1 . LEU B 2 70 ? -4.051  -3.637  -8.627  1.00 22.01 ? 182 LEU B CD1 1 
ATOM   916  C CD2 . LEU B 2 70 ? -4.190  -4.446  -10.945 1.00 16.74 ? 182 LEU B CD2 1 
ATOM   917  N N   . GLN B 2 71 ? -4.830  -9.271  -9.741  1.00 27.19 ? 183 GLN B N   1 
ATOM   918  C CA  . GLN B 2 71 ? -4.665  -10.601 -9.176  1.00 30.15 ? 183 GLN B CA  1 
ATOM   919  C C   . GLN B 2 71 ? -3.333  -10.726 -8.436  1.00 32.21 ? 183 GLN B C   1 
ATOM   920  O O   . GLN B 2 71 ? -2.393  -9.957  -8.683  1.00 34.84 ? 183 GLN B O   1 
ATOM   921  C CB  . GLN B 2 71 ? -4.734  -11.646 -10.290 1.00 28.56 ? 183 GLN B CB  1 
ATOM   922  C CG  . GLN B 2 71 ? -5.969  -11.544 -11.155 1.00 29.11 ? 183 GLN B CG  1 
ATOM   923  C CD  . GLN B 2 71 ? -6.028  -12.629 -12.203 1.00 29.69 ? 183 GLN B CD  1 
ATOM   924  O OE1 . GLN B 2 71 ? -6.666  -12.470 -13.244 1.00 28.71 ? 183 GLN B OE1 1 
ATOM   925  N NE2 . GLN B 2 71 ? -5.376  -13.749 -11.926 1.00 27.71 ? 183 GLN B NE2 1 
ATOM   926  N N   . PRO B 2 72 ? -3.227  -11.708 -7.521  1.00 31.05 ? 184 PRO B N   1 
ATOM   927  C CA  . PRO B 2 72 ? -1.982  -11.889 -6.780  1.00 29.39 ? 184 PRO B CA  1 
ATOM   928  C C   . PRO B 2 72 ? -0.780  -11.960 -7.711  1.00 27.17 ? 184 PRO B C   1 
ATOM   929  O O   . PRO B 2 72 ? 0.324   -11.598 -7.331  1.00 26.27 ? 184 PRO B O   1 
ATOM   930  C CB  . PRO B 2 72 ? -2.235  -13.194 -6.033  1.00 28.15 ? 184 PRO B CB  1 
ATOM   931  C CG  . PRO B 2 72 ? -3.690  -13.080 -5.724  1.00 28.22 ? 184 PRO B CG  1 
ATOM   932  C CD  . PRO B 2 72 ? -4.194  -12.740 -7.110  1.00 29.80 ? 184 PRO B CD  1 
ATOM   933  N N   . LYS B 2 73 ? -1.005  -12.416 -8.938  1.00 27.85 ? 185 LYS B N   1 
ATOM   934  C CA  . LYS B 2 73 ? 0.085   -12.522 -9.891  1.00 31.17 ? 185 LYS B CA  1 
ATOM   935  C C   . LYS B 2 73 ? 0.496   -11.144 -10.372 1.00 33.56 ? 185 LYS B C   1 
ATOM   936  O O   . LYS B 2 73 ? 1.628   -10.941 -10.809 1.00 34.73 ? 185 LYS B O   1 
ATOM   937  C CB  . LYS B 2 73 ? -0.307  -13.403 -11.080 1.00 29.56 ? 185 LYS B CB  1 
ATOM   938  C CG  . LYS B 2 73 ? -1.402  -12.871 -11.973 1.00 30.87 ? 185 LYS B CG  1 
ATOM   939  C CD  . LYS B 2 73 ? -1.686  -13.868 -13.088 1.00 31.32 ? 185 LYS B CD  1 
ATOM   940  C CE  . LYS B 2 73 ? -2.769  -13.395 -14.042 1.00 32.55 ? 185 LYS B CE  1 
ATOM   941  N NZ  . LYS B 2 73 ? -3.058  -14.445 -15.058 1.00 33.17 ? 185 LYS B NZ  1 
ATOM   942  N N   . HIS B 2 74 ? -0.435  -10.198 -10.275 1.00 35.44 ? 186 HIS B N   1 
ATOM   943  C CA  . HIS B 2 74 ? -0.207  -8.816  -10.682 1.00 34.82 ? 186 HIS B CA  1 
ATOM   944  C C   . HIS B 2 74 ? 0.587   -8.105  -9.608  1.00 33.35 ? 186 HIS B C   1 
ATOM   945  O O   . HIS B 2 74 ? 1.472   -7.308  -9.889  1.00 32.82 ? 186 HIS B O   1 
ATOM   946  C CB  . HIS B 2 74 ? -1.548  -8.106  -10.874 1.00 37.24 ? 186 HIS B CB  1 
ATOM   947  C CG  . HIS B 2 74 ? -2.314  -8.573  -12.071 1.00 41.21 ? 186 HIS B CG  1 
ATOM   948  N ND1 . HIS B 2 74 ? -3.670  -8.362  -12.215 1.00 42.06 ? 186 HIS B ND1 1 
ATOM   949  C CD2 . HIS B 2 74 ? -1.912  -9.197  -13.205 1.00 42.72 ? 186 HIS B CD2 1 
ATOM   950  C CE1 . HIS B 2 74 ? -4.068  -8.838  -13.383 1.00 42.54 ? 186 HIS B CE1 1 
ATOM   951  N NE2 . HIS B 2 74 ? -3.020  -9.348  -14.000 1.00 41.91 ? 186 HIS B NE2 1 
ATOM   952  N N   . MET B 2 75 ? 0.258   -8.415  -8.363  1.00 32.84 ? 187 MET B N   1 
ATOM   953  C CA  . MET B 2 75 ? 0.910   -7.817  -7.213  1.00 30.96 ? 187 MET B CA  1 
ATOM   954  C C   . MET B 2 75 ? 2.368   -8.191  -7.109  1.00 29.81 ? 187 MET B C   1 
ATOM   955  O O   . MET B 2 75 ? 3.212   -7.339  -6.847  1.00 28.09 ? 187 MET B O   1 
ATOM   956  C CB  . MET B 2 75 ? 0.176   -8.235  -5.950  1.00 32.34 ? 187 MET B CB  1 
ATOM   957  C CG  . MET B 2 75 ? -1.267  -7.778  -5.944  1.00 33.28 ? 187 MET B CG  1 
ATOM   958  S SD  . MET B 2 75 ? -1.305  -5.994  -6.083  1.00 32.97 ? 187 MET B SD  1 
ATOM   959  C CE  . MET B 2 75 ? -3.045  -5.707  -6.105  1.00 39.54 ? 187 MET B CE  1 
ATOM   960  N N   . ARG B 2 76 ? 2.666   -9.469  -7.320  1.00 31.05 ? 188 ARG B N   1 
ATOM   961  C CA  . ARG B 2 76 ? 4.038   -9.953  -7.249  1.00 29.87 ? 188 ARG B CA  1 
ATOM   962  C C   . ARG B 2 76 ? 4.874   -9.633  -8.492  1.00 27.65 ? 188 ARG B C   1 
ATOM   963  O O   . ARG B 2 76 ? 6.037   -9.263  -8.374  1.00 23.96 ? 188 ARG B O   1 
ATOM   964  C CB  . ARG B 2 76 ? 4.032   -11.453 -6.916  1.00 28.90 ? 188 ARG B CB  1 
ATOM   965  C CG  . ARG B 2 76 ? 3.609   -11.687 -5.453  1.00 34.85 ? 188 ARG B CG  1 
ATOM   966  C CD  . ARG B 2 76 ? 3.450   -13.149 -4.999  1.00 37.42 ? 188 ARG B CD  1 
ATOM   967  N NE  . ARG B 2 76 ? 2.303   -13.814 -5.618  1.00 41.00 ? 188 ARG B NE  1 
ATOM   968  C CZ  . ARG B 2 76 ? 1.638   -14.833 -5.071  1.00 41.68 ? 188 ARG B CZ  1 
ATOM   969  N NH1 . ARG B 2 76 ? 2.005   -15.310 -3.886  1.00 39.01 ? 188 ARG B NH1 1 
ATOM   970  N NH2 . ARG B 2 76 ? 0.587   -15.358 -5.696  1.00 40.70 ? 188 ARG B NH2 1 
ATOM   971  N N   . GLU B 2 77 ? 4.282   -9.730  -9.678  1.00 27.88 ? 189 GLU B N   1 
ATOM   972  C CA  . GLU B 2 77 ? 5.012   -9.421  -10.905 1.00 28.65 ? 189 GLU B CA  1 
ATOM   973  C C   . GLU B 2 77 ? 5.286   -7.929  -10.991 1.00 29.68 ? 189 GLU B C   1 
ATOM   974  O O   . GLU B 2 77 ? 6.059   -7.468  -11.831 1.00 28.53 ? 189 GLU B O   1 
ATOM   975  C CB  . GLU B 2 77 ? 4.217   -9.875  -12.125 1.00 27.67 ? 189 GLU B CB  1 
ATOM   976  C CG  . GLU B 2 77 ? 4.858   -9.531  -13.457 1.00 29.36 ? 189 GLU B CG  1 
ATOM   977  C CD  . GLU B 2 77 ? 6.314   -9.952  -13.547 1.00 32.49 ? 189 GLU B CD  1 
ATOM   978  O OE1 . GLU B 2 77 ? 6.633   -11.122 -13.237 1.00 30.50 ? 189 GLU B OE1 1 
ATOM   979  O OE2 . GLU B 2 77 ? 7.137   -9.101  -13.946 1.00 34.43 ? 189 GLU B OE2 1 
ATOM   980  N N   . ALA B 2 78 ? 4.641   -7.183  -10.103 1.00 31.87 ? 190 ALA B N   1 
ATOM   981  C CA  . ALA B 2 78 ? 4.794   -5.735  -10.032 1.00 30.45 ? 190 ALA B CA  1 
ATOM   982  C C   . ALA B 2 78 ? 5.896   -5.426  -9.033  1.00 29.88 ? 190 ALA B C   1 
ATOM   983  O O   . ALA B 2 78 ? 6.729   -4.557  -9.260  1.00 29.84 ? 190 ALA B O   1 
ATOM   984  C CB  . ALA B 2 78 ? 3.490   -5.086  -9.588  1.00 29.44 ? 190 ALA B CB  1 
ATOM   985  N N   . VAL B 2 79 ? 5.901   -6.150  -7.924  1.00 28.82 ? 191 VAL B N   1 
ATOM   986  C CA  . VAL B 2 79 ? 6.911   -5.929  -6.910  1.00 29.20 ? 191 VAL B CA  1 
ATOM   987  C C   . VAL B 2 79 ? 8.297   -6.104  -7.516  1.00 32.11 ? 191 VAL B C   1 
ATOM   988  O O   . VAL B 2 79 ? 9.219   -5.338  -7.219  1.00 33.30 ? 191 VAL B O   1 
ATOM   989  C CB  . VAL B 2 79 ? 6.763   -6.917  -5.746  1.00 25.88 ? 191 VAL B CB  1 
ATOM   990  C CG1 . VAL B 2 79 ? 7.853   -6.677  -4.732  1.00 25.84 ? 191 VAL B CG1 1 
ATOM   991  C CG2 . VAL B 2 79 ? 5.407   -6.763  -5.106  1.00 25.17 ? 191 VAL B CG2 1 
ATOM   992  N N   . ARG B 2 80 ? 8.440   -7.115  -8.371  1.00 33.19 ? 192 ARG B N   1 
ATOM   993  C CA  . ARG B 2 80 ? 9.728   -7.395  -8.991  1.00 33.23 ? 192 ARG B CA  1 
ATOM   994  C C   . ARG B 2 80 ? 10.248  -6.258  -9.850  1.00 34.02 ? 192 ARG B C   1 
ATOM   995  O O   . ARG B 2 80 ? 11.386  -5.813  -9.686  1.00 35.19 ? 192 ARG B O   1 
ATOM   996  C CB  . ARG B 2 80 ? 9.665   -8.689  -9.811  1.00 31.78 ? 192 ARG B CB  1 
ATOM   997  C CG  . ARG B 2 80 ? 9.734   -9.955  -8.964  1.00 32.73 ? 192 ARG B CG  1 
ATOM   998  C CD  . ARG B 2 80 ? 9.745   -11.224 -9.803  1.00 37.27 ? 192 ARG B CD  1 
ATOM   999  N NE  . ARG B 2 80 ? 9.874   -12.422 -8.973  1.00 40.70 ? 192 ARG B NE  1 
ATOM   1000 C CZ  . ARG B 2 80 ? 9.762   -13.671 -9.422  1.00 42.38 ? 192 ARG B CZ  1 
ATOM   1001 N NH1 . ARG B 2 80 ? 9.515   -13.908 -10.703 1.00 42.80 ? 192 ARG B NH1 1 
ATOM   1002 N NH2 . ARG B 2 80 ? 9.882   -14.690 -8.582  1.00 42.68 ? 192 ARG B NH2 1 
ATOM   1003 N N   . ARG B 2 81 ? 9.410   -5.776  -10.757 1.00 31.61 ? 193 ARG B N   1 
ATOM   1004 C CA  . ARG B 2 81 ? 9.807   -4.691  -11.633 1.00 30.22 ? 193 ARG B CA  1 
ATOM   1005 C C   . ARG B 2 81 ? 10.229  -3.448  -10.856 1.00 30.58 ? 193 ARG B C   1 
ATOM   1006 O O   . ARG B 2 81 ? 11.170  -2.759  -11.255 1.00 30.38 ? 193 ARG B O   1 
ATOM   1007 C CB  . ARG B 2 81 ? 8.666   -4.378  -12.595 1.00 29.95 ? 193 ARG B CB  1 
ATOM   1008 C CG  . ARG B 2 81 ? 8.255   -5.605  -13.370 1.00 32.55 ? 193 ARG B CG  1 
ATOM   1009 C CD  . ARG B 2 81 ? 7.231   -5.342  -14.449 1.00 36.26 ? 193 ARG B CD  1 
ATOM   1010 N NE  . ARG B 2 81 ? 6.976   -6.573  -15.194 1.00 40.47 ? 193 ARG B NE  1 
ATOM   1011 C CZ  . ARG B 2 81 ? 6.182   -6.666  -16.255 1.00 42.67 ? 193 ARG B CZ  1 
ATOM   1012 N NH1 . ARG B 2 81 ? 5.548   -5.589  -16.711 1.00 44.68 ? 193 ARG B NH1 1 
ATOM   1013 N NH2 . ARG B 2 81 ? 6.034   -7.832  -16.873 1.00 42.32 ? 193 ARG B NH2 1 
ATOM   1014 N N   . LEU B 2 82 ? 9.547   -3.172  -9.743  1.00 29.36 ? 194 LEU B N   1 
ATOM   1015 C CA  . LEU B 2 82 ? 9.879   -2.012  -8.924  1.00 28.63 ? 194 LEU B CA  1 
ATOM   1016 C C   . LEU B 2 82 ? 11.193  -2.173  -8.189  1.00 28.85 ? 194 LEU B C   1 
ATOM   1017 O O   . LEU B 2 82 ? 11.773  -1.193  -7.721  1.00 28.83 ? 194 LEU B O   1 
ATOM   1018 C CB  . LEU B 2 82 ? 8.760   -1.699  -7.935  1.00 27.26 ? 194 LEU B CB  1 
ATOM   1019 C CG  . LEU B 2 82 ? 7.556   -1.021  -8.586  1.00 26.14 ? 194 LEU B CG  1 
ATOM   1020 C CD1 . LEU B 2 82 ? 6.415   -0.934  -7.601  1.00 26.55 ? 194 LEU B CD1 1 
ATOM   1021 C CD2 . LEU B 2 82 ? 7.962   0.348   -9.077  1.00 21.09 ? 194 LEU B CD2 1 
ATOM   1022 N N   . LYS B 2 83 ? 11.659  -3.410  -8.078  1.00 30.77 ? 195 LYS B N   1 
ATOM   1023 C CA  . LYS B 2 83 ? 12.942  -3.663  -7.443  1.00 33.85 ? 195 LYS B CA  1 
ATOM   1024 C C   . LYS B 2 83 ? 14.006  -3.584  -8.537  1.00 35.97 ? 195 LYS B C   1 
ATOM   1025 O O   . LYS B 2 83 ? 15.095  -3.040  -8.330  1.00 35.63 ? 195 LYS B O   1 
ATOM   1026 C CB  . LYS B 2 83 ? 12.954  -5.034  -6.767  1.00 33.05 ? 195 LYS B CB  1 
ATOM   1027 C CG  . LYS B 2 83 ? 12.060  -5.107  -5.542  1.00 34.50 ? 195 LYS B CG  1 
ATOM   1028 C CD  . LYS B 2 83 ? 12.257  -6.398  -4.768  1.00 35.11 ? 195 LYS B CD  1 
ATOM   1029 C CE  . LYS B 2 83 ? 11.546  -6.327  -3.423  1.00 36.02 ? 195 LYS B CE  1 
ATOM   1030 N NZ  . LYS B 2 83 ? 11.786  -7.519  -2.560  1.00 38.38 ? 195 LYS B NZ  1 
ATOM   1031 N N   . SER B 2 84 ? 13.670  -4.114  -9.713  1.00 36.62 ? 196 SER B N   1 
ATOM   1032 C CA  . SER B 2 84 ? 14.574  -4.082  -10.851 1.00 37.19 ? 196 SER B CA  1 
ATOM   1033 C C   . SER B 2 84 ? 14.773  -2.633  -11.287 1.00 38.38 ? 196 SER B C   1 
ATOM   1034 O O   . SER B 2 84 ? 15.852  -2.255  -11.737 1.00 39.11 ? 196 SER B O   1 
ATOM   1035 C CB  . SER B 2 84 ? 14.009  -4.911  -12.002 1.00 37.18 ? 196 SER B CB  1 
ATOM   1036 O OG  . SER B 2 84 ? 13.928  -6.277  -11.638 1.00 35.51 ? 196 SER B OG  1 
ATOM   1037 N N   . LYS B 2 85 ? 13.724  -1.825  -11.161 1.00 39.51 ? 197 LYS B N   1 
ATOM   1038 C CA  . LYS B 2 85 ? 13.810  -0.408  -11.502 1.00 40.10 ? 197 LYS B CA  1 
ATOM   1039 C C   . LYS B 2 85 ? 14.447  0.293   -10.302 1.00 41.59 ? 197 LYS B C   1 
ATOM   1040 O O   . LYS B 2 85 ? 14.764  1.482   -10.360 1.00 42.16 ? 197 LYS B O   1 
ATOM   1041 C CB  . LYS B 2 85 ? 12.422  0.194   -11.713 1.00 41.55 ? 197 LYS B CB  1 
ATOM   1042 C CG  . LYS B 2 85 ? 11.587  -0.392  -12.849 1.00 43.20 ? 197 LYS B CG  1 
ATOM   1043 C CD  . LYS B 2 85 ? 10.235  0.340   -12.923 1.00 42.79 ? 197 LYS B CD  1 
ATOM   1044 C CE  . LYS B 2 85 ? 9.357   -0.155  -14.059 1.00 44.36 ? 197 LYS B CE  1 
ATOM   1045 N NZ  . LYS B 2 85 ? 8.969   -1.581  -13.904 1.00 45.16 ? 197 LYS B NZ  1 
ATOM   1046 N N   . GLY B 2 86 ? 14.632  -0.452  -9.214  1.00 41.75 ? 198 GLY B N   1 
ATOM   1047 C CA  . GLY B 2 86 ? 15.187  0.130   -8.012  1.00 40.93 ? 198 GLY B CA  1 
ATOM   1048 C C   . GLY B 2 86 ? 14.331  1.336   -7.675  1.00 41.57 ? 198 GLY B C   1 
ATOM   1049 O O   . GLY B 2 86 ? 14.711  2.462   -8.000  1.00 41.80 ? 198 GLY B O   1 
ATOM   1050 N N   . GLN B 2 87 ? 13.169  1.101   -7.056  1.00 42.53 ? 199 GLN B N   1 
ATOM   1051 C CA  . GLN B 2 87 ? 12.230  2.169   -6.687  1.00 43.36 ? 199 GLN B CA  1 
ATOM   1052 C C   . GLN B 2 87 ? 11.590  1.873   -5.345  1.00 43.99 ? 199 GLN B C   1 
ATOM   1053 O O   . GLN B 2 87 ? 10.914  2.724   -4.754  1.00 42.91 ? 199 GLN B O   1 
ATOM   1054 C CB  . GLN B 2 87 ? 11.132  2.322   -7.744  1.00 42.45 ? 199 GLN B CB  1 
ATOM   1055 C CG  . GLN B 2 87 ? 11.675  2.632   -9.120  1.00 47.31 ? 199 GLN B CG  1 
ATOM   1056 C CD  . GLN B 2 87 ? 10.589  2.936   -10.133 1.00 49.53 ? 199 GLN B CD  1 
ATOM   1057 O OE1 . GLN B 2 87 ? 9.735   2.089   -10.412 1.00 51.49 ? 199 GLN B OE1 1 
ATOM   1058 N NE2 . GLN B 2 87 ? 10.617  4.153   -10.697 1.00 47.95 ? 199 GLN B NE2 1 
ATOM   1059 N N   . ILE B 2 88 ? 11.781  0.645   -4.880  1.00 44.33 ? 200 ILE B N   1 
ATOM   1060 C CA  . ILE B 2 88 ? 11.259  0.243   -3.584  1.00 45.18 ? 200 ILE B CA  1 
ATOM   1061 C C   . ILE B 2 88 ? 12.373  -0.537  -2.892  1.00 44.84 ? 200 ILE B C   1 
ATOM   1062 O O   . ILE B 2 88 ? 13.136  -1.258  -3.537  1.00 43.56 ? 200 ILE B O   1 
ATOM   1063 C CB  . ILE B 2 88 ? 9.967   -0.601  -3.722  1.00 44.20 ? 200 ILE B CB  1 
ATOM   1064 C CG1 . ILE B 2 88 ? 10.233  -1.906  -4.456  1.00 44.01 ? 200 ILE B CG1 1 
ATOM   1065 C CG2 . ILE B 2 88 ? 8.930   0.186   -4.499  1.00 45.71 ? 200 ILE B CG2 1 
ATOM   1066 C CD1 . ILE B 2 88 ? 9.004   -2.784  -4.555  1.00 40.88 ? 200 ILE B CD1 1 
ATOM   1067 N N   . PRO B 2 89 ? 12.485  -0.399  -1.565  1.00 45.98 ? 201 PRO B N   1 
ATOM   1068 C CA  . PRO B 2 89 ? 13.544  -1.114  -0.850  1.00 46.75 ? 201 PRO B CA  1 
ATOM   1069 C C   . PRO B 2 89 ? 13.561  -2.588  -1.216  1.00 47.88 ? 201 PRO B C   1 
ATOM   1070 O O   . PRO B 2 89 ? 12.561  -3.037  -1.821  1.00 50.10 ? 201 PRO B O   1 
ATOM   1071 C CB  . PRO B 2 89 ? 13.192  -0.858  0.626   1.00 46.98 ? 201 PRO B CB  1 
ATOM   1072 C CG  . PRO B 2 89 ? 11.676  -0.584  0.578   1.00 47.75 ? 201 PRO B CG  1 
ATOM   1073 C CD  . PRO B 2 89 ? 11.639  0.343   -0.615  1.00 47.00 ? 201 PRO B CD  1 
ATOM   1074 O OXT . PRO B 2 89 ? 14.555  -3.271  -0.890  1.00 49.05 ? 201 PRO B OXT 1 
HETATM 1075 O O   . HOH C 3 .  ? -13.469 1.308   -1.197  1.00 32.22 ? 300 HOH A O   1 
HETATM 1076 O O   . HOH C 3 .  ? -11.250 -10.698 -13.109 1.00 47.83 ? 301 HOH A O   1 
HETATM 1077 O O   . HOH C 3 .  ? -8.815  -4.204  8.428   1.00 28.35 ? 306 HOH A O   1 
HETATM 1078 O O   . HOH C 3 .  ? -17.524 1.344   -8.886  1.00 36.03 ? 309 HOH A O   1 
HETATM 1079 O O   . HOH C 3 .  ? -16.990 -3.724  -7.812  1.00 27.95 ? 325 HOH A O   1 
HETATM 1080 O O   . HOH C 3 .  ? -11.723 -14.017 -4.006  1.00 40.41 ? 326 HOH A O   1 
HETATM 1081 O O   . HOH C 3 .  ? -5.601  -15.726 1.198   1.00 33.15 ? 327 HOH A O   1 
HETATM 1082 O O   . HOH D 3 .  ? -12.149 6.200   -13.117 1.00 31.18 ? 302 HOH B O   1 
HETATM 1083 O O   . HOH D 3 .  ? -2.025  11.922  -0.929  1.00 21.37 ? 303 HOH B O   1 
HETATM 1084 O O   . HOH D 3 .  ? 9.962   5.183   -6.821  1.00 24.19 ? 304 HOH B O   1 
HETATM 1085 O O   . HOH D 3 .  ? -3.171  -14.567 -9.303  1.00 32.91 ? 305 HOH B O   1 
HETATM 1086 O O   . HOH D 3 .  ? -11.663 5.127   1.284   1.00 36.04 ? 307 HOH B O   1 
HETATM 1087 O O   . HOH D 3 .  ? -12.351 -3.566  -14.160 1.00 36.54 ? 308 HOH B O   1 
HETATM 1088 O O   . HOH D 3 .  ? 12.743  -5.178  2.381   1.00 36.01 ? 310 HOH B O   1 
HETATM 1089 O O   . HOH D 3 .  ? -1.006  9.693   -1.036  1.00 36.18 ? 311 HOH B O   1 
HETATM 1090 O O   . HOH D 3 .  ? -3.612  11.593  1.203   1.00 28.16 ? 312 HOH B O   1 
HETATM 1091 O O   . HOH D 3 .  ? -8.085  16.119  1.787   1.00 31.35 ? 313 HOH B O   1 
HETATM 1092 O O   . HOH D 3 .  ? -11.158 10.461  6.721   1.00 33.13 ? 314 HOH B O   1 
HETATM 1093 O O   . HOH D 3 .  ? -2.424  6.922   4.819   1.00 17.11 ? 315 HOH B O   1 
HETATM 1094 O O   . HOH D 3 .  ? -6.221  6.354   12.203  1.00 43.71 ? 316 HOH B O   1 
HETATM 1095 O O   . HOH D 3 .  ? -2.219  5.088   21.018  1.00 30.19 ? 317 HOH B O   1 
HETATM 1096 O O   . HOH D 3 .  ? 7.086   4.086   -8.630  1.00 24.98 ? 318 HOH B O   1 
HETATM 1097 O O   . HOH D 3 .  ? 4.278   4.011   -9.802  1.00 34.43 ? 319 HOH B O   1 
HETATM 1098 O O   . HOH D 3 .  ? 5.287   2.316   -12.213 1.00 50.78 ? 320 HOH B O   1 
HETATM 1099 O O   . HOH D 3 .  ? 9.057   -2.713  -16.063 1.00 37.30 ? 321 HOH B O   1 
HETATM 1100 O O   . HOH D 3 .  ? 3.779   -8.107  -22.748 1.00 29.65 ? 322 HOH B O   1 
HETATM 1101 O O   . HOH D 3 .  ? -5.419  -16.445 -14.872 1.00 27.89 ? 323 HOH B O   1 
HETATM 1102 O O   . HOH D 3 .  ? 7.365   -13.107 -12.003 1.00 39.08 ? 324 HOH B O   1 
# 
